data_1UG2
#
_entry.id   1UG2
#
_cell.length_a   1.000
_cell.length_b   1.000
_cell.length_c   1.000
_cell.angle_alpha   90.00
_cell.angle_beta   90.00
_cell.angle_gamma   90.00
#
_symmetry.space_group_name_H-M   'P 1'
#
_entity_poly.entity_id   1
_entity_poly.type   'polypeptide(L)'
_entity_poly.pdbx_seq_one_letter_code
;GPSGSSGAGALPKASEATVCANNSKVSSTGEKVVLWTREADRVILTMCQEQGAQPHTFSVISQQLGNKTPVEVSHRFREL
MQLFHTACESGPSSG
;
_entity_poly.pdbx_strand_id   A
#
# COMPACT_ATOMS: atom_id res chain seq x y z
N GLY A 1 -45.09 -42.86 16.54
CA GLY A 1 -44.45 -41.88 17.42
C GLY A 1 -45.44 -40.78 17.81
N PRO A 2 -45.10 -40.08 18.93
CA PRO A 2 -45.94 -39.00 19.42
C PRO A 2 -45.80 -37.76 18.54
N SER A 3 -44.55 -37.31 18.39
CA SER A 3 -44.26 -36.14 17.59
C SER A 3 -44.82 -34.89 18.27
N GLY A 4 -44.40 -33.75 17.76
CA GLY A 4 -44.85 -32.48 18.32
C GLY A 4 -45.99 -31.89 17.48
N SER A 5 -46.29 -30.63 17.76
CA SER A 5 -47.36 -29.93 17.05
C SER A 5 -47.33 -28.45 17.39
N SER A 6 -48.12 -27.69 16.64
CA SER A 6 -48.19 -26.25 16.85
C SER A 6 -46.85 -25.60 16.51
N GLY A 7 -46.90 -24.30 16.27
CA GLY A 7 -45.69 -23.56 15.93
C GLY A 7 -46.02 -22.32 15.11
N ALA A 8 -45.79 -21.16 15.70
CA ALA A 8 -46.06 -19.90 15.02
C ALA A 8 -45.39 -18.76 15.80
N GLY A 9 -45.20 -17.65 15.10
CA GLY A 9 -44.57 -16.49 15.70
C GLY A 9 -44.22 -15.44 14.64
N ALA A 10 -43.89 -14.25 15.12
CA ALA A 10 -43.53 -13.16 14.22
C ALA A 10 -42.87 -12.04 15.04
N LEU A 11 -42.34 -11.07 14.31
CA LEU A 11 -41.67 -9.94 14.95
C LEU A 11 -40.49 -10.45 15.76
N PRO A 12 -39.57 -9.50 16.09
CA PRO A 12 -39.74 -8.11 15.67
C PRO A 12 -39.43 -7.94 14.18
N LYS A 13 -39.61 -6.72 13.71
CA LYS A 13 -39.36 -6.42 12.31
C LYS A 13 -37.91 -5.95 12.15
N ALA A 14 -37.49 -5.85 10.90
CA ALA A 14 -36.13 -5.42 10.59
C ALA A 14 -35.83 -4.15 11.39
N SER A 15 -34.56 -3.99 11.73
CA SER A 15 -34.12 -2.83 12.49
C SER A 15 -33.20 -1.96 11.63
N GLU A 16 -32.90 -0.78 12.14
CA GLU A 16 -32.04 0.16 11.43
C GLU A 16 -30.58 -0.10 11.79
N ALA A 17 -29.70 0.55 11.04
CA ALA A 17 -28.26 0.41 11.28
C ALA A 17 -27.71 1.72 11.82
N THR A 18 -26.43 1.68 12.18
CA THR A 18 -25.77 2.86 12.73
C THR A 18 -24.54 3.21 11.90
N VAL A 19 -24.30 4.50 11.77
CA VAL A 19 -23.17 4.99 10.99
C VAL A 19 -22.06 5.43 11.95
N CYS A 20 -20.83 5.29 11.49
CA CYS A 20 -19.68 5.66 12.29
C CYS A 20 -19.09 6.94 11.70
N ALA A 21 -18.65 7.81 12.61
CA ALA A 21 -18.06 9.08 12.20
C ALA A 21 -16.71 8.83 11.54
N ASN A 22 -16.11 9.90 11.03
CA ASN A 22 -14.82 9.80 10.38
C ASN A 22 -13.79 10.61 11.17
N ASN A 23 -12.53 10.36 10.86
CA ASN A 23 -11.44 11.06 11.55
C ASN A 23 -10.30 11.28 10.55
N SER A 24 -9.51 12.30 10.84
CA SER A 24 -8.38 12.63 9.99
C SER A 24 -7.49 11.40 9.79
N LYS A 25 -6.84 11.36 8.64
CA LYS A 25 -5.96 10.24 8.32
C LYS A 25 -5.22 10.54 7.02
N VAL A 26 -5.96 11.10 6.07
CA VAL A 26 -5.38 11.44 4.78
C VAL A 26 -4.04 12.14 4.99
N SER A 27 -3.02 11.60 4.33
CA SER A 27 -1.68 12.16 4.43
C SER A 27 -0.73 11.42 3.49
N SER A 28 -0.20 12.16 2.54
CA SER A 28 0.73 11.59 1.58
C SER A 28 2.08 12.32 1.65
N THR A 29 2.88 11.93 2.62
CA THR A 29 4.19 12.53 2.80
C THR A 29 5.20 11.50 3.30
N GLY A 30 6.47 11.79 3.07
CA GLY A 30 7.53 10.90 3.48
C GLY A 30 8.83 11.21 2.75
N GLU A 31 9.13 10.36 1.76
CA GLU A 31 10.34 10.54 0.98
C GLU A 31 11.57 10.40 1.86
N LYS A 32 12.36 9.36 1.58
CA LYS A 32 13.57 9.11 2.34
C LYS A 32 14.41 8.05 1.61
N VAL A 33 15.64 8.43 1.30
CA VAL A 33 16.54 7.54 0.60
C VAL A 33 17.36 6.74 1.64
N VAL A 34 17.24 5.43 1.55
CA VAL A 34 17.95 4.55 2.46
C VAL A 34 18.05 3.15 1.84
N LEU A 35 16.89 2.65 1.43
CA LEU A 35 16.83 1.33 0.83
C LEU A 35 15.64 1.26 -0.13
N TRP A 36 14.45 1.24 0.46
CA TRP A 36 13.23 1.19 -0.32
C TRP A 36 13.04 2.54 -1.00
N THR A 37 12.87 2.50 -2.32
CA THR A 37 12.67 3.71 -3.09
C THR A 37 11.19 4.10 -3.10
N ARG A 38 10.96 5.41 -3.07
CA ARG A 38 9.60 5.93 -3.08
C ARG A 38 8.77 5.23 -4.15
N GLU A 39 9.19 5.40 -5.39
CA GLU A 39 8.50 4.80 -6.51
C GLU A 39 8.03 3.38 -6.14
N ALA A 40 8.99 2.57 -5.72
CA ALA A 40 8.70 1.20 -5.34
C ALA A 40 7.55 1.19 -4.33
N ASP A 41 7.64 2.11 -3.38
CA ASP A 41 6.61 2.22 -2.36
C ASP A 41 5.31 2.73 -2.98
N ARG A 42 5.47 3.64 -3.93
CA ARG A 42 4.33 4.21 -4.62
C ARG A 42 3.61 3.14 -5.45
N VAL A 43 4.39 2.51 -6.33
CA VAL A 43 3.84 1.47 -7.19
C VAL A 43 2.92 0.56 -6.36
N ILE A 44 3.41 0.19 -5.18
CA ILE A 44 2.64 -0.66 -4.30
C ILE A 44 1.22 -0.12 -4.18
N LEU A 45 1.13 1.09 -3.66
CA LEU A 45 -0.17 1.73 -3.49
C LEU A 45 -0.91 1.77 -4.83
N THR A 46 -0.19 2.24 -5.84
CA THR A 46 -0.75 2.33 -7.17
C THR A 46 -1.38 1.00 -7.59
N MET A 47 -0.54 -0.02 -7.65
CA MET A 47 -1.00 -1.34 -8.03
C MET A 47 -2.04 -1.87 -7.03
N CYS A 48 -1.68 -1.80 -5.76
CA CYS A 48 -2.58 -2.26 -4.70
C CYS A 48 -3.87 -1.45 -4.79
N GLN A 49 -3.79 -0.32 -5.49
CA GLN A 49 -4.95 0.54 -5.65
C GLN A 49 -5.72 0.16 -6.91
N GLU A 50 -5.06 0.28 -8.05
CA GLU A 50 -5.67 -0.05 -9.33
C GLU A 50 -6.03 -1.53 -9.37
N GLN A 51 -5.01 -2.37 -9.22
CA GLN A 51 -5.21 -3.81 -9.24
C GLN A 51 -5.88 -4.27 -7.95
N GLY A 52 -5.54 -3.58 -6.87
CA GLY A 52 -6.10 -3.90 -5.56
C GLY A 52 -5.03 -4.48 -4.64
N ALA A 53 -5.17 -4.17 -3.35
CA ALA A 53 -4.23 -4.65 -2.36
C ALA A 53 -4.48 -6.13 -2.10
N GLN A 54 -4.38 -6.91 -3.15
CA GLN A 54 -4.60 -8.35 -3.05
C GLN A 54 -3.30 -9.04 -2.60
N PRO A 55 -3.45 -10.35 -2.25
CA PRO A 55 -2.32 -11.13 -1.80
C PRO A 55 -1.41 -11.51 -2.98
N HIS A 56 -2.04 -12.01 -4.03
CA HIS A 56 -1.30 -12.41 -5.22
C HIS A 56 -0.75 -11.17 -5.93
N THR A 57 -1.54 -10.10 -5.88
CA THR A 57 -1.14 -8.85 -6.50
C THR A 57 0.31 -8.53 -6.15
N PHE A 58 0.64 -8.71 -4.89
CA PHE A 58 1.99 -8.43 -4.42
C PHE A 58 3.02 -9.14 -5.28
N SER A 59 2.56 -10.16 -5.99
CA SER A 59 3.45 -10.92 -6.85
C SER A 59 3.77 -10.12 -8.12
N VAL A 60 2.97 -9.10 -8.34
CA VAL A 60 3.16 -8.24 -9.51
C VAL A 60 4.20 -7.16 -9.18
N ILE A 61 3.84 -6.32 -8.21
CA ILE A 61 4.74 -5.25 -7.80
C ILE A 61 6.13 -5.81 -7.56
N SER A 62 6.18 -6.88 -6.76
CA SER A 62 7.44 -7.51 -6.44
C SER A 62 8.33 -7.58 -7.70
N GLN A 63 7.69 -7.88 -8.81
CA GLN A 63 8.41 -7.98 -10.07
C GLN A 63 8.65 -6.58 -10.66
N GLN A 64 7.63 -5.74 -10.52
CA GLN A 64 7.73 -4.38 -11.02
C GLN A 64 8.89 -3.64 -10.36
N LEU A 65 9.03 -3.88 -9.06
CA LEU A 65 10.10 -3.25 -8.30
C LEU A 65 11.44 -3.54 -8.97
N GLY A 66 11.70 -4.82 -9.19
CA GLY A 66 12.94 -5.24 -9.81
C GLY A 66 13.30 -6.67 -9.39
N ASN A 67 13.57 -6.82 -8.11
CA ASN A 67 13.94 -8.13 -7.58
C ASN A 67 13.30 -8.30 -6.19
N LYS A 68 12.27 -7.49 -5.94
CA LYS A 68 11.56 -7.55 -4.68
C LYS A 68 10.77 -8.86 -4.61
N THR A 69 10.08 -9.03 -3.49
CA THR A 69 9.28 -10.23 -3.28
C THR A 69 7.87 -9.85 -2.85
N PRO A 70 6.93 -10.82 -3.02
CA PRO A 70 5.54 -10.60 -2.66
C PRO A 70 5.36 -10.65 -1.15
N VAL A 71 6.36 -11.21 -0.47
CA VAL A 71 6.32 -11.34 0.97
C VAL A 71 6.80 -10.02 1.60
N GLU A 72 7.69 -9.35 0.88
CA GLU A 72 8.23 -8.10 1.36
C GLU A 72 7.32 -6.93 0.95
N VAL A 73 6.93 -6.96 -0.31
CA VAL A 73 6.06 -5.92 -0.85
C VAL A 73 4.87 -5.72 0.10
N SER A 74 4.36 -6.83 0.59
CA SER A 74 3.22 -6.80 1.51
C SER A 74 3.66 -6.22 2.85
N HIS A 75 4.81 -6.69 3.31
CA HIS A 75 5.34 -6.24 4.59
C HIS A 75 5.49 -4.71 4.56
N ARG A 76 5.81 -4.20 3.39
CA ARG A 76 5.98 -2.77 3.22
C ARG A 76 4.62 -2.08 3.14
N PHE A 77 3.73 -2.67 2.35
CA PHE A 77 2.39 -2.13 2.18
C PHE A 77 1.65 -2.08 3.52
N ARG A 78 1.70 -3.20 4.23
CA ARG A 78 1.03 -3.30 5.51
C ARG A 78 1.66 -2.32 6.51
N GLU A 79 2.91 -1.99 6.25
CA GLU A 79 3.63 -1.07 7.12
C GLU A 79 3.30 0.39 6.75
N LEU A 80 3.22 0.63 5.45
CA LEU A 80 2.91 1.96 4.95
C LEU A 80 1.82 2.58 5.82
N MET A 81 0.61 2.03 5.68
CA MET A 81 -0.52 2.51 6.43
C MET A 81 -0.18 2.64 7.93
N GLN A 82 0.58 1.66 8.40
CA GLN A 82 0.98 1.65 9.80
C GLN A 82 1.86 2.86 10.11
N LEU A 83 2.77 3.14 9.18
CA LEU A 83 3.67 4.27 9.34
C LEU A 83 2.87 5.57 9.34
N PHE A 84 2.19 5.81 8.24
CA PHE A 84 1.38 7.01 8.09
C PHE A 84 0.53 7.25 9.35
N HIS A 85 -0.18 6.21 9.76
CA HIS A 85 -1.03 6.30 10.93
C HIS A 85 -0.24 6.95 12.08
N THR A 86 0.78 6.24 12.53
CA THR A 86 1.62 6.74 13.61
C THR A 86 2.15 8.14 13.27
N ALA A 87 2.87 8.21 12.17
CA ALA A 87 3.44 9.48 11.73
C ALA A 87 4.55 9.89 12.69
N CYS A 88 4.13 10.38 13.85
CA CYS A 88 5.08 10.82 14.87
C CYS A 88 5.92 11.96 14.29
N GLU A 89 5.27 13.11 14.13
CA GLU A 89 5.94 14.28 13.59
C GLU A 89 6.58 13.95 12.23
N SER A 90 5.74 13.98 11.21
CA SER A 90 6.19 13.68 9.86
C SER A 90 6.96 14.88 9.30
N GLY A 91 8.25 14.65 9.04
CA GLY A 91 9.10 15.69 8.50
C GLY A 91 10.03 16.25 9.58
N PRO A 92 11.15 15.53 9.80
CA PRO A 92 12.13 15.93 10.79
C PRO A 92 12.95 17.12 10.30
N SER A 93 13.42 17.00 9.06
CA SER A 93 14.23 18.05 8.46
C SER A 93 14.65 17.65 7.05
N SER A 94 15.11 18.63 6.30
CA SER A 94 15.55 18.38 4.93
C SER A 94 17.07 18.27 4.89
N GLY A 95 17.73 19.34 5.31
CA GLY A 95 19.18 19.38 5.33
C GLY A 95 19.75 19.15 3.93
N GLY A 1 -9.15 48.13 5.18
CA GLY A 1 -9.80 46.83 5.29
C GLY A 1 -8.94 45.73 4.66
N PRO A 2 -9.19 44.47 5.13
CA PRO A 2 -8.44 43.33 4.62
C PRO A 2 -8.91 42.95 3.22
N SER A 3 -8.30 41.91 2.68
CA SER A 3 -8.64 41.43 1.36
C SER A 3 -8.07 40.02 1.15
N GLY A 4 -8.51 39.39 0.06
CA GLY A 4 -8.05 38.06 -0.27
C GLY A 4 -8.39 37.71 -1.72
N SER A 5 -8.00 36.50 -2.10
CA SER A 5 -8.24 36.04 -3.46
C SER A 5 -7.67 34.62 -3.64
N SER A 6 -8.03 34.02 -4.76
CA SER A 6 -7.56 32.68 -5.07
C SER A 6 -8.03 32.26 -6.47
N GLY A 7 -7.49 31.14 -6.92
CA GLY A 7 -7.84 30.63 -8.24
C GLY A 7 -6.94 29.46 -8.62
N ALA A 8 -7.51 28.54 -9.40
CA ALA A 8 -6.78 27.37 -9.84
C ALA A 8 -7.64 26.57 -10.82
N GLY A 9 -7.04 25.53 -11.38
CA GLY A 9 -7.73 24.69 -12.33
C GLY A 9 -6.78 23.68 -12.96
N ALA A 10 -7.35 22.58 -13.44
CA ALA A 10 -6.57 21.54 -14.07
C ALA A 10 -7.49 20.64 -14.91
N LEU A 11 -7.82 21.14 -16.09
CA LEU A 11 -8.70 20.40 -16.99
C LEU A 11 -8.53 20.94 -18.41
N PRO A 12 -8.97 20.12 -19.40
CA PRO A 12 -9.55 18.82 -19.09
C PRO A 12 -8.47 17.83 -18.69
N LYS A 13 -8.74 17.09 -17.62
CA LYS A 13 -7.81 16.10 -17.12
C LYS A 13 -8.47 15.29 -16.00
N ALA A 14 -9.50 14.55 -16.37
CA ALA A 14 -10.22 13.74 -15.41
C ALA A 14 -11.29 12.91 -16.14
N SER A 15 -11.24 11.60 -15.92
CA SER A 15 -12.18 10.70 -16.55
C SER A 15 -12.58 9.59 -15.57
N GLU A 16 -13.61 9.87 -14.79
CA GLU A 16 -14.08 8.91 -13.82
C GLU A 16 -15.36 9.42 -13.14
N ALA A 17 -15.22 10.58 -12.49
CA ALA A 17 -16.35 11.19 -11.81
C ALA A 17 -16.84 10.25 -10.69
N THR A 18 -15.93 9.98 -9.76
CA THR A 18 -16.26 9.10 -8.65
C THR A 18 -15.76 9.71 -7.34
N VAL A 19 -16.65 9.71 -6.35
CA VAL A 19 -16.31 10.25 -5.04
C VAL A 19 -15.62 9.18 -4.21
N CYS A 20 -14.33 9.37 -3.99
CA CYS A 20 -13.54 8.43 -3.21
C CYS A 20 -13.50 8.92 -1.76
N ALA A 21 -14.27 8.26 -0.92
CA ALA A 21 -14.33 8.62 0.48
C ALA A 21 -13.29 7.80 1.27
N ASN A 22 -12.04 8.24 1.15
CA ASN A 22 -10.96 7.55 1.84
C ASN A 22 -10.81 8.13 3.24
N ASN A 23 -10.30 7.29 4.14
CA ASN A 23 -10.09 7.71 5.52
C ASN A 23 -8.75 8.42 5.64
N SER A 24 -8.82 9.75 5.66
CA SER A 24 -7.63 10.57 5.77
C SER A 24 -6.66 10.22 4.64
N LYS A 25 -5.67 11.09 4.48
CA LYS A 25 -4.67 10.89 3.44
C LYS A 25 -3.58 11.96 3.59
N VAL A 26 -3.00 12.02 4.77
CA VAL A 26 -1.95 12.98 5.06
C VAL A 26 -0.64 12.23 5.34
N SER A 27 0.45 12.84 4.90
CA SER A 27 1.76 12.24 5.10
C SER A 27 2.70 13.25 5.76
N SER A 28 3.70 12.73 6.46
CA SER A 28 4.67 13.56 7.14
C SER A 28 5.62 12.70 7.98
N THR A 29 6.89 13.05 7.91
CA THR A 29 7.91 12.32 8.64
C THR A 29 7.96 10.86 8.18
N GLY A 30 9.12 10.26 8.35
CA GLY A 30 9.32 8.88 7.95
C GLY A 30 10.45 8.23 8.76
N GLU A 31 11.32 7.54 8.04
CA GLU A 31 12.46 6.87 8.66
C GLU A 31 13.59 6.70 7.67
N LYS A 32 14.75 6.34 8.19
CA LYS A 32 15.93 6.14 7.36
C LYS A 32 15.55 5.25 6.18
N VAL A 33 15.46 5.87 5.01
CA VAL A 33 15.12 5.15 3.79
C VAL A 33 16.35 5.03 2.91
N VAL A 34 16.89 3.82 2.85
CA VAL A 34 18.08 3.56 2.04
C VAL A 34 17.99 2.16 1.45
N LEU A 35 16.87 1.91 0.78
CA LEU A 35 16.66 0.61 0.16
C LEU A 35 15.39 0.67 -0.71
N TRP A 36 14.31 1.10 -0.08
CA TRP A 36 13.05 1.20 -0.78
C TRP A 36 12.94 2.61 -1.36
N THR A 37 12.59 2.66 -2.64
CA THR A 37 12.45 3.93 -3.33
C THR A 37 10.98 4.33 -3.43
N ARG A 38 10.75 5.64 -3.42
CA ARG A 38 9.40 6.16 -3.52
C ARG A 38 8.58 5.36 -4.53
N GLU A 39 9.03 5.42 -5.78
CA GLU A 39 8.36 4.71 -6.85
C GLU A 39 7.86 3.35 -6.36
N ALA A 40 8.81 2.55 -5.89
CA ALA A 40 8.49 1.22 -5.39
C ALA A 40 7.33 1.33 -4.40
N ASP A 41 7.43 2.31 -3.52
CA ASP A 41 6.40 2.54 -2.52
C ASP A 41 5.11 2.97 -3.21
N ARG A 42 5.28 3.77 -4.26
CA ARG A 42 4.14 4.27 -5.00
C ARG A 42 3.45 3.12 -5.75
N VAL A 43 4.22 2.47 -6.60
CA VAL A 43 3.69 1.36 -7.38
C VAL A 43 2.84 0.47 -6.47
N ILE A 44 3.33 0.28 -5.25
CA ILE A 44 2.62 -0.54 -4.28
C ILE A 44 1.20 0.01 -4.10
N LEU A 45 1.13 1.26 -3.70
CA LEU A 45 -0.15 1.91 -3.48
C LEU A 45 -0.94 1.92 -4.79
N THR A 46 -0.32 2.48 -5.82
CA THR A 46 -0.95 2.56 -7.13
C THR A 46 -1.53 1.21 -7.52
N MET A 47 -0.66 0.20 -7.54
CA MET A 47 -1.07 -1.14 -7.90
C MET A 47 -2.08 -1.70 -6.90
N CYS A 48 -1.76 -1.51 -5.62
CA CYS A 48 -2.61 -1.99 -4.56
C CYS A 48 -3.97 -1.27 -4.68
N GLN A 49 -3.95 -0.17 -5.43
CA GLN A 49 -5.17 0.60 -5.63
C GLN A 49 -5.91 0.11 -6.87
N GLU A 50 -5.27 0.27 -8.01
CA GLU A 50 -5.87 -0.15 -9.28
C GLU A 50 -6.21 -1.64 -9.22
N GLN A 51 -5.18 -2.45 -9.00
CA GLN A 51 -5.37 -3.89 -8.93
C GLN A 51 -6.03 -4.27 -7.61
N GLY A 52 -5.70 -3.51 -6.58
CA GLY A 52 -6.26 -3.76 -5.26
C GLY A 52 -5.20 -4.30 -4.30
N ALA A 53 -5.49 -4.16 -3.01
CA ALA A 53 -4.57 -4.63 -1.99
C ALA A 53 -4.76 -6.12 -1.76
N GLN A 54 -4.26 -6.90 -2.71
CA GLN A 54 -4.38 -8.34 -2.64
C GLN A 54 -2.99 -8.99 -2.66
N PRO A 55 -2.92 -10.24 -2.12
CA PRO A 55 -1.68 -10.97 -2.08
C PRO A 55 -1.30 -11.51 -3.45
N HIS A 56 -2.24 -11.37 -4.38
CA HIS A 56 -2.02 -11.83 -5.74
C HIS A 56 -1.34 -10.73 -6.55
N THR A 57 -1.50 -9.51 -6.09
CA THR A 57 -0.91 -8.37 -6.76
C THR A 57 0.56 -8.24 -6.40
N PHE A 58 0.86 -8.48 -5.14
CA PHE A 58 2.23 -8.40 -4.66
C PHE A 58 3.17 -9.21 -5.55
N SER A 59 2.63 -10.26 -6.15
CA SER A 59 3.40 -11.12 -7.03
C SER A 59 3.79 -10.35 -8.29
N VAL A 60 3.07 -9.27 -8.53
CA VAL A 60 3.33 -8.44 -9.71
C VAL A 60 4.32 -7.34 -9.34
N ILE A 61 3.96 -6.59 -8.30
CA ILE A 61 4.80 -5.50 -7.84
C ILE A 61 6.19 -6.04 -7.49
N SER A 62 6.18 -7.15 -6.76
CA SER A 62 7.42 -7.79 -6.35
C SER A 62 8.38 -7.87 -7.53
N GLN A 63 7.81 -8.09 -8.70
CA GLN A 63 8.60 -8.19 -9.92
C GLN A 63 8.86 -6.80 -10.51
N GLN A 64 7.82 -5.98 -10.48
CA GLN A 64 7.92 -4.63 -10.99
C GLN A 64 9.05 -3.87 -10.30
N LEU A 65 9.23 -4.18 -9.02
CA LEU A 65 10.26 -3.54 -8.24
C LEU A 65 11.62 -3.81 -8.88
N GLY A 66 11.87 -5.07 -9.17
CA GLY A 66 13.12 -5.47 -9.79
C GLY A 66 13.63 -6.79 -9.21
N ASN A 67 13.81 -6.79 -7.90
CA ASN A 67 14.29 -7.98 -7.21
C ASN A 67 13.54 -8.14 -5.89
N LYS A 68 12.44 -7.41 -5.78
CA LYS A 68 11.63 -7.45 -4.57
C LYS A 68 10.82 -8.76 -4.55
N THR A 69 10.39 -9.12 -3.35
CA THR A 69 9.61 -10.34 -3.18
C THR A 69 8.15 -9.99 -2.92
N PRO A 70 7.27 -11.03 -3.09
CA PRO A 70 5.85 -10.84 -2.87
C PRO A 70 5.53 -10.79 -1.38
N VAL A 71 6.49 -11.23 -0.59
CA VAL A 71 6.32 -11.24 0.86
C VAL A 71 6.67 -9.86 1.42
N GLU A 72 7.83 -9.37 0.99
CA GLU A 72 8.28 -8.06 1.44
C GLU A 72 7.26 -6.98 1.07
N VAL A 73 6.92 -6.94 -0.20
CA VAL A 73 5.97 -5.97 -0.70
C VAL A 73 4.80 -5.86 0.30
N SER A 74 4.26 -7.02 0.64
CA SER A 74 3.15 -7.08 1.57
C SER A 74 3.56 -6.45 2.91
N HIS A 75 4.76 -6.79 3.35
CA HIS A 75 5.26 -6.26 4.61
C HIS A 75 5.39 -4.74 4.50
N ARG A 76 5.69 -4.28 3.30
CA ARG A 76 5.84 -2.85 3.06
C ARG A 76 4.47 -2.17 2.99
N PHE A 77 3.54 -2.86 2.34
CA PHE A 77 2.19 -2.34 2.18
C PHE A 77 1.51 -2.18 3.55
N ARG A 78 1.58 -3.25 4.33
CA ARG A 78 0.98 -3.25 5.66
C ARG A 78 1.71 -2.26 6.57
N GLU A 79 2.97 -2.00 6.24
CA GLU A 79 3.79 -1.09 7.01
C GLU A 79 3.45 0.36 6.65
N LEU A 80 3.26 0.59 5.36
CA LEU A 80 2.93 1.91 4.87
C LEU A 80 1.88 2.55 5.78
N MET A 81 0.68 2.01 5.72
CA MET A 81 -0.42 2.50 6.52
C MET A 81 -0.01 2.61 7.99
N GLN A 82 0.74 1.61 8.44
CA GLN A 82 1.21 1.59 9.82
C GLN A 82 2.09 2.80 10.10
N LEU A 83 3.01 3.04 9.20
CA LEU A 83 3.93 4.17 9.34
C LEU A 83 3.15 5.47 9.15
N PHE A 84 2.22 5.44 8.21
CA PHE A 84 1.41 6.61 7.94
C PHE A 84 0.53 6.98 9.14
N HIS A 85 -0.11 5.96 9.69
CA HIS A 85 -0.98 6.16 10.84
C HIS A 85 -0.13 6.55 12.05
N THR A 86 0.72 5.62 12.47
CA THR A 86 1.57 5.85 13.62
C THR A 86 2.90 6.48 13.17
N ALA A 87 3.18 7.65 13.72
CA ALA A 87 4.41 8.36 13.38
C ALA A 87 4.77 9.31 14.52
N CYS A 88 5.90 9.01 15.15
CA CYS A 88 6.38 9.83 16.26
C CYS A 88 6.19 11.30 15.89
N GLU A 89 5.28 11.95 16.60
CA GLU A 89 5.01 13.35 16.36
C GLU A 89 5.67 14.22 17.42
N SER A 90 6.75 14.87 17.03
CA SER A 90 7.49 15.73 17.93
C SER A 90 8.07 16.92 17.18
N GLY A 91 8.94 16.62 16.23
CA GLY A 91 9.56 17.66 15.43
C GLY A 91 9.83 17.16 14.01
N PRO A 92 9.99 18.14 13.08
CA PRO A 92 10.25 17.82 11.68
C PRO A 92 11.70 17.35 11.49
N SER A 93 11.90 16.59 10.43
CA SER A 93 13.23 16.07 10.12
C SER A 93 13.52 16.28 8.64
N SER A 94 14.45 17.19 8.37
CA SER A 94 14.84 17.49 7.00
C SER A 94 16.33 17.25 6.81
N GLY A 95 16.70 16.86 5.60
CA GLY A 95 18.09 16.59 5.29
C GLY A 95 18.65 15.46 6.16
N GLY A 1 -21.35 -7.70 59.34
CA GLY A 1 -21.40 -8.43 58.08
C GLY A 1 -22.47 -7.84 57.15
N PRO A 2 -22.00 -6.97 56.22
CA PRO A 2 -22.89 -6.33 55.27
C PRO A 2 -23.32 -7.31 54.17
N SER A 3 -22.33 -7.98 53.61
CA SER A 3 -22.58 -8.95 52.56
C SER A 3 -23.16 -8.24 51.32
N GLY A 4 -23.32 -9.02 50.27
CA GLY A 4 -23.86 -8.47 49.02
C GLY A 4 -24.08 -9.59 47.99
N SER A 5 -24.52 -9.18 46.81
CA SER A 5 -24.76 -10.12 45.74
C SER A 5 -24.76 -9.40 44.39
N SER A 6 -24.39 -10.14 43.36
CA SER A 6 -24.34 -9.57 42.02
C SER A 6 -24.06 -10.69 41.00
N GLY A 7 -24.40 -10.40 39.75
CA GLY A 7 -24.19 -11.36 38.68
C GLY A 7 -23.26 -10.78 37.60
N ALA A 8 -23.42 -11.30 36.39
CA ALA A 8 -22.61 -10.86 35.28
C ALA A 8 -23.48 -10.76 34.02
N GLY A 9 -22.96 -10.07 33.03
CA GLY A 9 -23.66 -9.90 31.77
C GLY A 9 -22.81 -9.15 30.75
N ALA A 10 -23.13 -9.37 29.48
CA ALA A 10 -22.40 -8.72 28.41
C ALA A 10 -23.38 -8.34 27.29
N LEU A 11 -24.04 -9.36 26.75
CA LEU A 11 -24.99 -9.15 25.69
C LEU A 11 -26.16 -8.30 26.22
N PRO A 12 -26.93 -7.71 25.26
CA PRO A 12 -26.63 -7.89 23.84
C PRO A 12 -25.40 -7.07 23.43
N LYS A 13 -24.94 -7.33 22.22
CA LYS A 13 -23.78 -6.63 21.69
C LYS A 13 -24.18 -5.89 20.41
N ALA A 14 -24.50 -4.61 20.58
CA ALA A 14 -24.89 -3.79 19.45
C ALA A 14 -24.30 -2.39 19.62
N SER A 15 -23.22 -2.15 18.90
CA SER A 15 -22.54 -0.86 18.95
C SER A 15 -21.36 -0.85 17.98
N GLU A 16 -21.47 0.04 16.99
CA GLU A 16 -20.43 0.16 15.98
C GLU A 16 -19.78 1.55 16.06
N ALA A 17 -18.46 1.55 16.03
CA ALA A 17 -17.71 2.80 16.09
C ALA A 17 -16.29 2.56 15.59
N THR A 18 -15.98 3.18 14.45
CA THR A 18 -14.67 3.04 13.85
C THR A 18 -14.02 4.42 13.66
N VAL A 19 -12.70 4.45 13.80
CA VAL A 19 -11.96 5.68 13.64
C VAL A 19 -11.65 5.90 12.17
N CYS A 20 -12.70 6.05 11.38
CA CYS A 20 -12.55 6.27 9.96
C CYS A 20 -11.99 7.67 9.73
N ALA A 21 -11.26 7.81 8.64
CA ALA A 21 -10.66 9.10 8.32
C ALA A 21 -11.76 10.06 7.85
N ASN A 22 -11.55 11.33 8.14
CA ASN A 22 -12.51 12.36 7.75
C ASN A 22 -12.80 12.24 6.26
N ASN A 23 -11.74 12.30 5.47
CA ASN A 23 -11.87 12.21 4.03
C ASN A 23 -10.48 12.03 3.41
N SER A 24 -9.60 12.97 3.73
CA SER A 24 -8.25 12.94 3.21
C SER A 24 -7.37 13.92 3.97
N LYS A 25 -6.32 13.39 4.57
CA LYS A 25 -5.40 14.22 5.33
C LYS A 25 -3.96 13.96 4.85
N VAL A 26 -3.20 15.03 4.74
CA VAL A 26 -1.82 14.93 4.30
C VAL A 26 -0.90 14.84 5.51
N SER A 27 -0.29 13.67 5.66
CA SER A 27 0.61 13.44 6.77
C SER A 27 2.06 13.58 6.31
N SER A 28 2.94 13.86 7.27
CA SER A 28 4.35 14.01 6.97
C SER A 28 5.13 12.78 7.44
N THR A 29 5.98 12.29 6.55
CA THR A 29 6.77 11.12 6.86
C THR A 29 8.24 11.37 6.51
N GLY A 30 9.12 10.83 7.34
CA GLY A 30 10.55 10.99 7.13
C GLY A 30 11.29 9.68 7.38
N GLU A 31 12.16 9.70 8.39
CA GLU A 31 12.92 8.53 8.75
C GLU A 31 13.94 8.20 7.64
N LYS A 32 15.11 7.76 8.07
CA LYS A 32 16.17 7.42 7.13
C LYS A 32 15.58 6.58 6.00
N VAL A 33 16.35 6.48 4.92
CA VAL A 33 15.92 5.71 3.76
C VAL A 33 17.14 5.34 2.92
N VAL A 34 17.49 4.06 2.98
CA VAL A 34 18.64 3.56 2.23
C VAL A 34 18.38 2.10 1.84
N LEU A 35 17.23 1.89 1.23
CA LEU A 35 16.86 0.55 0.79
C LEU A 35 15.65 0.64 -0.14
N TRP A 36 14.54 1.09 0.42
CA TRP A 36 13.32 1.23 -0.35
C TRP A 36 13.34 2.60 -1.03
N THR A 37 12.44 2.77 -1.99
CA THR A 37 12.34 4.02 -2.72
C THR A 37 10.90 4.53 -2.72
N ARG A 38 10.72 5.72 -3.29
CA ARG A 38 9.40 6.32 -3.35
C ARG A 38 8.55 5.62 -4.41
N GLU A 39 9.01 5.71 -5.65
CA GLU A 39 8.30 5.08 -6.75
C GLU A 39 7.73 3.74 -6.33
N ALA A 40 8.63 2.81 -6.03
CA ALA A 40 8.24 1.48 -5.61
C ALA A 40 7.20 1.59 -4.49
N ASP A 41 7.52 2.43 -3.51
CA ASP A 41 6.64 2.64 -2.38
C ASP A 41 5.26 3.06 -2.89
N ARG A 42 5.27 3.97 -3.85
CA ARG A 42 4.04 4.47 -4.43
C ARG A 42 3.36 3.37 -5.26
N VAL A 43 4.12 2.83 -6.20
CA VAL A 43 3.60 1.77 -7.06
C VAL A 43 2.76 0.81 -6.23
N ILE A 44 3.38 0.27 -5.19
CA ILE A 44 2.71 -0.66 -4.30
C ILE A 44 1.27 -0.17 -4.05
N LEU A 45 1.18 1.05 -3.53
CA LEU A 45 -0.11 1.64 -3.24
C LEU A 45 -0.93 1.72 -4.52
N THR A 46 -0.34 2.34 -5.54
CA THR A 46 -1.00 2.49 -6.82
C THR A 46 -1.63 1.15 -7.25
N MET A 47 -0.78 0.16 -7.41
CA MET A 47 -1.23 -1.17 -7.82
C MET A 47 -2.16 -1.77 -6.77
N CYS A 48 -1.75 -1.63 -5.51
CA CYS A 48 -2.54 -2.15 -4.41
C CYS A 48 -3.92 -1.49 -4.44
N GLN A 49 -3.97 -0.34 -5.10
CA GLN A 49 -5.22 0.40 -5.21
C GLN A 49 -6.00 -0.05 -6.45
N GLU A 50 -5.40 0.19 -7.60
CA GLU A 50 -6.03 -0.19 -8.87
C GLU A 50 -6.31 -1.70 -8.89
N GLN A 51 -5.23 -2.46 -8.77
CA GLN A 51 -5.34 -3.91 -8.78
C GLN A 51 -6.00 -4.40 -7.48
N GLY A 52 -5.74 -3.67 -6.41
CA GLY A 52 -6.30 -4.01 -5.11
C GLY A 52 -5.21 -4.57 -4.19
N ALA A 53 -5.39 -4.33 -2.90
CA ALA A 53 -4.45 -4.80 -1.90
C ALA A 53 -4.64 -6.31 -1.70
N GLN A 54 -4.18 -7.07 -2.69
CA GLN A 54 -4.28 -8.52 -2.63
C GLN A 54 -2.91 -9.16 -2.74
N PRO A 55 -2.82 -10.42 -2.23
CA PRO A 55 -1.56 -11.15 -2.26
C PRO A 55 -1.26 -11.66 -3.68
N HIS A 56 -2.20 -11.42 -4.57
CA HIS A 56 -2.05 -11.85 -5.95
C HIS A 56 -1.45 -10.71 -6.78
N THR A 57 -1.47 -9.52 -6.20
CA THR A 57 -0.93 -8.35 -6.87
C THR A 57 0.56 -8.19 -6.56
N PHE A 58 0.90 -8.47 -5.30
CA PHE A 58 2.28 -8.37 -4.86
C PHE A 58 3.22 -9.13 -5.81
N SER A 59 2.67 -10.17 -6.42
CA SER A 59 3.44 -10.98 -7.34
C SER A 59 3.82 -10.15 -8.57
N VAL A 60 3.10 -9.06 -8.75
CA VAL A 60 3.36 -8.16 -9.88
C VAL A 60 4.34 -7.08 -9.45
N ILE A 61 4.02 -6.43 -8.34
CA ILE A 61 4.87 -5.37 -7.82
C ILE A 61 6.29 -5.91 -7.61
N SER A 62 6.36 -7.06 -6.94
CA SER A 62 7.64 -7.69 -6.66
C SER A 62 8.48 -7.71 -7.94
N GLN A 63 7.87 -8.16 -9.02
CA GLN A 63 8.56 -8.25 -10.29
C GLN A 63 8.84 -6.84 -10.84
N GLN A 64 7.90 -5.95 -10.59
CA GLN A 64 8.03 -4.58 -11.05
C GLN A 64 9.16 -3.88 -10.29
N LEU A 65 9.34 -4.29 -9.04
CA LEU A 65 10.37 -3.72 -8.21
C LEU A 65 11.75 -4.14 -8.74
N GLY A 66 11.92 -5.44 -8.91
CA GLY A 66 13.17 -5.97 -9.41
C GLY A 66 13.55 -7.25 -8.68
N ASN A 67 14.06 -7.08 -7.47
CA ASN A 67 14.48 -8.21 -6.65
C ASN A 67 13.49 -8.38 -5.50
N LYS A 68 12.68 -7.35 -5.29
CA LYS A 68 11.69 -7.38 -4.23
C LYS A 68 10.92 -8.70 -4.29
N THR A 69 10.36 -9.07 -3.15
CA THR A 69 9.58 -10.30 -3.06
C THR A 69 8.10 -9.99 -2.88
N PRO A 70 7.26 -11.01 -3.20
CA PRO A 70 5.82 -10.86 -3.08
C PRO A 70 5.38 -10.90 -1.61
N VAL A 71 6.28 -11.40 -0.77
CA VAL A 71 6.01 -11.51 0.65
C VAL A 71 6.39 -10.21 1.34
N GLU A 72 7.49 -9.63 0.88
CA GLU A 72 7.97 -8.37 1.44
C GLU A 72 7.06 -7.22 1.01
N VAL A 73 6.76 -7.19 -0.28
CA VAL A 73 5.92 -6.14 -0.82
C VAL A 73 4.70 -5.96 0.07
N SER A 74 4.19 -7.09 0.57
CA SER A 74 3.03 -7.07 1.44
C SER A 74 3.39 -6.44 2.78
N HIS A 75 4.55 -6.83 3.29
CA HIS A 75 5.03 -6.32 4.57
C HIS A 75 5.21 -4.80 4.47
N ARG A 76 5.61 -4.36 3.28
CA ARG A 76 5.82 -2.94 3.04
C ARG A 76 4.48 -2.22 2.87
N PHE A 77 3.55 -2.91 2.24
CA PHE A 77 2.23 -2.35 2.01
C PHE A 77 1.57 -1.94 3.32
N ARG A 78 1.62 -2.86 4.29
CA ARG A 78 1.03 -2.61 5.59
C ARG A 78 1.82 -1.52 6.33
N GLU A 79 3.07 -1.40 5.95
CA GLU A 79 3.95 -0.41 6.56
C GLU A 79 3.61 0.99 6.05
N LEU A 80 3.50 1.08 4.73
CA LEU A 80 3.18 2.35 4.10
C LEU A 80 2.04 3.04 4.87
N MET A 81 1.17 2.22 5.43
CA MET A 81 0.05 2.73 6.19
C MET A 81 0.39 2.82 7.69
N GLN A 82 1.31 1.96 8.10
CA GLN A 82 1.74 1.94 9.49
C GLN A 82 2.54 3.20 9.81
N LEU A 83 3.23 3.70 8.81
CA LEU A 83 4.03 4.89 8.97
C LEU A 83 3.12 6.11 9.12
N PHE A 84 2.29 6.32 8.10
CA PHE A 84 1.37 7.44 8.12
C PHE A 84 0.64 7.53 9.47
N HIS A 85 0.04 6.42 9.85
CA HIS A 85 -0.69 6.37 11.11
C HIS A 85 0.16 6.99 12.23
N THR A 86 1.32 6.40 12.44
CA THR A 86 2.23 6.88 13.46
C THR A 86 3.65 6.97 12.91
N ALA A 87 4.01 8.16 12.49
CA ALA A 87 5.35 8.38 11.94
C ALA A 87 6.31 8.75 13.07
N CYS A 88 7.57 8.91 12.72
CA CYS A 88 8.59 9.26 13.68
C CYS A 88 9.27 10.55 13.23
N GLU A 89 8.87 11.64 13.87
CA GLU A 89 9.43 12.95 13.54
C GLU A 89 10.93 12.97 13.83
N SER A 90 11.57 14.05 13.40
CA SER A 90 13.01 14.20 13.62
C SER A 90 13.77 13.17 12.79
N GLY A 91 14.49 13.67 11.80
CA GLY A 91 15.27 12.80 10.93
C GLY A 91 15.65 13.52 9.64
N PRO A 92 16.60 14.49 9.77
CA PRO A 92 17.05 15.26 8.62
C PRO A 92 17.98 14.42 7.74
N SER A 93 18.05 14.80 6.47
CA SER A 93 18.89 14.11 5.52
C SER A 93 19.68 15.11 4.68
N SER A 94 20.92 14.74 4.39
CA SER A 94 21.79 15.60 3.59
C SER A 94 21.12 15.91 2.25
N GLY A 95 21.02 17.20 1.96
CA GLY A 95 20.42 17.64 0.71
C GLY A 95 19.26 18.61 0.99
N GLY A 1 -23.23 18.43 -65.74
CA GLY A 1 -23.37 18.44 -64.29
C GLY A 1 -24.07 17.18 -63.79
N PRO A 2 -23.25 16.16 -63.44
CA PRO A 2 -23.78 14.90 -62.94
C PRO A 2 -24.28 15.04 -61.51
N SER A 3 -24.81 13.95 -60.99
CA SER A 3 -25.32 13.93 -59.63
C SER A 3 -24.91 12.63 -58.93
N GLY A 4 -25.20 12.58 -57.63
CA GLY A 4 -24.87 11.41 -56.84
C GLY A 4 -26.02 11.03 -55.90
N SER A 5 -25.70 10.20 -54.94
CA SER A 5 -26.69 9.75 -53.97
C SER A 5 -26.02 9.38 -52.65
N SER A 6 -26.84 9.23 -51.61
CA SER A 6 -26.33 8.88 -50.30
C SER A 6 -27.24 7.83 -49.66
N GLY A 7 -26.73 7.24 -48.59
CA GLY A 7 -27.49 6.22 -47.87
C GLY A 7 -27.62 6.58 -46.39
N ALA A 8 -28.27 5.69 -45.65
CA ALA A 8 -28.48 5.90 -44.24
C ALA A 8 -28.64 4.55 -43.54
N GLY A 9 -28.08 4.46 -42.34
CA GLY A 9 -28.17 3.23 -41.57
C GLY A 9 -28.52 3.52 -40.11
N ALA A 10 -28.56 2.47 -39.32
CA ALA A 10 -28.88 2.59 -37.91
C ALA A 10 -28.69 1.24 -37.22
N LEU A 11 -28.52 1.29 -35.91
CA LEU A 11 -28.33 0.09 -35.13
C LEU A 11 -27.06 -0.62 -35.59
N PRO A 12 -26.56 -1.54 -34.71
CA PRO A 12 -27.22 -1.80 -33.45
C PRO A 12 -26.95 -0.66 -32.46
N LYS A 13 -27.45 -0.85 -31.25
CA LYS A 13 -27.28 0.15 -30.21
C LYS A 13 -26.86 -0.54 -28.90
N ALA A 14 -25.67 -0.17 -28.43
CA ALA A 14 -25.14 -0.74 -27.21
C ALA A 14 -24.00 0.13 -26.69
N SER A 15 -24.06 0.43 -25.41
CA SER A 15 -23.04 1.25 -24.78
C SER A 15 -23.00 0.98 -23.27
N GLU A 16 -21.79 1.09 -22.72
CA GLU A 16 -21.61 0.87 -21.30
C GLU A 16 -22.05 2.09 -20.50
N ALA A 17 -22.18 1.90 -19.20
CA ALA A 17 -22.61 2.97 -18.31
C ALA A 17 -21.89 2.83 -16.97
N THR A 18 -20.99 3.77 -16.71
CA THR A 18 -20.22 3.76 -15.47
C THR A 18 -20.98 4.52 -14.38
N VAL A 19 -21.31 3.80 -13.32
CA VAL A 19 -22.03 4.39 -12.21
C VAL A 19 -21.35 3.99 -10.90
N CYS A 20 -20.70 4.98 -10.29
CA CYS A 20 -20.00 4.75 -9.03
C CYS A 20 -19.37 6.07 -8.59
N ALA A 21 -18.97 6.11 -7.32
CA ALA A 21 -18.36 7.30 -6.76
C ALA A 21 -17.54 6.91 -5.53
N ASN A 22 -16.22 7.00 -5.69
CA ASN A 22 -15.31 6.65 -4.62
C ASN A 22 -13.87 6.89 -5.06
N ASN A 23 -13.12 7.56 -4.20
CA ASN A 23 -11.73 7.86 -4.50
C ASN A 23 -11.11 8.62 -3.32
N SER A 24 -9.78 8.67 -3.32
CA SER A 24 -9.07 9.36 -2.27
C SER A 24 -7.56 9.34 -2.56
N LYS A 25 -6.84 10.20 -1.85
CA LYS A 25 -5.41 10.29 -2.02
C LYS A 25 -4.78 10.92 -0.77
N VAL A 26 -4.10 10.08 -0.01
CA VAL A 26 -3.45 10.53 1.21
C VAL A 26 -2.04 9.96 1.29
N SER A 27 -1.09 10.73 0.80
CA SER A 27 0.31 10.31 0.79
C SER A 27 1.20 11.44 0.28
N SER A 28 2.16 11.81 1.10
CA SER A 28 3.09 12.87 0.74
C SER A 28 4.13 13.06 1.84
N THR A 29 5.37 13.28 1.41
CA THR A 29 6.46 13.48 2.34
C THR A 29 6.35 12.48 3.50
N GLY A 30 6.16 11.22 3.14
CA GLY A 30 6.04 10.15 4.13
C GLY A 30 7.18 10.24 5.16
N GLU A 31 7.11 9.35 6.14
CA GLU A 31 8.12 9.30 7.18
C GLU A 31 8.82 7.94 7.18
N LYS A 32 10.08 7.96 7.58
CA LYS A 32 10.87 6.74 7.64
C LYS A 32 10.94 6.11 6.25
N VAL A 33 11.81 6.68 5.42
CA VAL A 33 11.97 6.19 4.07
C VAL A 33 13.46 6.23 3.69
N VAL A 34 13.95 5.08 3.24
CA VAL A 34 15.35 4.98 2.86
C VAL A 34 15.62 3.57 2.34
N LEU A 35 15.10 2.58 3.07
CA LEU A 35 15.28 1.20 2.69
C LEU A 35 14.55 0.93 1.37
N TRP A 36 13.26 1.24 1.36
CA TRP A 36 12.45 1.05 0.18
C TRP A 36 12.52 2.33 -0.66
N THR A 37 12.35 2.16 -1.96
CA THR A 37 12.39 3.29 -2.88
C THR A 37 10.99 3.90 -3.02
N ARG A 38 10.96 5.23 -3.01
CA ARG A 38 9.71 5.94 -3.14
C ARG A 38 8.88 5.35 -4.28
N GLU A 39 9.37 5.54 -5.50
CA GLU A 39 8.69 5.03 -6.67
C GLU A 39 8.11 3.64 -6.39
N ALA A 40 8.98 2.76 -5.91
CA ALA A 40 8.58 1.41 -5.59
C ALA A 40 7.44 1.44 -4.57
N ASP A 41 7.59 2.31 -3.59
CA ASP A 41 6.58 2.46 -2.55
C ASP A 41 5.28 2.94 -3.18
N ARG A 42 5.39 3.97 -4.01
CA ARG A 42 4.23 4.53 -4.67
C ARG A 42 3.56 3.47 -5.55
N VAL A 43 4.39 2.77 -6.31
CA VAL A 43 3.89 1.74 -7.19
C VAL A 43 2.87 0.88 -6.45
N ILE A 44 3.26 0.43 -5.27
CA ILE A 44 2.39 -0.40 -4.46
C ILE A 44 1.07 0.33 -4.23
N LEU A 45 1.18 1.54 -3.69
CA LEU A 45 0.00 2.34 -3.42
C LEU A 45 -0.87 2.40 -4.68
N THR A 46 -0.21 2.30 -5.83
CA THR A 46 -0.91 2.34 -7.10
C THR A 46 -1.47 0.96 -7.44
N MET A 47 -0.58 -0.02 -7.45
CA MET A 47 -0.98 -1.38 -7.77
C MET A 47 -2.01 -1.89 -6.76
N CYS A 48 -1.63 -1.84 -5.50
CA CYS A 48 -2.52 -2.29 -4.44
C CYS A 48 -3.85 -1.56 -4.57
N GLN A 49 -3.79 -0.43 -5.25
CA GLN A 49 -4.99 0.38 -5.46
C GLN A 49 -5.73 -0.08 -6.72
N GLU A 50 -5.05 0.09 -7.85
CA GLU A 50 -5.63 -0.30 -9.13
C GLU A 50 -5.98 -1.79 -9.12
N GLN A 51 -4.96 -2.60 -8.91
CA GLN A 51 -5.15 -4.05 -8.87
C GLN A 51 -5.89 -4.46 -7.59
N GLY A 52 -5.64 -3.69 -6.54
CA GLY A 52 -6.28 -3.96 -5.26
C GLY A 52 -5.27 -4.58 -4.28
N ALA A 53 -5.45 -4.24 -3.01
CA ALA A 53 -4.57 -4.75 -1.97
C ALA A 53 -4.82 -6.25 -1.80
N GLN A 54 -4.29 -7.01 -2.74
CA GLN A 54 -4.44 -8.47 -2.71
C GLN A 54 -3.07 -9.14 -2.71
N PRO A 55 -3.06 -10.40 -2.21
CA PRO A 55 -1.83 -11.17 -2.14
C PRO A 55 -1.42 -11.68 -3.52
N HIS A 56 -2.28 -11.41 -4.49
CA HIS A 56 -2.03 -11.83 -5.86
C HIS A 56 -1.33 -10.71 -6.62
N THR A 57 -1.39 -9.52 -6.04
CA THR A 57 -0.77 -8.36 -6.66
C THR A 57 0.69 -8.22 -6.21
N PHE A 58 0.92 -8.58 -4.95
CA PHE A 58 2.25 -8.50 -4.38
C PHE A 58 3.26 -9.27 -5.25
N SER A 59 2.74 -10.25 -5.97
CA SER A 59 3.57 -11.07 -6.84
C SER A 59 3.90 -10.30 -8.12
N VAL A 60 3.11 -9.26 -8.36
CA VAL A 60 3.29 -8.44 -9.55
C VAL A 60 4.30 -7.32 -9.25
N ILE A 61 3.98 -6.55 -8.22
CA ILE A 61 4.84 -5.45 -7.81
C ILE A 61 6.27 -5.97 -7.63
N SER A 62 6.37 -7.16 -7.06
CA SER A 62 7.67 -7.78 -6.82
C SER A 62 8.51 -7.72 -8.10
N GLN A 63 7.88 -8.08 -9.20
CA GLN A 63 8.55 -8.07 -10.49
C GLN A 63 8.79 -6.64 -10.96
N GLN A 64 7.87 -5.76 -10.57
CA GLN A 64 7.96 -4.36 -10.93
C GLN A 64 9.17 -3.71 -10.25
N LEU A 65 9.29 -3.98 -8.96
CA LEU A 65 10.38 -3.43 -8.17
C LEU A 65 11.70 -3.79 -8.84
N GLY A 66 11.85 -5.07 -9.17
CA GLY A 66 13.06 -5.55 -9.81
C GLY A 66 13.44 -6.94 -9.28
N ASN A 67 13.63 -7.01 -7.98
CA ASN A 67 14.00 -8.26 -7.34
C ASN A 67 13.27 -8.38 -6.00
N LYS A 68 12.25 -7.56 -5.84
CA LYS A 68 11.47 -7.56 -4.61
C LYS A 68 10.55 -8.78 -4.59
N THR A 69 10.28 -9.26 -3.39
CA THR A 69 9.43 -10.42 -3.22
C THR A 69 8.01 -9.99 -2.81
N PRO A 70 7.05 -10.93 -2.99
CA PRO A 70 5.66 -10.65 -2.65
C PRO A 70 5.47 -10.70 -1.13
N VAL A 71 6.43 -11.30 -0.45
CA VAL A 71 6.38 -11.42 0.99
C VAL A 71 6.81 -10.09 1.63
N GLU A 72 7.60 -9.34 0.87
CA GLU A 72 8.10 -8.05 1.34
C GLU A 72 7.15 -6.93 0.92
N VAL A 73 6.74 -6.99 -0.34
CA VAL A 73 5.84 -5.98 -0.87
C VAL A 73 4.60 -5.89 0.03
N SER A 74 4.20 -7.04 0.55
CA SER A 74 3.04 -7.10 1.42
C SER A 74 3.37 -6.47 2.78
N HIS A 75 4.56 -6.79 3.28
CA HIS A 75 5.00 -6.26 4.56
C HIS A 75 5.20 -4.75 4.44
N ARG A 76 5.53 -4.32 3.23
CA ARG A 76 5.76 -2.91 2.98
C ARG A 76 4.42 -2.17 2.91
N PHE A 77 3.43 -2.84 2.34
CA PHE A 77 2.11 -2.25 2.21
C PHE A 77 1.47 -2.03 3.58
N ARG A 78 1.43 -3.09 4.36
CA ARG A 78 0.85 -3.02 5.69
C ARG A 78 1.65 -2.06 6.57
N GLU A 79 2.90 -1.85 6.17
CA GLU A 79 3.77 -0.96 6.91
C GLU A 79 3.41 0.50 6.63
N LEU A 80 3.33 0.83 5.35
CA LEU A 80 2.99 2.18 4.95
C LEU A 80 1.83 2.69 5.80
N MET A 81 0.74 1.93 5.76
CA MET A 81 -0.45 2.29 6.52
C MET A 81 -0.15 2.31 8.03
N GLN A 82 0.75 1.43 8.42
CA GLN A 82 1.13 1.34 9.83
C GLN A 82 1.88 2.60 10.26
N LEU A 83 2.74 3.08 9.37
CA LEU A 83 3.51 4.27 9.64
C LEU A 83 2.58 5.49 9.69
N PHE A 84 1.63 5.49 8.77
CA PHE A 84 0.67 6.58 8.71
C PHE A 84 0.00 6.82 10.06
N HIS A 85 -0.63 5.76 10.56
CA HIS A 85 -1.30 5.83 11.84
C HIS A 85 -0.29 6.14 12.94
N THR A 86 0.65 5.22 13.10
CA THR A 86 1.68 5.37 14.11
C THR A 86 2.98 5.86 13.48
N ALA A 87 3.02 7.14 13.19
CA ALA A 87 4.19 7.74 12.58
C ALA A 87 5.25 8.00 13.66
N CYS A 88 6.41 8.44 13.21
CA CYS A 88 7.51 8.72 14.11
C CYS A 88 7.74 7.47 14.98
N GLU A 89 8.44 6.51 14.40
CA GLU A 89 8.75 5.27 15.11
C GLU A 89 10.21 4.89 14.92
N SER A 90 11.03 5.32 15.86
CA SER A 90 12.45 5.04 15.81
C SER A 90 13.06 5.65 14.55
N GLY A 91 13.80 6.74 14.76
CA GLY A 91 14.44 7.43 13.66
C GLY A 91 15.95 7.17 13.65
N PRO A 92 16.55 7.36 12.45
CA PRO A 92 17.98 7.14 12.29
C PRO A 92 18.78 8.30 12.90
N SER A 93 18.51 8.54 14.17
CA SER A 93 19.19 9.62 14.89
C SER A 93 18.78 10.98 14.31
N SER A 94 18.38 11.86 15.21
CA SER A 94 17.96 13.19 14.80
C SER A 94 19.13 13.96 14.20
N GLY A 95 19.21 13.90 12.88
CA GLY A 95 20.29 14.58 12.16
C GLY A 95 19.73 15.65 11.21
N GLY A 1 26.69 60.43 -2.38
CA GLY A 1 26.45 60.37 -0.94
C GLY A 1 25.96 58.98 -0.53
N PRO A 2 26.10 58.71 0.79
CA PRO A 2 25.69 57.41 1.33
C PRO A 2 24.16 57.33 1.43
N SER A 3 23.69 56.18 1.92
CA SER A 3 22.27 55.97 2.08
C SER A 3 22.02 54.58 2.65
N GLY A 4 20.78 54.36 3.08
CA GLY A 4 20.40 53.09 3.66
C GLY A 4 18.90 52.83 3.48
N SER A 5 18.24 52.53 4.58
CA SER A 5 16.82 52.26 4.56
C SER A 5 16.54 50.97 3.79
N SER A 6 15.41 50.36 4.11
CA SER A 6 15.01 49.12 3.46
C SER A 6 13.64 48.68 3.96
N GLY A 7 13.10 47.67 3.29
CA GLY A 7 11.79 47.15 3.66
C GLY A 7 11.72 45.63 3.41
N ALA A 8 10.50 45.12 3.43
CA ALA A 8 10.27 43.70 3.20
C ALA A 8 8.77 43.42 3.19
N GLY A 9 8.44 42.17 2.90
CA GLY A 9 7.04 41.77 2.86
C GLY A 9 6.88 40.46 2.09
N ALA A 10 5.84 39.72 2.44
CA ALA A 10 5.56 38.45 1.80
C ALA A 10 4.23 37.90 2.31
N LEU A 11 3.58 37.13 1.45
CA LEU A 11 2.29 36.55 1.80
C LEU A 11 1.21 37.63 1.74
N PRO A 12 -0.07 37.17 1.60
CA PRO A 12 -0.34 35.74 1.52
C PRO A 12 0.05 35.19 0.15
N LYS A 13 0.04 33.87 0.04
CA LYS A 13 0.38 33.21 -1.20
C LYS A 13 -0.33 31.86 -1.28
N ALA A 14 -0.52 31.39 -2.50
CA ALA A 14 -1.18 30.12 -2.72
C ALA A 14 -1.25 29.83 -4.22
N SER A 15 -0.93 28.59 -4.56
CA SER A 15 -0.94 28.17 -5.96
C SER A 15 -1.98 27.07 -6.16
N GLU A 16 -2.56 27.07 -7.36
CA GLU A 16 -3.57 26.08 -7.69
C GLU A 16 -3.05 25.14 -8.78
N ALA A 17 -2.12 24.28 -8.38
CA ALA A 17 -1.54 23.33 -9.31
C ALA A 17 -0.63 22.36 -8.55
N THR A 18 -0.28 21.27 -9.21
CA THR A 18 0.59 20.27 -8.60
C THR A 18 1.95 20.87 -8.28
N VAL A 19 2.31 20.80 -7.01
CA VAL A 19 3.58 21.32 -6.55
C VAL A 19 4.00 20.61 -5.26
N CYS A 20 5.21 20.91 -4.82
CA CYS A 20 5.73 20.31 -3.61
C CYS A 20 6.15 21.43 -2.65
N ALA A 21 5.17 21.94 -1.94
CA ALA A 21 5.42 23.01 -0.99
C ALA A 21 4.19 23.20 -0.08
N ASN A 22 4.01 22.22 0.80
CA ASN A 22 2.88 22.26 1.72
C ASN A 22 2.89 20.99 2.57
N ASN A 23 3.01 21.17 3.87
CA ASN A 23 3.02 20.05 4.79
C ASN A 23 1.59 19.65 5.13
N SER A 24 1.11 18.61 4.46
CA SER A 24 -0.23 18.12 4.68
C SER A 24 -0.39 16.72 4.08
N LYS A 25 0.06 15.74 4.84
CA LYS A 25 -0.01 14.36 4.40
C LYS A 25 0.47 13.43 5.52
N VAL A 26 1.74 13.62 5.88
CA VAL A 26 2.33 12.82 6.93
C VAL A 26 3.46 13.61 7.60
N SER A 27 3.24 13.95 8.86
CA SER A 27 4.22 14.71 9.61
C SER A 27 5.53 13.92 9.69
N SER A 28 5.41 12.68 10.17
CA SER A 28 6.57 11.83 10.31
C SER A 28 7.35 11.78 8.99
N THR A 29 8.57 11.25 9.08
CA THR A 29 9.42 11.15 7.91
C THR A 29 10.03 9.74 7.82
N GLY A 30 10.25 9.30 6.59
CA GLY A 30 10.83 8.00 6.36
C GLY A 30 11.94 7.69 7.38
N GLU A 31 11.66 6.73 8.23
CA GLU A 31 12.61 6.33 9.25
C GLU A 31 14.03 6.28 8.66
N LYS A 32 14.18 5.46 7.63
CA LYS A 32 15.46 5.31 6.98
C LYS A 32 15.25 4.66 5.60
N VAL A 33 15.77 5.31 4.59
CA VAL A 33 15.66 4.81 3.23
C VAL A 33 17.02 4.32 2.74
N VAL A 34 17.01 3.14 2.14
CA VAL A 34 18.24 2.56 1.64
C VAL A 34 17.90 1.26 0.88
N LEU A 35 17.12 0.42 1.54
CA LEU A 35 16.72 -0.84 0.95
C LEU A 35 15.50 -0.62 0.06
N TRP A 36 14.54 0.11 0.59
CA TRP A 36 13.32 0.40 -0.14
C TRP A 36 13.39 1.87 -0.61
N THR A 37 12.64 2.15 -1.66
CA THR A 37 12.60 3.49 -2.22
C THR A 37 11.16 4.02 -2.22
N ARG A 38 10.98 5.12 -2.94
CA ARG A 38 9.66 5.74 -3.03
C ARG A 38 8.87 5.11 -4.18
N GLU A 39 9.39 5.28 -5.38
CA GLU A 39 8.74 4.72 -6.56
C GLU A 39 8.14 3.35 -6.25
N ALA A 40 8.98 2.50 -5.68
CA ALA A 40 8.56 1.15 -5.33
C ALA A 40 7.36 1.24 -4.38
N ASP A 41 7.50 2.10 -3.39
CA ASP A 41 6.44 2.28 -2.40
C ASP A 41 5.18 2.80 -3.10
N ARG A 42 5.39 3.76 -3.99
CA ARG A 42 4.29 4.36 -4.73
C ARG A 42 3.61 3.30 -5.60
N VAL A 43 4.43 2.63 -6.41
CA VAL A 43 3.92 1.60 -7.30
C VAL A 43 2.90 0.74 -6.55
N ILE A 44 3.30 0.30 -5.37
CA ILE A 44 2.43 -0.53 -4.55
C ILE A 44 1.13 0.24 -4.27
N LEU A 45 1.29 1.42 -3.72
CA LEU A 45 0.14 2.27 -3.40
C LEU A 45 -0.75 2.41 -4.63
N THR A 46 -0.12 2.26 -5.79
CA THR A 46 -0.84 2.36 -7.05
C THR A 46 -1.46 1.01 -7.42
N MET A 47 -0.62 -0.01 -7.42
CA MET A 47 -1.07 -1.35 -7.76
C MET A 47 -2.09 -1.86 -6.74
N CYS A 48 -1.68 -1.84 -5.48
CA CYS A 48 -2.54 -2.29 -4.41
C CYS A 48 -3.87 -1.53 -4.49
N GLN A 49 -3.80 -0.38 -5.16
CA GLN A 49 -4.98 0.46 -5.32
C GLN A 49 -5.76 0.03 -6.56
N GLU A 50 -5.13 0.20 -7.71
CA GLU A 50 -5.75 -0.17 -8.97
C GLU A 50 -6.08 -1.66 -8.99
N GLN A 51 -5.06 -2.47 -8.84
CA GLN A 51 -5.22 -3.91 -8.84
C GLN A 51 -5.93 -4.35 -7.55
N GLY A 52 -5.65 -3.63 -6.48
CA GLY A 52 -6.25 -3.95 -5.19
C GLY A 52 -5.21 -4.55 -4.24
N ALA A 53 -5.40 -4.27 -2.96
CA ALA A 53 -4.50 -4.78 -1.95
C ALA A 53 -4.73 -6.29 -1.77
N GLN A 54 -4.17 -7.04 -2.70
CA GLN A 54 -4.31 -8.49 -2.66
C GLN A 54 -2.93 -9.16 -2.73
N PRO A 55 -2.88 -10.42 -2.23
CA PRO A 55 -1.64 -11.18 -2.22
C PRO A 55 -1.29 -11.68 -3.62
N HIS A 56 -2.19 -11.39 -4.55
CA HIS A 56 -2.00 -11.81 -5.93
C HIS A 56 -1.32 -10.69 -6.72
N THR A 57 -1.37 -9.49 -6.14
CA THR A 57 -0.77 -8.33 -6.78
C THR A 57 0.70 -8.21 -6.39
N PHE A 58 0.99 -8.53 -5.14
CA PHE A 58 2.34 -8.46 -4.63
C PHE A 58 3.29 -9.23 -5.54
N SER A 59 2.76 -10.27 -6.17
CA SER A 59 3.56 -11.09 -7.06
C SER A 59 3.87 -10.32 -8.34
N VAL A 60 3.12 -9.26 -8.56
CA VAL A 60 3.29 -8.43 -9.74
C VAL A 60 4.26 -7.29 -9.40
N ILE A 61 3.97 -6.63 -8.30
CA ILE A 61 4.81 -5.51 -7.87
C ILE A 61 6.23 -6.01 -7.63
N SER A 62 6.33 -7.18 -7.03
CA SER A 62 7.63 -7.78 -6.75
C SER A 62 8.50 -7.76 -8.01
N GLN A 63 7.89 -8.19 -9.12
CA GLN A 63 8.58 -8.24 -10.39
C GLN A 63 8.82 -6.81 -10.91
N GLN A 64 7.85 -5.95 -10.64
CA GLN A 64 7.94 -4.57 -11.09
C GLN A 64 9.13 -3.88 -10.41
N LEU A 65 9.25 -4.11 -9.11
CA LEU A 65 10.33 -3.51 -8.34
C LEU A 65 11.67 -3.85 -9.01
N GLY A 66 11.83 -5.13 -9.31
CA GLY A 66 13.06 -5.60 -9.94
C GLY A 66 13.46 -6.97 -9.41
N ASN A 67 13.63 -7.05 -8.10
CA ASN A 67 14.01 -8.29 -7.46
C ASN A 67 13.35 -8.37 -6.08
N LYS A 68 12.31 -7.57 -5.91
CA LYS A 68 11.58 -7.55 -4.64
C LYS A 68 10.71 -8.80 -4.54
N THR A 69 10.43 -9.17 -3.30
CA THR A 69 9.61 -10.35 -3.05
C THR A 69 8.16 -9.94 -2.80
N PRO A 70 7.23 -10.92 -3.02
CA PRO A 70 5.82 -10.68 -2.83
C PRO A 70 5.47 -10.64 -1.34
N VAL A 71 6.39 -11.13 -0.53
CA VAL A 71 6.19 -11.15 0.91
C VAL A 71 6.54 -9.78 1.49
N GLU A 72 7.66 -9.25 1.02
CA GLU A 72 8.12 -7.94 1.49
C GLU A 72 7.17 -6.84 0.99
N VAL A 73 6.82 -6.95 -0.28
CA VAL A 73 5.93 -5.97 -0.88
C VAL A 73 4.70 -5.77 0.01
N SER A 74 4.20 -6.89 0.52
CA SER A 74 3.04 -6.85 1.40
C SER A 74 3.41 -6.23 2.74
N HIS A 75 4.52 -6.71 3.30
CA HIS A 75 4.99 -6.22 4.57
C HIS A 75 5.19 -4.70 4.49
N ARG A 76 5.46 -4.24 3.29
CA ARG A 76 5.67 -2.81 3.06
C ARG A 76 4.34 -2.07 3.06
N PHE A 77 3.33 -2.73 2.52
CA PHE A 77 2.00 -2.14 2.45
C PHE A 77 1.39 -1.99 3.85
N ARG A 78 1.38 -3.09 4.58
CA ARG A 78 0.85 -3.10 5.93
C ARG A 78 1.58 -2.07 6.80
N GLU A 79 2.78 -1.73 6.37
CA GLU A 79 3.60 -0.76 7.08
C GLU A 79 3.18 0.66 6.70
N LEU A 80 3.13 0.91 5.40
CA LEU A 80 2.75 2.21 4.89
C LEU A 80 1.54 2.73 5.67
N MET A 81 0.68 1.80 6.04
CA MET A 81 -0.52 2.14 6.78
C MET A 81 -0.24 2.16 8.29
N GLN A 82 0.69 1.33 8.70
CA GLN A 82 1.06 1.25 10.10
C GLN A 82 1.63 2.58 10.59
N LEU A 83 2.45 3.18 9.73
CA LEU A 83 3.06 4.46 10.06
C LEU A 83 1.98 5.54 10.08
N PHE A 84 1.17 5.54 9.04
CA PHE A 84 0.10 6.51 8.93
C PHE A 84 -0.80 6.50 10.16
N HIS A 85 -1.25 5.31 10.51
CA HIS A 85 -2.11 5.14 11.68
C HIS A 85 -1.45 5.79 12.89
N THR A 86 -0.28 5.28 13.24
CA THR A 86 0.45 5.80 14.38
C THR A 86 0.40 7.33 14.39
N ALA A 87 0.99 7.92 13.36
CA ALA A 87 1.02 9.37 13.24
C ALA A 87 1.76 9.96 14.45
N CYS A 88 3.04 9.68 14.52
CA CYS A 88 3.86 10.17 15.61
C CYS A 88 5.19 10.66 15.03
N GLU A 89 5.48 11.92 15.28
CA GLU A 89 6.71 12.53 14.79
C GLU A 89 7.88 12.16 15.71
N SER A 90 9.06 12.09 15.11
CA SER A 90 10.26 11.75 15.86
C SER A 90 10.82 13.01 16.54
N GLY A 91 11.78 12.78 17.44
CA GLY A 91 12.40 13.87 18.16
C GLY A 91 13.90 13.96 17.84
N PRO A 92 14.59 14.87 18.57
CA PRO A 92 16.01 15.07 18.37
C PRO A 92 16.82 13.91 18.98
N SER A 93 18.13 14.01 18.83
CA SER A 93 19.02 12.98 19.36
C SER A 93 19.62 13.44 20.67
N SER A 94 20.32 14.58 20.61
CA SER A 94 20.96 15.14 21.79
C SER A 94 21.19 16.63 21.60
N GLY A 95 20.70 17.40 22.56
CA GLY A 95 20.85 18.84 22.52
C GLY A 95 19.70 19.48 21.74
N GLY A 1 -9.57 -57.12 12.02
CA GLY A 1 -8.72 -57.27 10.86
C GLY A 1 -9.16 -56.34 9.74
N PRO A 2 -10.37 -56.62 9.18
CA PRO A 2 -10.91 -55.81 8.11
C PRO A 2 -11.42 -54.47 8.63
N SER A 3 -11.89 -53.64 7.70
CA SER A 3 -12.40 -52.34 8.06
C SER A 3 -12.83 -51.59 6.80
N GLY A 4 -13.50 -50.46 7.02
CA GLY A 4 -13.97 -49.64 5.91
C GLY A 4 -14.54 -48.31 6.42
N SER A 5 -14.79 -47.42 5.47
CA SER A 5 -15.33 -46.12 5.80
C SER A 5 -15.52 -45.29 4.53
N SER A 6 -16.21 -44.16 4.69
CA SER A 6 -16.47 -43.28 3.56
C SER A 6 -17.31 -42.08 4.02
N GLY A 7 -17.28 -41.03 3.22
CA GLY A 7 -18.04 -39.84 3.53
C GLY A 7 -17.84 -38.77 2.45
N ALA A 8 -18.87 -37.96 2.26
CA ALA A 8 -18.82 -36.90 1.26
C ALA A 8 -20.06 -36.02 1.40
N GLY A 9 -19.86 -34.73 1.21
CA GLY A 9 -20.95 -33.78 1.30
C GLY A 9 -20.50 -32.37 0.89
N ALA A 10 -21.45 -31.62 0.36
CA ALA A 10 -21.16 -30.26 -0.08
C ALA A 10 -22.45 -29.59 -0.55
N LEU A 11 -23.15 -29.00 0.41
CA LEU A 11 -24.41 -28.33 0.11
C LEU A 11 -24.78 -27.40 1.27
N PRO A 12 -25.67 -26.43 0.96
CA PRO A 12 -26.22 -26.31 -0.38
C PRO A 12 -25.19 -25.71 -1.34
N LYS A 13 -24.50 -24.69 -0.85
CA LYS A 13 -23.49 -24.02 -1.65
C LYS A 13 -22.98 -22.78 -0.90
N ALA A 14 -23.92 -21.89 -0.60
CA ALA A 14 -23.59 -20.67 0.10
C ALA A 14 -22.56 -19.88 -0.71
N SER A 15 -22.53 -18.57 -0.45
CA SER A 15 -21.60 -17.70 -1.15
C SER A 15 -21.25 -16.49 -0.28
N GLU A 16 -20.27 -15.74 -0.73
CA GLU A 16 -19.83 -14.56 0.00
C GLU A 16 -20.57 -13.32 -0.50
N ALA A 17 -20.45 -12.25 0.27
CA ALA A 17 -21.10 -11.00 -0.08
C ALA A 17 -20.25 -9.83 0.42
N THR A 18 -20.04 -8.86 -0.47
CA THR A 18 -19.24 -7.69 -0.13
C THR A 18 -20.03 -6.41 -0.43
N VAL A 19 -19.97 -5.49 0.52
CA VAL A 19 -20.66 -4.22 0.37
C VAL A 19 -19.90 -3.13 1.13
N CYS A 20 -20.31 -1.89 0.89
CA CYS A 20 -19.68 -0.76 1.54
C CYS A 20 -18.24 -0.65 1.03
N ALA A 21 -17.67 0.54 1.21
CA ALA A 21 -16.30 0.78 0.78
C ALA A 21 -15.71 1.92 1.61
N ASN A 22 -14.39 2.01 1.56
CA ASN A 22 -13.69 3.04 2.31
C ASN A 22 -13.73 4.35 1.51
N ASN A 23 -13.54 5.45 2.23
CA ASN A 23 -13.56 6.76 1.62
C ASN A 23 -12.12 7.18 1.28
N SER A 24 -12.02 8.23 0.47
CA SER A 24 -10.72 8.74 0.07
C SER A 24 -10.05 9.43 1.26
N LYS A 25 -8.73 9.59 1.13
CA LYS A 25 -7.96 10.23 2.18
C LYS A 25 -7.14 11.37 1.59
N VAL A 26 -6.77 12.31 2.45
CA VAL A 26 -5.99 13.45 2.01
C VAL A 26 -4.66 13.48 2.77
N SER A 27 -3.76 14.33 2.30
CA SER A 27 -2.45 14.46 2.93
C SER A 27 -1.66 13.16 2.75
N SER A 28 -0.39 13.31 2.43
CA SER A 28 0.48 12.16 2.24
C SER A 28 1.92 12.53 2.58
N THR A 29 2.23 12.46 3.88
CA THR A 29 3.56 12.78 4.35
C THR A 29 4.35 11.50 4.63
N GLY A 30 5.35 11.27 3.79
CA GLY A 30 6.19 10.08 3.93
C GLY A 30 7.64 10.39 3.54
N GLU A 31 8.56 9.88 4.34
CA GLU A 31 9.97 10.09 4.08
C GLU A 31 10.81 9.01 4.78
N LYS A 32 11.34 8.11 3.96
CA LYS A 32 12.15 7.02 4.49
C LYS A 32 12.79 6.26 3.32
N VAL A 33 14.10 6.38 3.22
CA VAL A 33 14.85 5.71 2.16
C VAL A 33 16.07 5.01 2.76
N VAL A 34 16.24 3.76 2.37
CA VAL A 34 17.36 2.98 2.85
C VAL A 34 17.53 1.74 1.96
N LEU A 35 16.42 1.10 1.67
CA LEU A 35 16.44 -0.09 0.83
C LEU A 35 15.39 0.05 -0.27
N TRP A 36 14.18 0.42 0.15
CA TRP A 36 13.08 0.60 -0.78
C TRP A 36 13.24 1.96 -1.45
N THR A 37 12.49 2.14 -2.54
CA THR A 37 12.54 3.40 -3.27
C THR A 37 11.14 4.00 -3.39
N ARG A 38 11.09 5.32 -3.30
CA ARG A 38 9.82 6.02 -3.39
C ARG A 38 8.94 5.40 -4.47
N GLU A 39 9.41 5.49 -5.71
CA GLU A 39 8.68 4.95 -6.83
C GLU A 39 8.07 3.59 -6.45
N ALA A 40 8.91 2.74 -5.88
CA ALA A 40 8.46 1.41 -5.47
C ALA A 40 7.35 1.56 -4.42
N ASP A 41 7.59 2.46 -3.48
CA ASP A 41 6.63 2.70 -2.42
C ASP A 41 5.31 3.16 -3.03
N ARG A 42 5.40 4.18 -3.88
CA ARG A 42 4.23 4.72 -4.54
C ARG A 42 3.59 3.66 -5.43
N VAL A 43 4.44 2.94 -6.16
CA VAL A 43 3.98 1.90 -7.06
C VAL A 43 2.95 1.02 -6.33
N ILE A 44 3.42 0.39 -5.25
CA ILE A 44 2.56 -0.47 -4.46
C ILE A 44 1.22 0.21 -4.23
N LEU A 45 1.30 1.44 -3.72
CA LEU A 45 0.11 2.22 -3.44
C LEU A 45 -0.76 2.29 -4.70
N THR A 46 -0.08 2.32 -5.85
CA THR A 46 -0.78 2.39 -7.11
C THR A 46 -1.31 1.00 -7.50
N MET A 47 -0.41 0.03 -7.48
CA MET A 47 -0.77 -1.34 -7.82
C MET A 47 -1.84 -1.87 -6.87
N CYS A 48 -1.52 -1.86 -5.59
CA CYS A 48 -2.43 -2.33 -4.57
C CYS A 48 -3.75 -1.57 -4.71
N GLN A 49 -3.66 -0.41 -5.36
CA GLN A 49 -4.83 0.42 -5.57
C GLN A 49 -5.57 -0.01 -6.84
N GLU A 50 -4.88 0.13 -7.97
CA GLU A 50 -5.46 -0.24 -9.25
C GLU A 50 -5.72 -1.75 -9.30
N GLN A 51 -4.65 -2.50 -9.14
CA GLN A 51 -4.74 -3.95 -9.17
C GLN A 51 -5.47 -4.46 -7.92
N GLY A 52 -5.26 -3.73 -6.83
CA GLY A 52 -5.87 -4.10 -5.57
C GLY A 52 -4.84 -4.62 -4.57
N ALA A 53 -5.10 -4.36 -3.30
CA ALA A 53 -4.19 -4.80 -2.25
C ALA A 53 -4.44 -6.28 -1.96
N GLN A 54 -4.33 -7.07 -3.01
CA GLN A 54 -4.53 -8.51 -2.89
C GLN A 54 -3.22 -9.19 -2.48
N PRO A 55 -3.34 -10.50 -2.11
CA PRO A 55 -2.19 -11.27 -1.69
C PRO A 55 -1.33 -11.66 -2.89
N HIS A 56 -2.01 -12.03 -3.97
CA HIS A 56 -1.31 -12.42 -5.19
C HIS A 56 -0.78 -11.18 -5.91
N THR A 57 -1.58 -10.12 -5.86
CA THR A 57 -1.21 -8.87 -6.50
C THR A 57 0.26 -8.53 -6.18
N PHE A 58 0.61 -8.72 -4.92
CA PHE A 58 1.96 -8.43 -4.47
C PHE A 58 2.99 -9.10 -5.38
N SER A 59 2.55 -10.17 -6.03
CA SER A 59 3.42 -10.92 -6.92
C SER A 59 3.72 -10.08 -8.16
N VAL A 60 2.89 -9.06 -8.37
CA VAL A 60 3.06 -8.18 -9.52
C VAL A 60 4.10 -7.11 -9.19
N ILE A 61 3.78 -6.33 -8.15
CA ILE A 61 4.68 -5.28 -7.72
C ILE A 61 6.09 -5.84 -7.54
N SER A 62 6.15 -7.02 -6.95
CA SER A 62 7.42 -7.68 -6.71
C SER A 62 8.26 -7.68 -7.99
N GLN A 63 7.58 -7.93 -9.09
CA GLN A 63 8.24 -7.95 -10.39
C GLN A 63 8.54 -6.54 -10.87
N GLN A 64 7.62 -5.64 -10.58
CA GLN A 64 7.78 -4.25 -10.98
C GLN A 64 9.00 -3.64 -10.28
N LEU A 65 9.14 -3.98 -9.00
CA LEU A 65 10.25 -3.47 -8.22
C LEU A 65 11.56 -3.82 -8.92
N GLY A 66 11.69 -5.09 -9.27
CA GLY A 66 12.90 -5.56 -9.93
C GLY A 66 13.31 -6.94 -9.42
N ASN A 67 13.52 -7.01 -8.12
CA ASN A 67 13.91 -8.25 -7.48
C ASN A 67 13.22 -8.38 -6.12
N LYS A 68 12.17 -7.59 -5.96
CA LYS A 68 11.42 -7.60 -4.72
C LYS A 68 10.46 -8.79 -4.72
N THR A 69 10.22 -9.32 -3.53
CA THR A 69 9.32 -10.45 -3.38
C THR A 69 7.93 -9.99 -2.94
N PRO A 70 6.93 -10.90 -3.11
CA PRO A 70 5.57 -10.60 -2.74
C PRO A 70 5.38 -10.64 -1.22
N VAL A 71 6.33 -11.30 -0.56
CA VAL A 71 6.29 -11.42 0.88
C VAL A 71 6.78 -10.12 1.51
N GLU A 72 7.66 -9.45 0.79
CA GLU A 72 8.22 -8.19 1.27
C GLU A 72 7.28 -7.03 0.93
N VAL A 73 6.73 -7.09 -0.27
CA VAL A 73 5.82 -6.06 -0.74
C VAL A 73 4.61 -6.01 0.19
N SER A 74 4.25 -7.18 0.72
CA SER A 74 3.11 -7.28 1.61
C SER A 74 3.50 -6.74 2.99
N HIS A 75 4.80 -6.62 3.21
CA HIS A 75 5.30 -6.13 4.48
C HIS A 75 5.47 -4.61 4.41
N ARG A 76 5.65 -4.13 3.19
CA ARG A 76 5.83 -2.71 2.97
C ARG A 76 4.46 -2.00 2.91
N PHE A 77 3.49 -2.73 2.39
CA PHE A 77 2.14 -2.18 2.27
C PHE A 77 1.46 -2.08 3.65
N ARG A 78 1.59 -3.16 4.41
CA ARG A 78 1.00 -3.21 5.73
C ARG A 78 1.65 -2.16 6.64
N GLU A 79 2.88 -1.82 6.30
CA GLU A 79 3.62 -0.83 7.07
C GLU A 79 3.16 0.58 6.71
N LEU A 80 3.08 0.83 5.42
CA LEU A 80 2.65 2.13 4.93
C LEU A 80 1.32 2.51 5.60
N MET A 81 0.35 1.63 5.43
CA MET A 81 -0.97 1.85 6.00
C MET A 81 -0.90 1.92 7.53
N GLN A 82 0.25 1.51 8.06
CA GLN A 82 0.46 1.51 9.49
C GLN A 82 0.96 2.88 9.95
N LEU A 83 2.01 3.35 9.29
CA LEU A 83 2.59 4.63 9.61
C LEU A 83 1.47 5.66 9.78
N PHE A 84 0.75 5.89 8.70
CA PHE A 84 -0.34 6.85 8.71
C PHE A 84 -1.28 6.58 9.89
N HIS A 85 -1.71 5.33 10.01
CA HIS A 85 -2.62 4.94 11.07
C HIS A 85 -2.16 5.58 12.39
N THR A 86 -0.98 5.19 12.83
CA THR A 86 -0.41 5.72 14.06
C THR A 86 -0.25 7.23 13.97
N ALA A 87 0.47 7.66 12.93
CA ALA A 87 0.71 9.07 12.71
C ALA A 87 1.45 9.65 13.92
N CYS A 88 2.72 9.94 13.72
CA CYS A 88 3.55 10.49 14.78
C CYS A 88 4.74 11.19 14.13
N GLU A 89 5.55 10.41 13.45
CA GLU A 89 6.73 10.94 12.78
C GLU A 89 7.70 11.51 13.81
N SER A 90 8.96 11.60 13.40
CA SER A 90 10.00 12.13 14.27
C SER A 90 10.07 11.30 15.56
N GLY A 91 10.63 10.11 15.42
CA GLY A 91 10.77 9.21 16.57
C GLY A 91 12.16 9.34 17.19
N PRO A 92 12.66 8.18 17.71
CA PRO A 92 13.97 8.14 18.34
C PRO A 92 15.08 8.20 17.29
N SER A 93 14.95 7.35 16.28
CA SER A 93 15.93 7.30 15.20
C SER A 93 15.24 7.45 13.85
N SER A 94 15.84 8.27 13.00
CA SER A 94 15.29 8.50 11.68
C SER A 94 16.33 9.25 10.81
N GLY A 95 15.99 9.37 9.53
CA GLY A 95 16.87 10.04 8.60
C GLY A 95 16.72 11.57 8.69
N GLY A 1 -42.02 -7.71 -50.08
CA GLY A 1 -41.23 -7.69 -48.86
C GLY A 1 -41.65 -6.53 -47.95
N PRO A 2 -42.60 -6.85 -47.02
CA PRO A 2 -43.08 -5.85 -46.09
C PRO A 2 -42.06 -5.56 -45.00
N SER A 3 -41.67 -6.61 -44.30
CA SER A 3 -40.69 -6.47 -43.23
C SER A 3 -41.33 -5.76 -42.03
N GLY A 4 -40.72 -5.96 -40.87
CA GLY A 4 -41.20 -5.34 -39.64
C GLY A 4 -40.57 -6.00 -38.42
N SER A 5 -40.13 -5.16 -37.50
CA SER A 5 -39.52 -5.65 -36.27
C SER A 5 -39.41 -4.51 -35.25
N SER A 6 -40.17 -4.66 -34.17
CA SER A 6 -40.17 -3.66 -33.12
C SER A 6 -40.23 -4.34 -31.74
N GLY A 7 -39.81 -3.60 -30.73
CA GLY A 7 -39.82 -4.11 -29.38
C GLY A 7 -38.99 -3.22 -28.44
N ALA A 8 -39.33 -3.28 -27.17
CA ALA A 8 -38.65 -2.49 -26.16
C ALA A 8 -39.00 -3.01 -24.78
N GLY A 9 -38.36 -2.41 -23.77
CA GLY A 9 -38.60 -2.79 -22.40
C GLY A 9 -37.36 -2.55 -21.54
N ALA A 10 -37.59 -2.44 -20.23
CA ALA A 10 -36.49 -2.21 -19.30
C ALA A 10 -36.97 -2.53 -17.88
N LEU A 11 -37.97 -1.76 -17.44
CA LEU A 11 -38.52 -1.96 -16.12
C LEU A 11 -38.62 -3.45 -15.82
N PRO A 12 -38.71 -3.76 -14.50
CA PRO A 12 -38.70 -2.73 -13.47
C PRO A 12 -37.29 -2.17 -13.28
N LYS A 13 -37.18 -1.26 -12.33
CA LYS A 13 -35.90 -0.63 -12.03
C LYS A 13 -35.99 0.10 -10.70
N ALA A 14 -34.89 0.07 -9.96
CA ALA A 14 -34.84 0.73 -8.68
C ALA A 14 -33.42 0.60 -8.10
N SER A 15 -33.06 1.56 -7.26
CA SER A 15 -31.75 1.56 -6.63
C SER A 15 -31.61 2.76 -5.71
N GLU A 16 -30.66 2.66 -4.79
CA GLU A 16 -30.41 3.73 -3.84
C GLU A 16 -29.20 3.40 -2.97
N ALA A 17 -28.52 4.46 -2.54
CA ALA A 17 -27.34 4.31 -1.71
C ALA A 17 -26.99 5.65 -1.07
N THR A 18 -26.30 5.56 0.07
CA THR A 18 -25.90 6.76 0.78
C THR A 18 -24.59 6.52 1.54
N VAL A 19 -23.53 7.13 1.04
CA VAL A 19 -22.22 6.98 1.66
C VAL A 19 -21.41 8.26 1.42
N CYS A 20 -20.63 8.62 2.43
CA CYS A 20 -19.80 9.81 2.34
C CYS A 20 -18.40 9.46 2.83
N ALA A 21 -17.43 10.23 2.37
CA ALA A 21 -16.05 10.02 2.75
C ALA A 21 -15.28 11.34 2.68
N ASN A 22 -14.23 11.42 3.47
CA ASN A 22 -13.40 12.62 3.50
C ASN A 22 -12.39 12.50 4.65
N ASN A 23 -11.13 12.73 4.30
CA ASN A 23 -10.06 12.65 5.27
C ASN A 23 -8.80 13.32 4.71
N SER A 24 -8.08 13.99 5.58
CA SER A 24 -6.86 14.67 5.18
C SER A 24 -5.80 14.53 6.26
N LYS A 25 -4.55 14.51 5.82
CA LYS A 25 -3.43 14.37 6.75
C LYS A 25 -2.25 15.19 6.22
N VAL A 26 -1.36 15.54 7.15
CA VAL A 26 -0.19 16.32 6.80
C VAL A 26 0.55 15.64 5.64
N SER A 27 0.97 16.45 4.69
CA SER A 27 1.69 15.94 3.53
C SER A 27 3.15 16.40 3.58
N SER A 28 3.96 15.77 2.74
CA SER A 28 5.37 16.10 2.68
C SER A 28 6.02 15.93 4.04
N THR A 29 7.34 16.04 4.06
CA THR A 29 8.09 15.90 5.29
C THR A 29 7.75 14.57 5.97
N GLY A 30 8.65 13.61 5.81
CA GLY A 30 8.45 12.30 6.41
C GLY A 30 9.71 11.44 6.26
N GLU A 31 9.52 10.24 5.74
CA GLU A 31 10.62 9.32 5.54
C GLU A 31 11.03 9.28 4.07
N LYS A 32 12.25 9.71 3.81
CA LYS A 32 12.76 9.72 2.44
C LYS A 32 14.18 9.15 2.44
N VAL A 33 14.40 8.19 1.55
CA VAL A 33 15.70 7.56 1.44
C VAL A 33 16.09 6.95 2.78
N VAL A 34 16.05 5.63 2.84
CA VAL A 34 16.40 4.91 4.05
C VAL A 34 16.60 3.43 3.73
N LEU A 35 15.69 2.90 2.92
CA LEU A 35 15.76 1.50 2.53
C LEU A 35 14.99 1.31 1.21
N TRP A 36 13.71 1.63 1.27
CA TRP A 36 12.85 1.49 0.11
C TRP A 36 12.80 2.85 -0.60
N THR A 37 12.43 2.81 -1.87
CA THR A 37 12.34 4.02 -2.67
C THR A 37 10.90 4.53 -2.68
N ARG A 38 10.70 5.62 -3.41
CA ARG A 38 9.38 6.22 -3.51
C ARG A 38 8.54 5.49 -4.56
N GLU A 39 9.01 5.57 -5.81
CA GLU A 39 8.31 4.91 -6.90
C GLU A 39 7.85 3.52 -6.48
N ALA A 40 8.79 2.75 -5.94
CA ALA A 40 8.49 1.40 -5.50
C ALA A 40 7.44 1.45 -4.38
N ASP A 41 7.61 2.43 -3.51
CA ASP A 41 6.69 2.60 -2.39
C ASP A 41 5.29 2.94 -2.93
N ARG A 42 5.28 3.84 -3.90
CA ARG A 42 4.03 4.26 -4.52
C ARG A 42 3.43 3.11 -5.34
N VAL A 43 4.26 2.55 -6.21
CA VAL A 43 3.83 1.45 -7.05
C VAL A 43 3.00 0.48 -6.22
N ILE A 44 3.50 0.17 -5.03
CA ILE A 44 2.81 -0.75 -4.14
C ILE A 44 1.37 -0.27 -3.94
N LEU A 45 1.26 0.94 -3.42
CA LEU A 45 -0.05 1.52 -3.16
C LEU A 45 -0.83 1.62 -4.48
N THR A 46 -0.15 2.13 -5.50
CA THR A 46 -0.76 2.27 -6.81
C THR A 46 -1.34 0.94 -7.27
N MET A 47 -0.47 -0.05 -7.35
CA MET A 47 -0.89 -1.38 -7.79
C MET A 47 -1.93 -1.96 -6.82
N CYS A 48 -1.59 -1.92 -5.55
CA CYS A 48 -2.48 -2.45 -4.53
C CYS A 48 -3.78 -1.61 -4.54
N GLN A 49 -3.69 -0.48 -5.21
CA GLN A 49 -4.84 0.42 -5.30
C GLN A 49 -5.66 0.08 -6.55
N GLU A 50 -5.05 0.28 -7.70
CA GLU A 50 -5.71 0.01 -8.96
C GLU A 50 -6.12 -1.46 -9.03
N GLN A 51 -5.13 -2.33 -8.94
CA GLN A 51 -5.37 -3.77 -8.99
C GLN A 51 -6.00 -4.24 -7.69
N GLY A 52 -5.60 -3.60 -6.60
CA GLY A 52 -6.12 -3.95 -5.29
C GLY A 52 -5.02 -4.56 -4.42
N ALA A 53 -5.15 -4.34 -3.12
CA ALA A 53 -4.18 -4.86 -2.17
C ALA A 53 -4.42 -6.36 -1.98
N GLN A 54 -4.35 -7.08 -3.09
CA GLN A 54 -4.55 -8.52 -3.06
C GLN A 54 -3.26 -9.23 -2.65
N PRO A 55 -3.39 -10.56 -2.37
CA PRO A 55 -2.25 -11.36 -1.97
C PRO A 55 -1.34 -11.66 -3.16
N HIS A 56 -1.97 -12.15 -4.23
CA HIS A 56 -1.24 -12.48 -5.44
C HIS A 56 -0.72 -11.20 -6.09
N THR A 57 -1.54 -10.16 -6.01
CA THR A 57 -1.17 -8.88 -6.60
C THR A 57 0.27 -8.53 -6.26
N PHE A 58 0.62 -8.74 -4.99
CA PHE A 58 1.97 -8.45 -4.53
C PHE A 58 3.01 -9.09 -5.44
N SER A 59 2.58 -10.10 -6.18
CA SER A 59 3.45 -10.81 -7.10
C SER A 59 3.79 -9.91 -8.29
N VAL A 60 3.00 -8.87 -8.45
CA VAL A 60 3.20 -7.93 -9.53
C VAL A 60 4.29 -6.93 -9.15
N ILE A 61 3.94 -6.03 -8.25
CA ILE A 61 4.87 -5.02 -7.78
C ILE A 61 6.25 -5.66 -7.56
N SER A 62 6.23 -6.80 -6.88
CA SER A 62 7.45 -7.53 -6.60
C SER A 62 8.35 -7.54 -7.85
N GLN A 63 7.75 -7.91 -8.96
CA GLN A 63 8.49 -7.97 -10.22
C GLN A 63 8.81 -6.55 -10.71
N GLN A 64 7.86 -5.66 -10.51
CA GLN A 64 8.03 -4.27 -10.92
C GLN A 64 9.27 -3.67 -10.25
N LEU A 65 9.41 -3.97 -8.97
CA LEU A 65 10.54 -3.46 -8.20
C LEU A 65 11.84 -3.91 -8.87
N GLY A 66 11.93 -5.21 -9.10
CA GLY A 66 13.11 -5.78 -9.73
C GLY A 66 13.36 -7.20 -9.23
N ASN A 67 13.80 -7.30 -7.99
CA ASN A 67 14.09 -8.58 -7.38
C ASN A 67 13.29 -8.72 -6.08
N LYS A 68 12.45 -7.73 -5.83
CA LYS A 68 11.62 -7.72 -4.64
C LYS A 68 10.68 -8.93 -4.67
N THR A 69 10.14 -9.25 -3.51
CA THR A 69 9.23 -10.38 -3.38
C THR A 69 7.83 -9.89 -2.99
N PRO A 70 6.83 -10.78 -3.19
CA PRO A 70 5.45 -10.45 -2.86
C PRO A 70 5.23 -10.50 -1.35
N VAL A 71 6.17 -11.15 -0.66
CA VAL A 71 6.08 -11.27 0.78
C VAL A 71 6.57 -9.97 1.43
N GLU A 72 7.56 -9.36 0.79
CA GLU A 72 8.12 -8.11 1.30
C GLU A 72 7.24 -6.94 0.87
N VAL A 73 6.81 -6.98 -0.39
CA VAL A 73 5.97 -5.92 -0.93
C VAL A 73 4.76 -5.71 -0.01
N SER A 74 4.23 -6.83 0.47
CA SER A 74 3.08 -6.78 1.36
C SER A 74 3.47 -6.17 2.70
N HIS A 75 4.68 -6.50 3.13
CA HIS A 75 5.19 -5.99 4.39
C HIS A 75 5.36 -4.47 4.30
N ARG A 76 5.70 -4.02 3.11
CA ARG A 76 5.90 -2.60 2.87
C ARG A 76 4.55 -1.89 2.73
N PHE A 77 3.57 -2.63 2.23
CA PHE A 77 2.24 -2.09 2.05
C PHE A 77 1.51 -1.96 3.38
N ARG A 78 1.62 -3.02 4.18
CA ARG A 78 0.98 -3.02 5.49
C ARG A 78 1.62 -1.99 6.41
N GLU A 79 2.86 -1.67 6.11
CA GLU A 79 3.59 -0.69 6.90
C GLU A 79 3.20 0.73 6.50
N LEU A 80 3.10 0.94 5.20
CA LEU A 80 2.72 2.25 4.67
C LEU A 80 1.39 2.67 5.29
N MET A 81 0.39 1.82 5.12
CA MET A 81 -0.93 2.09 5.66
C MET A 81 -0.90 2.18 7.18
N GLN A 82 0.21 1.74 7.75
CA GLN A 82 0.39 1.76 9.19
C GLN A 82 0.78 3.16 9.66
N LEU A 83 1.90 3.63 9.14
CA LEU A 83 2.39 4.96 9.50
C LEU A 83 1.21 5.92 9.58
N PHE A 84 0.54 6.08 8.44
CA PHE A 84 -0.61 6.97 8.37
C PHE A 84 -1.58 6.73 9.53
N HIS A 85 -1.99 5.47 9.66
CA HIS A 85 -2.91 5.09 10.72
C HIS A 85 -2.53 5.83 12.01
N THR A 86 -1.35 5.49 12.52
CA THR A 86 -0.85 6.10 13.74
C THR A 86 0.59 6.56 13.57
N ALA A 87 0.77 7.87 13.59
CA ALA A 87 2.10 8.44 13.44
C ALA A 87 2.26 9.61 14.41
N CYS A 88 1.63 10.72 14.04
CA CYS A 88 1.69 11.92 14.87
C CYS A 88 3.11 12.47 14.80
N GLU A 89 3.39 13.17 13.72
CA GLU A 89 4.71 13.76 13.53
C GLU A 89 4.64 15.28 13.63
N SER A 90 5.30 15.81 14.66
CA SER A 90 5.32 17.24 14.88
C SER A 90 6.72 17.70 15.27
N GLY A 91 7.37 18.39 14.35
CA GLY A 91 8.72 18.88 14.60
C GLY A 91 8.96 20.19 13.86
N PRO A 92 8.77 21.31 14.61
CA PRO A 92 8.97 22.64 14.04
C PRO A 92 10.46 22.95 13.88
N SER A 93 10.73 24.02 13.13
CA SER A 93 12.10 24.43 12.89
C SER A 93 12.23 25.95 13.06
N SER A 94 13.41 26.36 13.47
CA SER A 94 13.67 27.78 13.67
C SER A 94 15.13 27.99 14.08
N GLY A 95 15.96 28.25 13.07
CA GLY A 95 17.38 28.47 13.30
C GLY A 95 17.85 29.74 12.61
N GLY A 1 15.47 12.27 57.37
CA GLY A 1 14.95 10.97 56.96
C GLY A 1 15.64 10.47 55.70
N PRO A 2 15.53 9.14 55.47
CA PRO A 2 16.13 8.52 54.30
C PRO A 2 15.34 8.85 53.03
N SER A 3 15.82 8.31 51.92
CA SER A 3 15.16 8.52 50.64
C SER A 3 15.26 7.26 49.78
N GLY A 4 14.50 7.27 48.69
CA GLY A 4 14.48 6.14 47.78
C GLY A 4 15.06 6.53 46.42
N SER A 5 14.94 5.60 45.48
CA SER A 5 15.44 5.82 44.14
C SER A 5 14.79 4.84 43.16
N SER A 6 13.95 5.40 42.29
CA SER A 6 13.25 4.60 41.31
C SER A 6 14.01 4.63 39.97
N GLY A 7 13.55 3.79 39.06
CA GLY A 7 14.18 3.71 37.74
C GLY A 7 13.13 3.84 36.63
N ALA A 8 13.45 3.23 35.49
CA ALA A 8 12.54 3.26 34.36
C ALA A 8 12.61 1.92 33.62
N GLY A 9 11.69 1.76 32.69
CA GLY A 9 11.64 0.52 31.91
C GLY A 9 12.25 0.73 30.52
N ALA A 10 11.99 -0.24 29.65
CA ALA A 10 12.51 -0.18 28.30
C ALA A 10 11.71 -1.13 27.41
N LEU A 11 11.95 -1.02 26.11
CA LEU A 11 11.26 -1.85 25.14
C LEU A 11 9.76 -1.50 25.15
N PRO A 12 9.07 -1.92 24.05
CA PRO A 12 9.74 -2.65 22.98
C PRO A 12 10.59 -1.70 22.13
N LYS A 13 11.73 -2.22 21.68
CA LYS A 13 12.63 -1.44 20.85
C LYS A 13 12.03 -1.27 19.46
N ALA A 14 12.62 -0.35 18.71
CA ALA A 14 12.14 -0.07 17.36
C ALA A 14 13.33 0.33 16.48
N SER A 15 13.05 0.51 15.21
CA SER A 15 14.07 0.89 14.26
C SER A 15 14.81 2.14 14.75
N GLU A 16 16.02 2.31 14.25
CA GLU A 16 16.84 3.45 14.63
C GLU A 16 16.44 4.69 13.83
N ALA A 17 16.97 5.82 14.24
CA ALA A 17 16.68 7.09 13.57
C ALA A 17 17.69 8.14 14.00
N THR A 18 17.74 9.22 13.23
CA THR A 18 18.66 10.30 13.53
C THR A 18 20.11 9.81 13.46
N VAL A 19 21.02 10.76 13.25
CA VAL A 19 22.43 10.43 13.16
C VAL A 19 22.67 9.52 11.96
N CYS A 20 23.88 9.60 11.43
CA CYS A 20 24.24 8.79 10.28
C CYS A 20 23.47 9.31 9.06
N ALA A 21 22.17 9.13 9.10
CA ALA A 21 21.31 9.57 8.01
C ALA A 21 20.80 10.97 8.31
N ASN A 22 21.67 11.95 8.09
CA ASN A 22 21.32 13.34 8.33
C ASN A 22 21.53 14.14 7.05
N ASN A 23 22.75 14.07 6.54
CA ASN A 23 23.11 14.78 5.32
C ASN A 23 22.34 14.17 4.14
N SER A 24 21.74 15.04 3.34
CA SER A 24 20.98 14.60 2.18
C SER A 24 20.61 15.80 1.31
N LYS A 25 20.81 15.63 0.02
CA LYS A 25 20.49 16.69 -0.93
C LYS A 25 19.05 17.16 -0.70
N VAL A 26 18.85 18.46 -0.88
CA VAL A 26 17.54 19.05 -0.69
C VAL A 26 16.71 18.86 -1.97
N SER A 27 15.61 18.15 -1.81
CA SER A 27 14.73 17.88 -2.94
C SER A 27 13.38 17.36 -2.44
N SER A 28 13.45 16.25 -1.72
CA SER A 28 12.24 15.63 -1.18
C SER A 28 11.76 16.42 0.04
N THR A 29 10.51 16.18 0.41
CA THR A 29 9.92 16.85 1.55
C THR A 29 9.57 15.84 2.64
N GLY A 30 10.27 15.96 3.77
CA GLY A 30 10.05 15.07 4.89
C GLY A 30 9.97 13.62 4.42
N GLU A 31 11.07 13.15 3.85
CA GLU A 31 11.13 11.78 3.36
C GLU A 31 12.58 11.41 3.04
N LYS A 32 12.91 10.15 3.32
CA LYS A 32 14.25 9.66 3.06
C LYS A 32 14.17 8.43 2.16
N VAL A 33 15.30 8.12 1.54
CA VAL A 33 15.36 6.96 0.65
C VAL A 33 16.71 6.27 0.83
N VAL A 34 16.65 4.95 0.87
CA VAL A 34 17.85 4.15 1.04
C VAL A 34 17.51 2.66 0.88
N LEU A 35 16.45 2.26 1.56
CA LEU A 35 16.01 0.88 1.50
C LEU A 35 15.06 0.70 0.32
N TRP A 36 13.91 1.36 0.41
CA TRP A 36 12.92 1.29 -0.65
C TRP A 36 12.98 2.58 -1.45
N THR A 37 12.39 2.55 -2.63
CA THR A 37 12.37 3.71 -3.51
C THR A 37 10.92 4.19 -3.73
N ARG A 38 10.78 5.50 -3.80
CA ARG A 38 9.47 6.10 -4.02
C ARG A 38 8.67 5.26 -5.02
N GLU A 39 9.18 5.20 -6.24
CA GLU A 39 8.53 4.45 -7.29
C GLU A 39 7.95 3.15 -6.74
N ALA A 40 8.83 2.38 -6.10
CA ALA A 40 8.43 1.12 -5.51
C ALA A 40 7.36 1.36 -4.46
N ASP A 41 7.57 2.41 -3.68
CA ASP A 41 6.62 2.77 -2.62
C ASP A 41 5.27 3.07 -3.25
N ARG A 42 5.30 3.89 -4.28
CA ARG A 42 4.07 4.28 -4.97
C ARG A 42 3.48 3.07 -5.71
N VAL A 43 4.33 2.43 -6.51
CA VAL A 43 3.91 1.27 -7.27
C VAL A 43 3.00 0.40 -6.40
N ILE A 44 3.42 0.22 -5.16
CA ILE A 44 2.65 -0.59 -4.23
C ILE A 44 1.23 -0.03 -4.12
N LEU A 45 1.13 1.18 -3.64
CA LEU A 45 -0.16 1.83 -3.49
C LEU A 45 -0.87 1.86 -4.84
N THR A 46 -0.11 2.20 -5.87
CA THR A 46 -0.65 2.26 -7.21
C THR A 46 -1.36 0.96 -7.57
N MET A 47 -0.57 -0.10 -7.67
CA MET A 47 -1.11 -1.41 -8.00
C MET A 47 -2.10 -1.88 -6.93
N CYS A 48 -1.72 -1.64 -5.69
CA CYS A 48 -2.56 -2.03 -4.56
C CYS A 48 -3.87 -1.25 -4.65
N GLN A 49 -3.82 -0.15 -5.37
CA GLN A 49 -4.99 0.69 -5.54
C GLN A 49 -5.81 0.23 -6.75
N GLU A 50 -5.18 0.33 -7.91
CA GLU A 50 -5.84 -0.06 -9.15
C GLU A 50 -6.19 -1.55 -9.11
N GLN A 51 -5.17 -2.37 -8.94
CA GLN A 51 -5.36 -3.81 -8.88
C GLN A 51 -6.01 -4.20 -7.55
N GLY A 52 -5.70 -3.42 -6.53
CA GLY A 52 -6.25 -3.67 -5.21
C GLY A 52 -5.17 -4.24 -4.27
N ALA A 53 -5.41 -4.06 -2.97
CA ALA A 53 -4.48 -4.54 -1.97
C ALA A 53 -4.72 -6.04 -1.75
N GLN A 54 -4.15 -6.84 -2.64
CA GLN A 54 -4.29 -8.29 -2.55
C GLN A 54 -2.92 -8.96 -2.58
N PRO A 55 -2.87 -10.20 -2.03
CA PRO A 55 -1.64 -10.95 -1.99
C PRO A 55 -1.29 -11.52 -3.38
N HIS A 56 -2.27 -11.43 -4.27
CA HIS A 56 -2.08 -11.91 -5.63
C HIS A 56 -1.44 -10.82 -6.48
N THR A 57 -1.47 -9.61 -5.97
CA THR A 57 -0.90 -8.48 -6.67
C THR A 57 0.59 -8.34 -6.35
N PHE A 58 0.91 -8.52 -5.08
CA PHE A 58 2.29 -8.42 -4.62
C PHE A 58 3.21 -9.24 -5.53
N SER A 59 2.63 -10.22 -6.19
CA SER A 59 3.38 -11.08 -7.09
C SER A 59 3.88 -10.27 -8.29
N VAL A 60 3.11 -9.25 -8.64
CA VAL A 60 3.46 -8.40 -9.77
C VAL A 60 4.38 -7.28 -9.28
N ILE A 61 3.97 -6.63 -8.20
CA ILE A 61 4.74 -5.55 -7.63
C ILE A 61 6.20 -6.01 -7.43
N SER A 62 6.34 -7.10 -6.69
CA SER A 62 7.66 -7.65 -6.44
C SER A 62 8.52 -7.58 -7.70
N GLN A 63 7.95 -8.07 -8.79
CA GLN A 63 8.65 -8.07 -10.07
C GLN A 63 8.85 -6.63 -10.56
N GLN A 64 7.76 -5.88 -10.55
CA GLN A 64 7.81 -4.50 -10.99
C GLN A 64 8.89 -3.73 -10.23
N LEU A 65 9.07 -4.12 -8.98
CA LEU A 65 10.07 -3.48 -8.13
C LEU A 65 11.45 -3.65 -8.77
N GLY A 66 11.75 -4.90 -9.12
CA GLY A 66 13.04 -5.21 -9.74
C GLY A 66 13.54 -6.58 -9.28
N ASN A 67 13.74 -6.69 -7.98
CA ASN A 67 14.22 -7.94 -7.40
C ASN A 67 13.56 -8.14 -6.03
N LYS A 68 12.48 -7.42 -5.81
CA LYS A 68 11.76 -7.51 -4.56
C LYS A 68 11.04 -8.86 -4.48
N THR A 69 10.28 -9.04 -3.42
CA THR A 69 9.55 -10.27 -3.21
C THR A 69 8.07 -9.98 -2.93
N PRO A 70 7.22 -11.02 -3.13
CA PRO A 70 5.80 -10.87 -2.90
C PRO A 70 5.48 -10.88 -1.40
N VAL A 71 6.46 -11.31 -0.63
CA VAL A 71 6.31 -11.37 0.82
C VAL A 71 6.58 -9.99 1.41
N GLU A 72 7.67 -9.39 0.93
CA GLU A 72 8.06 -8.07 1.40
C GLU A 72 7.02 -7.03 1.01
N VAL A 73 6.66 -7.05 -0.26
CA VAL A 73 5.67 -6.12 -0.78
C VAL A 73 4.50 -6.03 0.19
N SER A 74 4.18 -7.16 0.80
CA SER A 74 3.09 -7.23 1.75
C SER A 74 3.50 -6.56 3.06
N HIS A 75 4.73 -6.83 3.47
CA HIS A 75 5.25 -6.26 4.70
C HIS A 75 5.40 -4.74 4.53
N ARG A 76 5.68 -4.34 3.30
CA ARG A 76 5.85 -2.92 3.00
C ARG A 76 4.49 -2.23 2.91
N PHE A 77 3.52 -2.97 2.38
CA PHE A 77 2.18 -2.44 2.24
C PHE A 77 1.51 -2.23 3.60
N ARG A 78 1.55 -3.29 4.41
CA ARG A 78 0.96 -3.23 5.74
C ARG A 78 1.66 -2.17 6.59
N GLU A 79 2.90 -1.88 6.21
CA GLU A 79 3.68 -0.89 6.93
C GLU A 79 3.25 0.52 6.51
N LEU A 80 3.19 0.72 5.21
CA LEU A 80 2.80 2.01 4.66
C LEU A 80 1.48 2.46 5.31
N MET A 81 0.49 1.58 5.21
CA MET A 81 -0.81 1.87 5.77
C MET A 81 -0.73 2.04 7.29
N GLN A 82 0.42 1.66 7.83
CA GLN A 82 0.64 1.77 9.26
C GLN A 82 1.23 3.14 9.61
N LEU A 83 2.29 3.49 8.89
CA LEU A 83 2.95 4.76 9.12
C LEU A 83 1.91 5.88 9.08
N PHE A 84 0.92 5.72 8.21
CA PHE A 84 -0.14 6.71 8.08
C PHE A 84 -1.03 6.71 9.31
N HIS A 85 -1.51 5.54 9.67
CA HIS A 85 -2.37 5.40 10.83
C HIS A 85 -1.66 5.92 12.08
N THR A 86 -0.55 5.27 12.39
CA THR A 86 0.24 5.65 13.56
C THR A 86 0.46 7.17 13.57
N ALA A 87 1.09 7.66 12.51
CA ALA A 87 1.37 9.07 12.38
C ALA A 87 2.22 9.53 13.58
N CYS A 88 3.52 9.60 13.33
CA CYS A 88 4.45 10.02 14.37
C CYS A 88 5.77 10.40 13.69
N GLU A 89 6.45 11.36 14.31
CA GLU A 89 7.71 11.84 13.79
C GLU A 89 7.54 12.36 12.36
N SER A 90 7.36 13.67 12.25
CA SER A 90 7.19 14.30 10.96
C SER A 90 7.39 15.82 11.08
N GLY A 91 8.29 16.33 10.26
CA GLY A 91 8.58 17.76 10.26
C GLY A 91 7.76 18.49 9.20
N PRO A 92 8.31 18.49 7.95
CA PRO A 92 7.63 19.16 6.85
C PRO A 92 6.44 18.33 6.36
N SER A 93 5.45 19.04 5.84
CA SER A 93 4.25 18.38 5.33
C SER A 93 3.76 19.10 4.07
N SER A 94 4.42 18.79 2.96
CA SER A 94 4.06 19.40 1.68
C SER A 94 3.89 20.91 1.84
N GLY A 95 5.02 21.60 1.77
CA GLY A 95 5.01 23.05 1.91
C GLY A 95 4.52 23.72 0.63
N GLY A 1 -13.20 -34.22 40.83
CA GLY A 1 -13.74 -35.02 39.76
C GLY A 1 -14.32 -34.15 38.65
N PRO A 2 -13.49 -33.91 37.61
CA PRO A 2 -13.92 -33.09 36.48
C PRO A 2 -14.89 -33.86 35.58
N SER A 3 -15.35 -33.17 34.55
CA SER A 3 -16.28 -33.77 33.61
C SER A 3 -15.66 -33.83 32.21
N GLY A 4 -16.33 -34.53 31.32
CA GLY A 4 -15.86 -34.68 29.95
C GLY A 4 -17.01 -34.63 28.96
N SER A 5 -16.68 -34.27 27.73
CA SER A 5 -17.68 -34.18 26.68
C SER A 5 -17.01 -33.77 25.37
N SER A 6 -17.76 -33.94 24.28
CA SER A 6 -17.26 -33.59 22.96
C SER A 6 -18.19 -32.58 22.30
N GLY A 7 -17.66 -31.92 21.28
CA GLY A 7 -18.43 -30.93 20.54
C GLY A 7 -18.03 -30.88 19.08
N ALA A 8 -18.11 -29.69 18.50
CA ALA A 8 -17.75 -29.50 17.11
C ALA A 8 -17.19 -28.10 16.92
N GLY A 9 -16.02 -28.04 16.28
CA GLY A 9 -15.37 -26.76 16.03
C GLY A 9 -16.02 -26.04 14.85
N ALA A 10 -15.46 -26.29 13.66
CA ALA A 10 -15.97 -25.67 12.45
C ALA A 10 -17.50 -25.87 12.39
N LEU A 11 -18.15 -24.92 11.74
CA LEU A 11 -19.60 -24.98 11.60
C LEU A 11 -20.25 -24.74 12.96
N PRO A 12 -21.52 -24.23 12.92
CA PRO A 12 -22.17 -23.96 11.64
C PRO A 12 -21.60 -22.69 11.00
N LYS A 13 -22.03 -22.45 9.77
CA LYS A 13 -21.57 -21.27 9.05
C LYS A 13 -21.97 -20.01 9.81
N ALA A 14 -21.26 -18.93 9.52
CA ALA A 14 -21.53 -17.66 10.17
C ALA A 14 -21.81 -16.59 9.11
N SER A 15 -22.17 -15.41 9.58
CA SER A 15 -22.48 -14.31 8.70
C SER A 15 -22.36 -12.98 9.44
N GLU A 16 -22.24 -11.91 8.67
CA GLU A 16 -22.12 -10.58 9.25
C GLU A 16 -22.63 -9.53 8.27
N ALA A 17 -22.74 -8.31 8.76
CA ALA A 17 -23.22 -7.20 7.95
C ALA A 17 -22.04 -6.58 7.20
N THR A 18 -22.36 -5.67 6.30
CA THR A 18 -21.35 -4.99 5.52
C THR A 18 -21.79 -3.57 5.18
N VAL A 19 -20.93 -2.61 5.52
CA VAL A 19 -21.21 -1.22 5.26
C VAL A 19 -20.04 -0.60 4.49
N CYS A 20 -20.01 -0.88 3.20
CA CYS A 20 -18.95 -0.36 2.35
C CYS A 20 -18.84 1.14 2.60
N ALA A 21 -17.62 1.58 2.88
CA ALA A 21 -17.36 2.98 3.14
C ALA A 21 -15.85 3.24 3.11
N ASN A 22 -15.32 3.32 1.91
CA ASN A 22 -13.90 3.56 1.73
C ASN A 22 -13.59 5.01 2.05
N ASN A 23 -12.34 5.26 2.41
CA ASN A 23 -11.89 6.61 2.75
C ASN A 23 -10.74 7.01 1.82
N SER A 24 -10.69 8.29 1.53
CA SER A 24 -9.64 8.83 0.67
C SER A 24 -9.13 10.16 1.21
N LYS A 25 -7.82 10.26 1.32
CA LYS A 25 -7.20 11.48 1.83
C LYS A 25 -5.69 11.42 1.54
N VAL A 26 -5.04 12.55 1.81
CA VAL A 26 -3.61 12.65 1.58
C VAL A 26 -2.91 12.92 2.91
N SER A 27 -1.70 12.41 3.03
CA SER A 27 -0.91 12.58 4.23
C SER A 27 0.58 12.47 3.92
N SER A 28 1.31 13.52 4.28
CA SER A 28 2.74 13.55 4.04
C SER A 28 3.37 14.74 4.76
N THR A 29 4.41 14.45 5.52
CA THR A 29 5.11 15.48 6.28
C THR A 29 6.55 15.06 6.56
N GLY A 30 7.28 14.81 5.49
CA GLY A 30 8.67 14.39 5.61
C GLY A 30 8.99 13.25 4.64
N GLU A 31 10.28 13.09 4.37
CA GLU A 31 10.73 12.05 3.46
C GLU A 31 11.94 11.32 4.05
N LYS A 32 12.12 10.09 3.60
CA LYS A 32 13.24 9.29 4.07
C LYS A 32 13.54 8.20 3.03
N VAL A 33 14.83 8.03 2.77
CA VAL A 33 15.28 7.03 1.81
C VAL A 33 16.44 6.24 2.40
N VAL A 34 16.46 4.96 2.07
CA VAL A 34 17.51 4.08 2.56
C VAL A 34 17.32 2.67 1.98
N LEU A 35 16.08 2.20 2.07
CA LEU A 35 15.76 0.88 1.56
C LEU A 35 14.73 1.02 0.43
N TRP A 36 13.49 1.28 0.83
CA TRP A 36 12.42 1.43 -0.13
C TRP A 36 12.53 2.83 -0.74
N THR A 37 11.92 2.98 -1.91
CA THR A 37 11.93 4.27 -2.60
C THR A 37 10.51 4.73 -2.90
N ARG A 38 10.38 6.03 -3.14
CA ARG A 38 9.09 6.61 -3.44
C ARG A 38 8.36 5.76 -4.49
N GLU A 39 8.96 5.69 -5.66
CA GLU A 39 8.39 4.92 -6.76
C GLU A 39 7.74 3.64 -6.23
N ALA A 40 8.59 2.72 -5.82
CA ALA A 40 8.12 1.45 -5.29
C ALA A 40 7.03 1.71 -4.23
N ASP A 41 7.35 2.62 -3.32
CA ASP A 41 6.42 2.97 -2.26
C ASP A 41 5.07 3.30 -2.88
N ARG A 42 5.11 4.05 -3.97
CA ARG A 42 3.89 4.45 -4.66
C ARG A 42 3.31 3.26 -5.43
N VAL A 43 4.14 2.68 -6.28
CA VAL A 43 3.71 1.54 -7.08
C VAL A 43 2.87 0.61 -6.21
N ILE A 44 3.37 0.33 -5.02
CA ILE A 44 2.67 -0.55 -4.10
C ILE A 44 1.23 -0.05 -3.93
N LEU A 45 1.12 1.18 -3.44
CA LEU A 45 -0.19 1.78 -3.22
C LEU A 45 -0.95 1.83 -4.54
N THR A 46 -0.26 2.28 -5.58
CA THR A 46 -0.85 2.37 -6.90
C THR A 46 -1.48 1.04 -7.30
N MET A 47 -0.62 0.04 -7.43
CA MET A 47 -1.07 -1.29 -7.80
C MET A 47 -2.04 -1.85 -6.77
N CYS A 48 -1.69 -1.68 -5.51
CA CYS A 48 -2.52 -2.17 -4.42
C CYS A 48 -3.86 -1.42 -4.47
N GLN A 49 -3.83 -0.29 -5.15
CA GLN A 49 -5.03 0.53 -5.28
C GLN A 49 -5.84 0.11 -6.51
N GLU A 50 -5.21 0.27 -7.67
CA GLU A 50 -5.85 -0.08 -8.93
C GLU A 50 -6.19 -1.57 -8.94
N GLN A 51 -5.16 -2.39 -8.81
CA GLN A 51 -5.34 -3.83 -8.81
C GLN A 51 -5.98 -4.29 -7.48
N GLY A 52 -5.67 -3.54 -6.43
CA GLY A 52 -6.19 -3.85 -5.12
C GLY A 52 -5.10 -4.43 -4.21
N ALA A 53 -5.28 -4.22 -2.92
CA ALA A 53 -4.33 -4.72 -1.93
C ALA A 53 -4.55 -6.21 -1.73
N GLN A 54 -4.07 -7.00 -2.67
CA GLN A 54 -4.20 -8.44 -2.61
C GLN A 54 -2.83 -9.11 -2.69
N PRO A 55 -2.77 -10.36 -2.16
CA PRO A 55 -1.53 -11.12 -2.16
C PRO A 55 -1.22 -11.66 -3.57
N HIS A 56 -2.18 -11.46 -4.46
CA HIS A 56 -2.02 -11.92 -5.83
C HIS A 56 -1.41 -10.82 -6.67
N THR A 57 -1.43 -9.60 -6.12
CA THR A 57 -0.88 -8.46 -6.81
C THR A 57 0.61 -8.31 -6.50
N PHE A 58 0.95 -8.56 -5.25
CA PHE A 58 2.34 -8.46 -4.81
C PHE A 58 3.26 -9.24 -5.74
N SER A 59 2.71 -10.30 -6.32
CA SER A 59 3.48 -11.13 -7.23
C SER A 59 3.85 -10.33 -8.48
N VAL A 60 3.12 -9.24 -8.70
CA VAL A 60 3.36 -8.39 -9.84
C VAL A 60 4.34 -7.28 -9.44
N ILE A 61 4.02 -6.62 -8.34
CA ILE A 61 4.85 -5.53 -7.84
C ILE A 61 6.24 -6.09 -7.51
N SER A 62 6.25 -7.27 -6.92
CA SER A 62 7.49 -7.91 -6.55
C SER A 62 8.43 -7.98 -7.75
N GLN A 63 7.83 -8.20 -8.92
CA GLN A 63 8.60 -8.29 -10.15
C GLN A 63 8.91 -6.88 -10.68
N GLN A 64 7.93 -6.01 -10.55
CA GLN A 64 8.09 -4.64 -11.01
C GLN A 64 9.25 -3.96 -10.28
N LEU A 65 9.34 -4.26 -8.99
CA LEU A 65 10.40 -3.68 -8.17
C LEU A 65 11.76 -4.01 -8.78
N GLY A 66 11.93 -5.29 -9.08
CA GLY A 66 13.18 -5.75 -9.67
C GLY A 66 13.65 -7.05 -9.03
N ASN A 67 13.88 -6.99 -7.72
CA ASN A 67 14.32 -8.15 -6.98
C ASN A 67 13.54 -8.25 -5.67
N LYS A 68 12.44 -7.51 -5.61
CA LYS A 68 11.60 -7.50 -4.43
C LYS A 68 10.70 -8.74 -4.45
N THR A 69 10.48 -9.28 -3.25
CA THR A 69 9.65 -10.46 -3.11
C THR A 69 8.19 -10.05 -2.91
N PRO A 70 7.27 -11.03 -3.16
CA PRO A 70 5.84 -10.79 -3.01
C PRO A 70 5.45 -10.76 -1.53
N VAL A 71 6.35 -11.27 -0.70
CA VAL A 71 6.11 -11.31 0.74
C VAL A 71 6.46 -9.94 1.34
N GLU A 72 7.42 -9.28 0.71
CA GLU A 72 7.85 -7.97 1.18
C GLU A 72 6.84 -6.90 0.76
N VAL A 73 6.46 -6.96 -0.51
CA VAL A 73 5.51 -6.00 -1.05
C VAL A 73 4.33 -5.86 -0.08
N SER A 74 3.97 -6.98 0.53
CA SER A 74 2.87 -7.00 1.48
C SER A 74 3.32 -6.39 2.81
N HIS A 75 4.49 -6.81 3.26
CA HIS A 75 5.04 -6.33 4.50
C HIS A 75 5.26 -4.82 4.42
N ARG A 76 5.64 -4.38 3.22
CA ARG A 76 5.89 -2.96 2.99
C ARG A 76 4.56 -2.20 2.91
N PHE A 77 3.61 -2.80 2.20
CA PHE A 77 2.31 -2.19 2.04
C PHE A 77 1.65 -1.92 3.39
N ARG A 78 1.60 -2.97 4.21
CA ARG A 78 1.00 -2.86 5.53
C ARG A 78 1.78 -1.84 6.38
N GLU A 79 3.01 -1.60 5.97
CA GLU A 79 3.86 -0.65 6.68
C GLU A 79 3.58 0.78 6.21
N LEU A 80 3.36 0.90 4.90
CA LEU A 80 3.08 2.20 4.31
C LEU A 80 1.94 2.88 5.09
N MET A 81 1.07 2.04 5.63
CA MET A 81 -0.06 2.55 6.40
C MET A 81 0.31 2.70 7.88
N GLN A 82 1.22 1.84 8.33
CA GLN A 82 1.65 1.88 9.70
C GLN A 82 2.58 3.08 9.94
N LEU A 83 3.41 3.33 8.94
CA LEU A 83 4.35 4.45 9.02
C LEU A 83 3.56 5.75 9.17
N PHE A 84 2.64 5.96 8.25
CA PHE A 84 1.82 7.15 8.28
C PHE A 84 1.27 7.43 9.67
N HIS A 85 0.57 6.44 10.21
CA HIS A 85 -0.01 6.56 11.53
C HIS A 85 1.04 7.12 12.50
N THR A 86 2.10 6.35 12.67
CA THR A 86 3.18 6.75 13.56
C THR A 86 4.53 6.30 13.01
N ALA A 87 5.37 7.29 12.69
CA ALA A 87 6.68 7.00 12.15
C ALA A 87 7.71 7.93 12.82
N CYS A 88 7.51 9.22 12.62
CA CYS A 88 8.41 10.21 13.19
C CYS A 88 9.83 9.84 12.80
N GLU A 89 10.23 10.31 11.62
CA GLU A 89 11.57 10.03 11.12
C GLU A 89 12.41 11.30 11.16
N SER A 90 13.40 11.29 12.04
CA SER A 90 14.29 12.43 12.19
C SER A 90 15.75 11.98 12.09
N GLY A 91 16.25 11.97 10.85
CA GLY A 91 17.62 11.57 10.61
C GLY A 91 18.56 12.10 11.69
N PRO A 92 18.89 11.19 12.65
CA PRO A 92 19.77 11.55 13.75
C PRO A 92 21.23 11.64 13.28
N SER A 93 21.44 12.49 12.28
CA SER A 93 22.77 12.67 11.72
C SER A 93 22.72 13.66 10.56
N SER A 94 23.28 14.84 10.79
CA SER A 94 23.31 15.87 9.77
C SER A 94 24.25 15.47 8.63
N GLY A 95 23.76 15.64 7.41
CA GLY A 95 24.54 15.30 6.24
C GLY A 95 25.39 16.48 5.77
N GLY A 1 -20.05 -31.14 15.42
CA GLY A 1 -19.02 -30.78 16.38
C GLY A 1 -18.28 -29.52 15.95
N PRO A 2 -18.73 -28.37 16.50
CA PRO A 2 -18.11 -27.09 16.18
C PRO A 2 -16.78 -26.93 16.88
N SER A 3 -15.89 -26.18 16.24
CA SER A 3 -14.56 -25.95 16.80
C SER A 3 -14.20 -24.47 16.70
N GLY A 4 -13.10 -24.11 17.34
CA GLY A 4 -12.64 -22.73 17.32
C GLY A 4 -11.20 -22.64 17.83
N SER A 5 -10.71 -21.40 17.88
CA SER A 5 -9.35 -21.16 18.34
C SER A 5 -9.29 -19.84 19.13
N SER A 6 -9.71 -18.77 18.46
CA SER A 6 -9.71 -17.45 19.07
C SER A 6 -8.28 -17.04 19.42
N GLY A 7 -8.03 -15.75 19.32
CA GLY A 7 -6.71 -15.21 19.63
C GLY A 7 -6.82 -13.89 20.39
N ALA A 8 -5.66 -13.33 20.71
CA ALA A 8 -5.61 -12.07 21.44
C ALA A 8 -4.16 -11.60 21.54
N GLY A 9 -3.83 -10.64 20.70
CA GLY A 9 -2.48 -10.10 20.68
C GLY A 9 -2.48 -8.61 21.03
N ALA A 10 -1.52 -8.22 21.85
CA ALA A 10 -1.39 -6.83 22.26
C ALA A 10 0.08 -6.51 22.53
N LEU A 11 0.68 -7.32 23.39
CA LEU A 11 2.07 -7.13 23.74
C LEU A 11 2.93 -8.14 22.96
N PRO A 12 4.26 -7.83 22.88
CA PRO A 12 4.78 -6.62 23.49
C PRO A 12 4.39 -5.38 22.67
N LYS A 13 4.81 -4.23 23.17
CA LYS A 13 4.52 -2.97 22.50
C LYS A 13 5.77 -2.50 21.75
N ALA A 14 5.57 -1.50 20.90
CA ALA A 14 6.66 -0.95 20.12
C ALA A 14 6.49 0.57 20.01
N SER A 15 7.60 1.23 19.72
CA SER A 15 7.59 2.68 19.59
C SER A 15 7.88 3.08 18.15
N GLU A 16 7.48 4.30 17.81
CA GLU A 16 7.69 4.80 16.46
C GLU A 16 8.44 6.14 16.51
N ALA A 17 9.44 6.24 15.66
CA ALA A 17 10.25 7.46 15.59
C ALA A 17 9.84 8.26 14.36
N THR A 18 10.28 9.51 14.33
CA THR A 18 9.97 10.40 13.22
C THR A 18 8.46 10.61 13.12
N VAL A 19 8.09 11.85 12.85
CA VAL A 19 6.68 12.21 12.73
C VAL A 19 6.08 11.42 11.57
N CYS A 20 6.81 11.39 10.46
CA CYS A 20 6.34 10.68 9.28
C CYS A 20 4.87 11.03 9.05
N ALA A 21 4.65 12.28 8.68
CA ALA A 21 3.30 12.76 8.43
C ALA A 21 3.36 14.08 7.67
N ASN A 22 2.48 14.21 6.70
CA ASN A 22 2.42 15.41 5.89
C ASN A 22 3.77 15.62 5.19
N ASN A 23 3.77 16.55 4.25
CA ASN A 23 4.98 16.85 3.50
C ASN A 23 5.48 15.58 2.81
N SER A 24 5.29 15.54 1.50
CA SER A 24 5.72 14.40 0.72
C SER A 24 7.20 14.13 0.95
N LYS A 25 8.01 15.13 0.65
CA LYS A 25 9.45 15.01 0.83
C LYS A 25 9.82 15.36 2.27
N VAL A 26 10.12 14.32 3.03
CA VAL A 26 10.49 14.49 4.43
C VAL A 26 11.96 14.13 4.62
N SER A 27 12.58 14.78 5.59
CA SER A 27 13.99 14.54 5.88
C SER A 27 14.12 13.73 7.17
N SER A 28 14.11 12.41 7.02
CA SER A 28 14.22 11.52 8.16
C SER A 28 15.48 10.66 8.04
N THR A 29 16.38 10.84 8.99
CA THR A 29 17.62 10.09 9.00
C THR A 29 17.48 8.82 9.84
N GLY A 30 16.69 7.89 9.32
CA GLY A 30 16.47 6.63 10.02
C GLY A 30 16.99 5.45 9.19
N GLU A 31 16.18 4.41 9.12
CA GLU A 31 16.55 3.23 8.37
C GLU A 31 15.45 2.85 7.37
N LYS A 32 15.20 3.78 6.45
CA LYS A 32 14.18 3.57 5.45
C LYS A 32 14.41 4.54 4.28
N VAL A 33 15.67 4.66 3.90
CA VAL A 33 16.03 5.55 2.81
C VAL A 33 16.92 4.80 1.81
N VAL A 34 16.77 5.16 0.55
CA VAL A 34 17.55 4.53 -0.51
C VAL A 34 17.02 3.11 -0.74
N LEU A 35 17.10 2.31 0.32
CA LEU A 35 16.64 0.94 0.25
C LEU A 35 15.34 0.87 -0.56
N TRP A 36 14.40 1.73 -0.18
CA TRP A 36 13.12 1.78 -0.86
C TRP A 36 12.99 3.17 -1.50
N THR A 37 12.60 3.16 -2.77
CA THR A 37 12.44 4.40 -3.50
C THR A 37 10.95 4.76 -3.61
N ARG A 38 10.69 6.06 -3.74
CA ARG A 38 9.33 6.54 -3.86
C ARG A 38 8.53 5.66 -4.82
N GLU A 39 8.99 5.60 -6.05
CA GLU A 39 8.34 4.80 -7.07
C GLU A 39 7.84 3.49 -6.47
N ALA A 40 8.79 2.68 -6.03
CA ALA A 40 8.45 1.39 -5.43
C ALA A 40 7.33 1.59 -4.41
N ASP A 41 7.45 2.65 -3.63
CA ASP A 41 6.45 2.96 -2.62
C ASP A 41 5.12 3.29 -3.31
N ARG A 42 5.21 4.15 -4.31
CA ARG A 42 4.02 4.55 -5.06
C ARG A 42 3.40 3.35 -5.75
N VAL A 43 4.20 2.68 -6.57
CA VAL A 43 3.74 1.52 -7.30
C VAL A 43 2.86 0.66 -6.38
N ILE A 44 3.43 0.32 -5.24
CA ILE A 44 2.71 -0.50 -4.27
C ILE A 44 1.29 0.05 -4.11
N LEU A 45 1.21 1.28 -3.64
CA LEU A 45 -0.08 1.92 -3.43
C LEU A 45 -0.85 1.94 -4.75
N THR A 46 -0.19 2.43 -5.78
CA THR A 46 -0.80 2.50 -7.10
C THR A 46 -1.44 1.17 -7.46
N MET A 47 -0.61 0.16 -7.62
CA MET A 47 -1.08 -1.17 -7.97
C MET A 47 -2.07 -1.69 -6.92
N CYS A 48 -1.62 -1.66 -5.67
CA CYS A 48 -2.45 -2.12 -4.57
C CYS A 48 -3.79 -1.37 -4.62
N GLN A 49 -3.75 -0.22 -5.28
CA GLN A 49 -4.94 0.60 -5.42
C GLN A 49 -5.72 0.22 -6.68
N GLU A 50 -5.06 0.38 -7.82
CA GLU A 50 -5.68 0.07 -9.09
C GLU A 50 -5.98 -1.44 -9.17
N GLN A 51 -4.93 -2.23 -9.04
CA GLN A 51 -5.06 -3.68 -9.08
C GLN A 51 -5.71 -4.19 -7.80
N GLY A 52 -5.43 -3.49 -6.70
CA GLY A 52 -5.97 -3.86 -5.42
C GLY A 52 -4.89 -4.45 -4.52
N ALA A 53 -5.02 -4.16 -3.23
CA ALA A 53 -4.06 -4.64 -2.25
C ALA A 53 -4.31 -6.13 -2.00
N GLN A 54 -4.24 -6.91 -3.06
CA GLN A 54 -4.47 -8.34 -2.97
C GLN A 54 -3.18 -9.05 -2.54
N PRO A 55 -3.32 -10.36 -2.20
CA PRO A 55 -2.18 -11.15 -1.78
C PRO A 55 -1.31 -11.53 -2.98
N HIS A 56 -1.98 -11.90 -4.06
CA HIS A 56 -1.28 -12.29 -5.28
C HIS A 56 -0.73 -11.04 -5.97
N THR A 57 -1.52 -9.99 -5.91
CA THR A 57 -1.12 -8.73 -6.54
C THR A 57 0.35 -8.42 -6.22
N PHE A 58 0.70 -8.58 -4.96
CA PHE A 58 2.05 -8.32 -4.51
C PHE A 58 3.07 -9.00 -5.43
N SER A 59 2.60 -10.02 -6.13
CA SER A 59 3.45 -10.76 -7.04
C SER A 59 3.82 -9.88 -8.24
N VAL A 60 2.93 -8.94 -8.53
CA VAL A 60 3.14 -8.03 -9.65
C VAL A 60 4.11 -6.93 -9.22
N ILE A 61 3.96 -6.51 -7.98
CA ILE A 61 4.81 -5.45 -7.44
C ILE A 61 6.22 -6.01 -7.24
N SER A 62 6.29 -7.15 -6.56
CA SER A 62 7.56 -7.78 -6.29
C SER A 62 8.38 -7.89 -7.58
N GLN A 63 7.66 -8.11 -8.67
CA GLN A 63 8.31 -8.23 -9.97
C GLN A 63 8.57 -6.85 -10.57
N GLN A 64 7.52 -6.03 -10.55
CA GLN A 64 7.63 -4.68 -11.08
C GLN A 64 8.81 -3.94 -10.44
N LEU A 65 9.07 -4.29 -9.19
CA LEU A 65 10.16 -3.66 -8.45
C LEU A 65 11.49 -4.07 -9.09
N GLY A 66 11.65 -5.37 -9.28
CA GLY A 66 12.86 -5.90 -9.87
C GLY A 66 13.31 -7.18 -9.16
N ASN A 67 13.81 -7.01 -7.95
CA ASN A 67 14.27 -8.13 -7.16
C ASN A 67 13.37 -8.31 -5.95
N LYS A 68 12.56 -7.28 -5.70
CA LYS A 68 11.64 -7.31 -4.57
C LYS A 68 10.84 -8.62 -4.59
N THR A 69 10.34 -8.99 -3.43
CA THR A 69 9.57 -10.22 -3.30
C THR A 69 8.11 -9.90 -2.96
N PRO A 70 7.24 -10.91 -3.17
CA PRO A 70 5.82 -10.76 -2.90
C PRO A 70 5.55 -10.79 -1.39
N VAL A 71 6.52 -11.32 -0.66
CA VAL A 71 6.40 -11.42 0.79
C VAL A 71 6.77 -10.07 1.41
N GLU A 72 7.77 -9.43 0.83
CA GLU A 72 8.22 -8.14 1.32
C GLU A 72 7.20 -7.05 0.95
N VAL A 73 6.88 -7.00 -0.34
CA VAL A 73 5.94 -6.01 -0.83
C VAL A 73 4.79 -5.88 0.16
N SER A 74 4.31 -7.02 0.62
CA SER A 74 3.20 -7.05 1.57
C SER A 74 3.63 -6.39 2.88
N HIS A 75 4.81 -6.78 3.34
CA HIS A 75 5.34 -6.23 4.59
C HIS A 75 5.42 -4.71 4.49
N ARG A 76 5.76 -4.24 3.29
CA ARG A 76 5.87 -2.81 3.06
C ARG A 76 4.48 -2.18 2.98
N PHE A 77 3.58 -2.89 2.33
CA PHE A 77 2.21 -2.40 2.19
C PHE A 77 1.52 -2.30 3.54
N ARG A 78 1.54 -3.41 4.28
CA ARG A 78 0.93 -3.45 5.58
C ARG A 78 1.58 -2.42 6.51
N GLU A 79 2.82 -2.08 6.19
CA GLU A 79 3.56 -1.11 6.98
C GLU A 79 3.10 0.31 6.64
N LEU A 80 2.86 0.53 5.35
CA LEU A 80 2.43 1.84 4.89
C LEU A 80 1.19 2.27 5.67
N MET A 81 0.31 1.31 5.90
CA MET A 81 -0.92 1.57 6.62
C MET A 81 -0.66 1.59 8.13
N GLN A 82 0.29 0.77 8.55
CA GLN A 82 0.64 0.68 9.96
C GLN A 82 1.31 1.99 10.42
N LEU A 83 2.12 2.54 9.54
CA LEU A 83 2.82 3.78 9.84
C LEU A 83 1.79 4.91 10.04
N PHE A 84 1.01 5.14 9.00
CA PHE A 84 0.01 6.18 9.05
C PHE A 84 -0.79 6.11 10.36
N HIS A 85 -1.34 4.93 10.62
CA HIS A 85 -2.13 4.71 11.82
C HIS A 85 -1.41 5.36 13.01
N THR A 86 -0.22 4.84 13.31
CA THR A 86 0.56 5.36 14.42
C THR A 86 1.26 6.66 14.02
N ALA A 87 0.52 7.75 14.20
CA ALA A 87 1.05 9.06 13.87
C ALA A 87 1.45 9.79 15.16
N CYS A 88 2.70 9.63 15.53
CA CYS A 88 3.23 10.26 16.73
C CYS A 88 4.00 11.50 16.31
N GLU A 89 3.71 12.60 17.01
CA GLU A 89 4.37 13.86 16.73
C GLU A 89 5.26 14.27 17.91
N SER A 90 6.17 13.35 18.25
CA SER A 90 7.09 13.60 19.35
C SER A 90 8.00 14.79 19.02
N GLY A 91 8.14 15.68 19.99
CA GLY A 91 8.97 16.85 19.82
C GLY A 91 10.20 16.53 18.97
N PRO A 92 10.11 16.85 17.66
CA PRO A 92 11.20 16.60 16.74
C PRO A 92 12.33 17.62 16.94
N SER A 93 13.13 17.38 17.96
CA SER A 93 14.24 18.26 18.27
C SER A 93 15.45 17.91 17.40
N SER A 94 16.04 18.93 16.82
CA SER A 94 17.20 18.74 15.96
C SER A 94 18.27 19.80 16.28
N GLY A 95 19.49 19.31 16.46
CA GLY A 95 20.60 20.21 16.77
C GLY A 95 21.92 19.45 16.75
N GLY A 1 22.28 55.18 1.34
CA GLY A 1 22.63 54.35 0.19
C GLY A 1 21.92 53.00 0.24
N PRO A 2 20.78 52.93 -0.51
CA PRO A 2 20.00 51.71 -0.56
C PRO A 2 20.68 50.66 -1.43
N SER A 3 21.00 51.07 -2.66
CA SER A 3 21.66 50.17 -3.59
C SER A 3 20.79 48.93 -3.84
N GLY A 4 21.08 48.24 -4.93
CA GLY A 4 20.35 47.05 -5.28
C GLY A 4 20.97 46.34 -6.48
N SER A 5 20.32 45.28 -6.92
CA SER A 5 20.81 44.51 -8.05
C SER A 5 19.82 43.39 -8.39
N SER A 6 20.05 42.77 -9.53
CA SER A 6 19.20 41.68 -9.98
C SER A 6 19.82 40.98 -11.18
N GLY A 7 19.24 39.84 -11.54
CA GLY A 7 19.73 39.08 -12.67
C GLY A 7 18.58 38.61 -13.57
N ALA A 8 18.76 37.46 -14.18
CA ALA A 8 17.75 36.91 -15.05
C ALA A 8 18.14 35.47 -15.44
N GLY A 9 17.25 34.83 -16.18
CA GLY A 9 17.49 33.46 -16.61
C GLY A 9 16.17 32.75 -16.93
N ALA A 10 16.26 31.82 -17.88
CA ALA A 10 15.08 31.05 -18.28
C ALA A 10 15.51 29.91 -19.20
N LEU A 11 14.53 29.12 -19.60
CA LEU A 11 14.80 28.00 -20.48
C LEU A 11 15.78 27.04 -19.81
N PRO A 12 15.83 25.79 -20.33
CA PRO A 12 14.98 25.42 -21.45
C PRO A 12 13.53 25.22 -21.01
N LYS A 13 12.66 25.03 -21.99
CA LYS A 13 11.25 24.82 -21.71
C LYS A 13 10.67 23.82 -22.72
N ALA A 14 10.04 22.79 -22.18
CA ALA A 14 9.45 21.77 -23.01
C ALA A 14 8.86 20.67 -22.12
N SER A 15 7.62 20.30 -22.43
CA SER A 15 6.94 19.26 -21.68
C SER A 15 5.58 18.97 -22.30
N GLU A 16 5.00 17.85 -21.89
CA GLU A 16 3.70 17.44 -22.41
C GLU A 16 3.26 16.13 -21.75
N ALA A 17 2.20 16.23 -20.95
CA ALA A 17 1.67 15.07 -20.28
C ALA A 17 0.36 15.45 -19.57
N THR A 18 -0.26 14.44 -18.97
CA THR A 18 -1.51 14.65 -18.28
C THR A 18 -1.39 14.22 -16.81
N VAL A 19 -2.06 14.97 -15.95
CA VAL A 19 -2.03 14.67 -14.53
C VAL A 19 -3.32 15.18 -13.88
N CYS A 20 -3.72 14.50 -12.80
CA CYS A 20 -4.92 14.88 -12.08
C CYS A 20 -4.58 14.97 -10.60
N ALA A 21 -4.17 13.84 -10.04
CA ALA A 21 -3.81 13.78 -8.64
C ALA A 21 -5.01 14.23 -7.79
N ASN A 22 -5.86 13.27 -7.49
CA ASN A 22 -7.05 13.54 -6.68
C ASN A 22 -6.71 13.37 -5.20
N ASN A 23 -7.43 14.12 -4.38
CA ASN A 23 -7.22 14.07 -2.95
C ASN A 23 -5.79 14.52 -2.62
N SER A 24 -5.60 14.96 -1.39
CA SER A 24 -4.31 15.42 -0.94
C SER A 24 -4.30 15.59 0.58
N LYS A 25 -3.09 15.65 1.13
CA LYS A 25 -2.93 15.82 2.56
C LYS A 25 -1.93 16.95 2.83
N VAL A 26 -2.25 17.74 3.85
CA VAL A 26 -1.39 18.86 4.22
C VAL A 26 -0.04 18.31 4.71
N SER A 27 0.98 19.12 4.52
CA SER A 27 2.33 18.73 4.93
C SER A 27 2.87 17.64 4.02
N SER A 28 2.16 16.52 4.01
CA SER A 28 2.56 15.39 3.18
C SER A 28 3.95 14.90 3.60
N THR A 29 3.95 13.79 4.33
CA THR A 29 5.20 13.21 4.80
C THR A 29 5.95 12.54 3.65
N GLY A 30 7.15 13.02 3.40
CA GLY A 30 7.98 12.49 2.33
C GLY A 30 8.90 11.39 2.85
N GLU A 31 9.62 10.77 1.92
CA GLU A 31 10.53 9.70 2.28
C GLU A 31 11.88 9.92 1.58
N LYS A 32 12.95 9.64 2.32
CA LYS A 32 14.29 9.80 1.80
C LYS A 32 14.86 8.43 1.44
N VAL A 33 16.05 8.45 0.86
CA VAL A 33 16.71 7.22 0.47
C VAL A 33 16.75 6.26 1.67
N VAL A 34 15.84 5.29 1.64
CA VAL A 34 15.76 4.32 2.71
C VAL A 34 15.54 2.92 2.11
N LEU A 35 16.51 2.51 1.31
CA LEU A 35 16.45 1.21 0.67
C LEU A 35 15.32 1.21 -0.36
N TRP A 36 14.10 1.21 0.15
CA TRP A 36 12.93 1.22 -0.72
C TRP A 36 12.82 2.59 -1.36
N THR A 37 12.67 2.60 -2.67
CA THR A 37 12.55 3.84 -3.42
C THR A 37 11.08 4.26 -3.51
N ARG A 38 10.87 5.58 -3.48
CA ARG A 38 9.53 6.11 -3.57
C ARG A 38 8.68 5.31 -4.56
N GLU A 39 9.11 5.34 -5.82
CA GLU A 39 8.41 4.62 -6.86
C GLU A 39 7.91 3.27 -6.34
N ALA A 40 8.86 2.43 -5.97
CA ALA A 40 8.54 1.11 -5.45
C ALA A 40 7.41 1.24 -4.42
N ASP A 41 7.52 2.28 -3.61
CA ASP A 41 6.52 2.52 -2.57
C ASP A 41 5.21 2.98 -3.24
N ARG A 42 5.37 3.79 -4.27
CA ARG A 42 4.22 4.30 -5.00
C ARG A 42 3.51 3.17 -5.74
N VAL A 43 4.28 2.50 -6.59
CA VAL A 43 3.74 1.40 -7.37
C VAL A 43 2.82 0.55 -6.49
N ILE A 44 3.27 0.33 -5.26
CA ILE A 44 2.50 -0.45 -4.32
C ILE A 44 1.08 0.11 -4.23
N LEU A 45 0.98 1.30 -3.66
CA LEU A 45 -0.30 1.96 -3.50
C LEU A 45 -1.00 2.03 -4.87
N THR A 46 -0.22 2.37 -5.87
CA THR A 46 -0.74 2.47 -7.23
C THR A 46 -1.51 1.21 -7.60
N MET A 47 -0.77 0.13 -7.77
CA MET A 47 -1.36 -1.16 -8.12
C MET A 47 -2.32 -1.63 -7.03
N CYS A 48 -1.85 -1.57 -5.79
CA CYS A 48 -2.64 -1.99 -4.66
C CYS A 48 -3.99 -1.29 -4.73
N GLN A 49 -4.00 -0.16 -5.43
CA GLN A 49 -5.22 0.61 -5.58
C GLN A 49 -5.99 0.15 -6.82
N GLU A 50 -5.35 0.31 -7.97
CA GLU A 50 -5.95 -0.09 -9.22
C GLU A 50 -6.28 -1.58 -9.22
N GLN A 51 -5.25 -2.38 -9.03
CA GLN A 51 -5.41 -3.82 -8.99
C GLN A 51 -6.08 -4.24 -7.69
N GLY A 52 -5.78 -3.50 -6.63
CA GLY A 52 -6.34 -3.79 -5.33
C GLY A 52 -5.27 -4.34 -4.39
N ALA A 53 -5.45 -4.06 -3.10
CA ALA A 53 -4.52 -4.53 -2.09
C ALA A 53 -4.75 -6.02 -1.83
N GLN A 54 -4.19 -6.83 -2.72
CA GLN A 54 -4.33 -8.28 -2.59
C GLN A 54 -2.96 -8.95 -2.60
N PRO A 55 -2.92 -10.18 -2.02
CA PRO A 55 -1.67 -10.93 -1.96
C PRO A 55 -1.32 -11.52 -3.33
N HIS A 56 -2.27 -11.40 -4.25
CA HIS A 56 -2.07 -11.91 -5.60
C HIS A 56 -1.41 -10.84 -6.46
N THR A 57 -1.49 -9.60 -5.99
CA THR A 57 -0.91 -8.48 -6.71
C THR A 57 0.57 -8.35 -6.37
N PHE A 58 0.87 -8.50 -5.10
CA PHE A 58 2.25 -8.39 -4.64
C PHE A 58 3.19 -9.22 -5.51
N SER A 59 2.61 -10.21 -6.18
CA SER A 59 3.38 -11.07 -7.06
C SER A 59 3.90 -10.26 -8.25
N VAL A 60 3.11 -9.28 -8.65
CA VAL A 60 3.48 -8.43 -9.77
C VAL A 60 4.41 -7.31 -9.28
N ILE A 61 3.98 -6.67 -8.21
CA ILE A 61 4.76 -5.58 -7.63
C ILE A 61 6.20 -6.04 -7.41
N SER A 62 6.31 -7.16 -6.71
CA SER A 62 7.63 -7.72 -6.42
C SER A 62 8.50 -7.69 -7.67
N GLN A 63 7.91 -8.13 -8.78
CA GLN A 63 8.63 -8.16 -10.05
C GLN A 63 8.87 -6.73 -10.55
N GLN A 64 7.80 -5.94 -10.52
CA GLN A 64 7.88 -4.56 -10.96
C GLN A 64 8.99 -3.83 -10.20
N LEU A 65 9.09 -4.13 -8.92
CA LEU A 65 10.09 -3.51 -8.08
C LEU A 65 11.48 -3.71 -8.71
N GLY A 66 11.77 -4.96 -9.01
CA GLY A 66 13.05 -5.30 -9.62
C GLY A 66 13.53 -6.67 -9.15
N ASN A 67 13.80 -6.75 -7.85
CA ASN A 67 14.27 -8.00 -7.25
C ASN A 67 13.59 -8.19 -5.90
N LYS A 68 12.53 -7.42 -5.69
CA LYS A 68 11.79 -7.50 -4.44
C LYS A 68 11.13 -8.89 -4.34
N THR A 69 10.23 -9.01 -3.38
CA THR A 69 9.52 -10.26 -3.17
C THR A 69 8.04 -10.00 -2.89
N PRO A 70 7.22 -11.06 -3.09
CA PRO A 70 5.79 -10.96 -2.87
C PRO A 70 5.46 -10.96 -1.38
N VAL A 71 6.46 -11.38 -0.59
CA VAL A 71 6.29 -11.45 0.85
C VAL A 71 6.68 -10.09 1.46
N GLU A 72 7.73 -9.50 0.91
CA GLU A 72 8.20 -8.22 1.38
C GLU A 72 7.22 -7.11 0.99
N VAL A 73 6.89 -7.07 -0.29
CA VAL A 73 5.96 -6.08 -0.79
C VAL A 73 4.82 -5.89 0.19
N SER A 74 4.34 -7.02 0.71
CA SER A 74 3.24 -7.00 1.67
C SER A 74 3.71 -6.34 2.97
N HIS A 75 4.89 -6.74 3.42
CA HIS A 75 5.46 -6.20 4.64
C HIS A 75 5.61 -4.68 4.50
N ARG A 76 5.77 -4.24 3.27
CA ARG A 76 5.92 -2.82 2.99
C ARG A 76 4.55 -2.14 2.94
N PHE A 77 3.61 -2.83 2.32
CA PHE A 77 2.26 -2.31 2.19
C PHE A 77 1.57 -2.21 3.56
N ARG A 78 1.69 -3.30 4.31
CA ARG A 78 1.09 -3.35 5.64
C ARG A 78 1.78 -2.37 6.58
N GLU A 79 3.02 -2.03 6.23
CA GLU A 79 3.80 -1.10 7.03
C GLU A 79 3.38 0.34 6.73
N LEU A 80 3.24 0.62 5.44
CA LEU A 80 2.85 1.96 5.01
C LEU A 80 1.57 2.37 5.73
N MET A 81 0.55 1.52 5.59
CA MET A 81 -0.73 1.78 6.21
C MET A 81 -0.60 1.82 7.74
N GLN A 82 0.56 1.36 8.21
CA GLN A 82 0.82 1.34 9.64
C GLN A 82 1.36 2.69 10.10
N LEU A 83 2.43 3.12 9.45
CA LEU A 83 3.05 4.39 9.79
C LEU A 83 1.97 5.46 9.93
N PHE A 84 1.26 5.68 8.83
CA PHE A 84 0.20 6.67 8.81
C PHE A 84 -0.73 6.51 10.02
N HIS A 85 -1.22 5.29 10.19
CA HIS A 85 -2.11 4.98 11.29
C HIS A 85 -1.52 5.53 12.60
N THR A 86 -0.37 4.97 12.96
CA THR A 86 0.31 5.40 14.17
C THR A 86 1.82 5.34 13.98
N ALA A 87 2.44 6.51 14.09
CA ALA A 87 3.89 6.62 13.93
C ALA A 87 4.45 7.53 15.01
N CYS A 88 5.67 7.22 15.43
CA CYS A 88 6.33 8.00 16.46
C CYS A 88 7.08 9.15 15.78
N GLU A 89 7.42 10.15 16.58
CA GLU A 89 8.13 11.31 16.08
C GLU A 89 9.52 10.90 15.57
N SER A 90 10.31 10.35 16.47
CA SER A 90 11.65 9.91 16.13
C SER A 90 11.61 9.05 14.86
N GLY A 91 12.50 9.38 13.94
CA GLY A 91 12.58 8.65 12.68
C GLY A 91 14.00 8.70 12.10
N PRO A 92 14.11 8.27 10.82
CA PRO A 92 15.40 8.27 10.15
C PRO A 92 15.82 9.69 9.75
N SER A 93 17.05 9.79 9.29
CA SER A 93 17.58 11.08 8.87
C SER A 93 19.00 10.91 8.32
N SER A 94 19.44 11.93 7.58
CA SER A 94 20.77 11.90 7.00
C SER A 94 21.07 10.50 6.44
N GLY A 95 20.73 10.32 5.17
CA GLY A 95 20.94 9.04 4.52
C GLY A 95 21.71 9.22 3.21
N GLY A 1 -23.26 -15.59 -54.93
CA GLY A 1 -24.28 -15.87 -53.93
C GLY A 1 -24.55 -14.63 -53.06
N PRO A 2 -25.54 -14.79 -52.15
CA PRO A 2 -25.90 -13.69 -51.26
C PRO A 2 -24.87 -13.53 -50.15
N SER A 3 -24.48 -14.65 -49.57
CA SER A 3 -23.50 -14.64 -48.50
C SER A 3 -23.97 -13.74 -47.35
N GLY A 4 -23.30 -13.86 -46.22
CA GLY A 4 -23.64 -13.07 -45.05
C GLY A 4 -22.41 -12.37 -44.48
N SER A 5 -22.60 -11.81 -43.30
CA SER A 5 -21.51 -11.09 -42.64
C SER A 5 -21.46 -11.48 -41.15
N SER A 6 -20.40 -11.05 -40.50
CA SER A 6 -20.21 -11.35 -39.08
C SER A 6 -20.97 -10.32 -38.24
N GLY A 7 -21.06 -10.61 -36.95
CA GLY A 7 -21.75 -9.73 -36.02
C GLY A 7 -20.82 -9.26 -34.92
N ALA A 8 -21.32 -9.34 -33.69
CA ALA A 8 -20.54 -8.94 -32.53
C ALA A 8 -21.36 -9.17 -31.26
N GLY A 9 -20.64 -9.30 -30.15
CA GLY A 9 -21.29 -9.53 -28.87
C GLY A 9 -20.97 -8.40 -27.89
N ALA A 10 -21.62 -8.47 -26.73
CA ALA A 10 -21.41 -7.46 -25.70
C ALA A 10 -21.42 -8.15 -24.33
N LEU A 11 -20.46 -9.02 -24.13
CA LEU A 11 -20.34 -9.74 -22.87
C LEU A 11 -18.88 -10.11 -22.64
N PRO A 12 -18.57 -10.44 -21.35
CA PRO A 12 -19.58 -10.43 -20.31
C PRO A 12 -19.93 -8.99 -19.90
N LYS A 13 -18.94 -8.12 -20.01
CA LYS A 13 -19.12 -6.72 -19.65
C LYS A 13 -19.51 -6.62 -18.18
N ALA A 14 -18.64 -5.97 -17.42
CA ALA A 14 -18.87 -5.79 -15.99
C ALA A 14 -18.56 -4.34 -15.61
N SER A 15 -19.22 -3.90 -14.54
CA SER A 15 -19.03 -2.54 -14.06
C SER A 15 -18.49 -2.58 -12.62
N GLU A 16 -17.87 -1.47 -12.24
CA GLU A 16 -17.30 -1.35 -10.90
C GLU A 16 -18.12 -0.37 -10.06
N ALA A 17 -18.11 -0.61 -8.76
CA ALA A 17 -18.85 0.24 -7.84
C ALA A 17 -17.88 1.19 -7.13
N THR A 18 -16.91 0.60 -6.45
CA THR A 18 -15.92 1.37 -5.73
C THR A 18 -16.59 2.25 -4.66
N VAL A 19 -15.87 2.44 -3.57
CA VAL A 19 -16.38 3.25 -2.47
C VAL A 19 -15.25 3.55 -1.50
N CYS A 20 -15.29 4.75 -0.94
CA CYS A 20 -14.28 5.17 0.01
C CYS A 20 -12.94 5.33 -0.73
N ALA A 21 -12.10 6.19 -0.19
CA ALA A 21 -10.80 6.44 -0.79
C ALA A 21 -9.83 6.93 0.29
N ASN A 22 -8.54 6.81 -0.02
CA ASN A 22 -7.50 7.23 0.90
C ASN A 22 -6.97 8.60 0.47
N ASN A 23 -6.25 9.23 1.39
CA ASN A 23 -5.67 10.53 1.11
C ASN A 23 -4.15 10.44 1.18
N SER A 24 -3.50 11.55 0.88
CA SER A 24 -2.05 11.60 0.92
C SER A 24 -1.58 12.66 1.92
N LYS A 25 -0.40 12.42 2.46
CA LYS A 25 0.18 13.33 3.44
C LYS A 25 1.70 13.26 3.37
N VAL A 26 2.34 14.21 4.03
CA VAL A 26 3.79 14.26 4.05
C VAL A 26 4.26 14.89 5.36
N SER A 27 4.71 14.03 6.27
CA SER A 27 5.19 14.48 7.56
C SER A 27 6.35 13.61 8.03
N SER A 28 7.38 14.27 8.54
CA SER A 28 8.55 13.57 9.02
C SER A 28 8.14 12.41 9.95
N THR A 29 9.06 11.48 10.15
CA THR A 29 8.80 10.34 11.00
C THR A 29 9.90 10.20 12.04
N GLY A 30 11.14 10.15 11.56
CA GLY A 30 12.29 10.03 12.45
C GLY A 30 13.40 9.21 11.78
N GLU A 31 13.09 7.94 11.52
CA GLU A 31 14.05 7.06 10.90
C GLU A 31 14.24 7.43 9.42
N LYS A 32 15.38 7.04 8.89
CA LYS A 32 15.70 7.33 7.50
C LYS A 32 15.25 6.15 6.64
N VAL A 33 15.26 6.38 5.32
CA VAL A 33 14.86 5.35 4.39
C VAL A 33 15.81 5.37 3.18
N VAL A 34 16.61 4.33 3.09
CA VAL A 34 17.57 4.21 1.99
C VAL A 34 17.31 2.91 1.24
N LEU A 35 17.14 1.84 1.99
CA LEU A 35 16.89 0.54 1.41
C LEU A 35 15.75 0.65 0.40
N TRP A 36 14.55 0.91 0.92
CA TRP A 36 13.38 1.05 0.08
C TRP A 36 13.46 2.40 -0.65
N THR A 37 12.66 2.53 -1.69
CA THR A 37 12.63 3.76 -2.47
C THR A 37 11.23 4.36 -2.47
N ARG A 38 11.08 5.43 -3.24
CA ARG A 38 9.80 6.11 -3.34
C ARG A 38 8.94 5.46 -4.42
N GLU A 39 9.41 5.57 -5.65
CA GLU A 39 8.69 4.99 -6.78
C GLU A 39 8.09 3.63 -6.40
N ALA A 40 8.98 2.72 -6.02
CA ALA A 40 8.56 1.39 -5.63
C ALA A 40 7.51 1.50 -4.53
N ASP A 41 7.77 2.40 -3.60
CA ASP A 41 6.85 2.61 -2.49
C ASP A 41 5.51 3.09 -3.02
N ARG A 42 5.58 3.96 -4.01
CA ARG A 42 4.37 4.51 -4.63
C ARG A 42 3.68 3.45 -5.47
N VAL A 43 4.47 2.80 -6.33
CA VAL A 43 3.95 1.77 -7.21
C VAL A 43 3.01 0.87 -6.40
N ILE A 44 3.51 0.39 -5.28
CA ILE A 44 2.73 -0.49 -4.42
C ILE A 44 1.38 0.18 -4.11
N LEU A 45 1.45 1.47 -3.83
CA LEU A 45 0.25 2.23 -3.53
C LEU A 45 -0.66 2.27 -4.75
N THR A 46 -0.03 2.39 -5.92
CA THR A 46 -0.76 2.43 -7.17
C THR A 46 -1.34 1.06 -7.50
N MET A 47 -0.48 0.05 -7.42
CA MET A 47 -0.89 -1.31 -7.71
C MET A 47 -1.98 -1.77 -6.74
N CYS A 48 -1.64 -1.75 -5.45
CA CYS A 48 -2.57 -2.16 -4.43
C CYS A 48 -3.84 -1.30 -4.55
N GLN A 49 -3.68 -0.17 -5.23
CA GLN A 49 -4.80 0.73 -5.43
C GLN A 49 -5.64 0.29 -6.62
N GLU A 50 -5.01 0.32 -7.80
CA GLU A 50 -5.68 -0.08 -9.02
C GLU A 50 -5.96 -1.59 -9.00
N GLN A 51 -4.88 -2.35 -8.91
CA GLN A 51 -4.99 -3.80 -8.89
C GLN A 51 -5.76 -4.25 -7.65
N GLY A 52 -5.58 -3.51 -6.57
CA GLY A 52 -6.25 -3.82 -5.31
C GLY A 52 -5.34 -4.62 -4.39
N ALA A 53 -5.05 -4.04 -3.24
CA ALA A 53 -4.19 -4.68 -2.26
C ALA A 53 -4.62 -6.14 -2.10
N GLN A 54 -3.77 -7.03 -2.61
CA GLN A 54 -4.05 -8.46 -2.53
C GLN A 54 -2.77 -9.22 -2.20
N PRO A 55 -2.95 -10.50 -1.77
CA PRO A 55 -1.83 -11.35 -1.43
C PRO A 55 -1.10 -11.84 -2.68
N HIS A 56 -1.84 -11.87 -3.78
CA HIS A 56 -1.29 -12.32 -5.04
C HIS A 56 -0.79 -11.10 -5.84
N THR A 57 -1.59 -10.06 -5.82
CA THR A 57 -1.24 -8.83 -6.53
C THR A 57 0.24 -8.50 -6.32
N PHE A 58 0.67 -8.62 -5.07
CA PHE A 58 2.06 -8.34 -4.74
C PHE A 58 3.02 -9.03 -5.71
N SER A 59 2.56 -10.16 -6.24
CA SER A 59 3.36 -10.92 -7.18
C SER A 59 3.67 -10.07 -8.41
N VAL A 60 2.88 -9.02 -8.57
CA VAL A 60 3.06 -8.12 -9.70
C VAL A 60 4.07 -7.03 -9.33
N ILE A 61 3.81 -6.40 -8.20
CA ILE A 61 4.69 -5.34 -7.72
C ILE A 61 6.11 -5.88 -7.58
N SER A 62 6.22 -7.01 -6.89
CA SER A 62 7.51 -7.64 -6.69
C SER A 62 8.30 -7.67 -8.00
N GLN A 63 7.61 -8.07 -9.06
CA GLN A 63 8.22 -8.14 -10.37
C GLN A 63 8.47 -6.73 -10.92
N GLN A 64 7.52 -5.85 -10.66
CA GLN A 64 7.62 -4.48 -11.12
C GLN A 64 8.75 -3.76 -10.39
N LEU A 65 9.03 -4.23 -9.20
CA LEU A 65 10.09 -3.65 -8.38
C LEU A 65 11.45 -4.02 -8.96
N GLY A 66 11.64 -5.32 -9.17
CA GLY A 66 12.88 -5.82 -9.73
C GLY A 66 13.32 -7.10 -9.02
N ASN A 67 13.86 -6.92 -7.82
CA ASN A 67 14.32 -8.06 -7.03
C ASN A 67 13.39 -8.26 -5.84
N LYS A 68 12.61 -7.22 -5.55
CA LYS A 68 11.68 -7.27 -4.44
C LYS A 68 10.93 -8.60 -4.47
N THR A 69 10.43 -8.99 -3.30
CA THR A 69 9.69 -10.23 -3.19
C THR A 69 8.20 -9.95 -2.94
N PRO A 70 7.37 -10.99 -3.22
CA PRO A 70 5.93 -10.86 -3.05
C PRO A 70 5.56 -10.91 -1.56
N VAL A 71 6.50 -11.39 -0.76
CA VAL A 71 6.28 -11.50 0.67
C VAL A 71 6.65 -10.18 1.33
N GLU A 72 7.65 -9.52 0.76
CA GLU A 72 8.11 -8.25 1.29
C GLU A 72 7.14 -7.12 0.90
N VAL A 73 6.81 -7.09 -0.38
CA VAL A 73 5.89 -6.08 -0.88
C VAL A 73 4.72 -5.92 0.09
N SER A 74 4.23 -7.06 0.58
CA SER A 74 3.13 -7.06 1.51
C SER A 74 3.53 -6.35 2.80
N HIS A 75 4.68 -6.75 3.33
CA HIS A 75 5.19 -6.16 4.55
C HIS A 75 5.26 -4.64 4.41
N ARG A 76 5.43 -4.21 3.17
CA ARG A 76 5.51 -2.79 2.88
C ARG A 76 4.12 -2.18 2.80
N PHE A 77 3.20 -2.95 2.26
CA PHE A 77 1.82 -2.50 2.12
C PHE A 77 1.15 -2.36 3.50
N ARG A 78 1.38 -3.36 4.33
CA ARG A 78 0.81 -3.36 5.68
C ARG A 78 1.46 -2.26 6.52
N GLU A 79 2.67 -1.89 6.13
CA GLU A 79 3.40 -0.86 6.85
C GLU A 79 2.88 0.53 6.45
N LEU A 80 2.77 0.74 5.15
CA LEU A 80 2.29 2.01 4.64
C LEU A 80 0.97 2.37 5.32
N MET A 81 0.01 1.47 5.18
CA MET A 81 -1.30 1.67 5.78
C MET A 81 -1.20 1.77 7.30
N GLN A 82 -0.03 1.40 7.81
CA GLN A 82 0.21 1.43 9.24
C GLN A 82 0.43 2.88 9.71
N LEU A 83 1.35 3.55 9.03
CA LEU A 83 1.66 4.92 9.36
C LEU A 83 0.42 5.79 9.13
N PHE A 84 -0.22 5.57 8.00
CA PHE A 84 -1.41 6.32 7.65
C PHE A 84 -2.50 6.15 8.72
N HIS A 85 -2.73 4.89 9.09
CA HIS A 85 -3.73 4.59 10.11
C HIS A 85 -3.34 5.24 11.43
N THR A 86 -2.18 4.85 11.93
CA THR A 86 -1.67 5.39 13.18
C THR A 86 -0.18 5.70 13.07
N ALA A 87 0.13 6.98 13.07
CA ALA A 87 1.51 7.42 12.98
C ALA A 87 1.86 8.26 14.21
N CYS A 88 3.09 8.75 14.22
CA CYS A 88 3.56 9.56 15.33
C CYS A 88 4.92 10.15 14.94
N GLU A 89 5.17 11.36 15.44
CA GLU A 89 6.42 12.03 15.16
C GLU A 89 7.54 11.48 16.04
N SER A 90 8.75 11.47 15.49
CA SER A 90 9.90 10.97 16.21
C SER A 90 11.19 11.44 15.54
N GLY A 91 12.27 11.39 16.30
CA GLY A 91 13.57 11.80 15.79
C GLY A 91 13.61 13.32 15.59
N PRO A 92 13.59 14.06 16.73
CA PRO A 92 13.62 15.51 16.69
C PRO A 92 15.02 16.02 16.34
N SER A 93 15.99 15.58 17.14
CA SER A 93 17.37 15.97 16.95
C SER A 93 18.30 14.79 17.23
N SER A 94 19.41 14.76 16.50
CA SER A 94 20.38 13.70 16.68
C SER A 94 21.68 14.26 17.25
N GLY A 95 22.26 15.21 16.52
CA GLY A 95 23.49 15.84 16.95
C GLY A 95 23.32 16.52 18.31
N GLY A 1 -69.95 -30.88 8.31
CA GLY A 1 -68.83 -31.05 7.40
C GLY A 1 -67.51 -30.66 8.06
N PRO A 2 -66.41 -31.21 7.49
CA PRO A 2 -65.07 -30.94 8.01
C PRO A 2 -64.61 -29.53 7.63
N SER A 3 -63.42 -29.20 8.09
CA SER A 3 -62.85 -27.89 7.81
C SER A 3 -61.38 -28.02 7.41
N GLY A 4 -60.60 -28.61 8.30
CA GLY A 4 -59.18 -28.81 8.06
C GLY A 4 -58.35 -27.69 8.69
N SER A 5 -58.15 -26.64 7.92
CA SER A 5 -57.38 -25.50 8.38
C SER A 5 -55.93 -25.91 8.63
N SER A 6 -55.05 -24.93 8.56
CA SER A 6 -53.63 -25.18 8.76
C SER A 6 -52.84 -23.88 8.59
N GLY A 7 -51.58 -23.94 8.97
CA GLY A 7 -50.70 -22.79 8.87
C GLY A 7 -49.23 -23.21 8.80
N ALA A 8 -48.36 -22.21 8.82
CA ALA A 8 -46.93 -22.47 8.76
C ALA A 8 -46.17 -21.15 8.95
N GLY A 9 -44.87 -21.28 9.09
CA GLY A 9 -44.02 -20.11 9.28
C GLY A 9 -42.74 -20.22 8.44
N ALA A 10 -41.76 -19.41 8.81
CA ALA A 10 -40.49 -19.39 8.11
C ALA A 10 -39.47 -18.58 8.92
N LEU A 11 -38.56 -19.30 9.55
CA LEU A 11 -37.53 -18.66 10.35
C LEU A 11 -36.31 -19.59 10.43
N PRO A 12 -35.15 -18.97 10.78
CA PRO A 12 -35.11 -17.55 11.06
C PRO A 12 -35.18 -16.73 9.76
N LYS A 13 -35.11 -15.42 9.93
CA LYS A 13 -35.17 -14.52 8.78
C LYS A 13 -34.79 -13.11 9.23
N ALA A 14 -33.55 -12.75 8.95
CA ALA A 14 -33.05 -11.43 9.32
C ALA A 14 -31.66 -11.24 8.71
N SER A 15 -31.13 -10.03 8.90
CA SER A 15 -29.82 -9.69 8.37
C SER A 15 -29.49 -8.24 8.71
N GLU A 16 -28.22 -7.90 8.50
CA GLU A 16 -27.75 -6.55 8.77
C GLU A 16 -26.33 -6.36 8.25
N ALA A 17 -25.89 -5.11 8.24
CA ALA A 17 -24.56 -4.79 7.77
C ALA A 17 -24.27 -3.30 8.03
N THR A 18 -23.00 -2.98 8.07
CA THR A 18 -22.58 -1.60 8.30
C THR A 18 -21.26 -1.32 7.58
N VAL A 19 -21.08 -0.05 7.22
CA VAL A 19 -19.87 0.37 6.53
C VAL A 19 -19.37 1.68 7.14
N CYS A 20 -18.09 1.94 6.95
CA CYS A 20 -17.48 3.13 7.47
C CYS A 20 -16.00 3.15 7.06
N ALA A 21 -15.51 4.35 6.78
CA ALA A 21 -14.12 4.51 6.37
C ALA A 21 -13.57 5.82 6.95
N ASN A 22 -12.33 5.74 7.40
CA ASN A 22 -11.67 6.90 7.98
C ASN A 22 -10.20 6.90 7.59
N ASN A 23 -9.63 8.09 7.53
CA ASN A 23 -8.23 8.24 7.17
C ASN A 23 -7.69 9.53 7.78
N SER A 24 -6.37 9.69 7.68
CA SER A 24 -5.71 10.88 8.21
C SER A 24 -5.11 11.70 7.08
N LYS A 25 -4.86 12.97 7.38
CA LYS A 25 -4.30 13.87 6.39
C LYS A 25 -3.17 14.68 7.05
N VAL A 26 -2.22 15.09 6.22
CA VAL A 26 -1.09 15.88 6.70
C VAL A 26 -0.31 15.05 7.73
N SER A 27 0.74 14.42 7.25
CA SER A 27 1.59 13.60 8.11
C SER A 27 2.92 13.31 7.42
N SER A 28 3.88 12.89 8.22
CA SER A 28 5.21 12.59 7.71
C SER A 28 5.50 11.09 7.85
N THR A 29 6.26 10.57 6.91
CA THR A 29 6.61 9.16 6.91
C THR A 29 7.37 8.81 8.18
N GLY A 30 6.93 7.73 8.81
CA GLY A 30 7.57 7.28 10.04
C GLY A 30 8.38 6.00 9.81
N GLU A 31 9.69 6.16 9.84
CA GLU A 31 10.58 5.03 9.63
C GLU A 31 10.39 4.46 8.22
N LYS A 32 11.33 3.61 7.84
CA LYS A 32 11.27 2.97 6.52
C LYS A 32 11.38 4.05 5.44
N VAL A 33 12.62 4.30 5.03
CA VAL A 33 12.87 5.30 3.99
C VAL A 33 14.21 4.99 3.31
N VAL A 34 14.38 5.55 2.13
CA VAL A 34 15.60 5.35 1.37
C VAL A 34 15.63 3.91 0.84
N LEU A 35 15.64 2.97 1.76
CA LEU A 35 15.67 1.56 1.39
C LEU A 35 14.67 1.31 0.27
N TRP A 36 13.45 1.77 0.50
CA TRP A 36 12.39 1.60 -0.49
C TRP A 36 12.32 2.88 -1.32
N THR A 37 12.46 2.70 -2.63
CA THR A 37 12.41 3.82 -3.56
C THR A 37 10.99 4.34 -3.69
N ARG A 38 10.88 5.62 -4.02
CA ARG A 38 9.58 6.24 -4.20
C ARG A 38 8.73 5.45 -5.18
N GLU A 39 9.20 5.41 -6.42
CA GLU A 39 8.49 4.70 -7.47
C GLU A 39 7.98 3.36 -6.93
N ALA A 40 8.92 2.52 -6.51
CA ALA A 40 8.57 1.21 -5.98
C ALA A 40 7.56 1.39 -4.84
N ASP A 41 7.86 2.33 -3.96
CA ASP A 41 6.98 2.60 -2.82
C ASP A 41 5.58 2.91 -3.34
N ARG A 42 5.50 3.84 -4.28
CA ARG A 42 4.23 4.23 -4.85
C ARG A 42 3.61 3.05 -5.60
N VAL A 43 4.43 2.42 -6.43
CA VAL A 43 3.98 1.28 -7.21
C VAL A 43 3.08 0.39 -6.34
N ILE A 44 3.55 0.17 -5.12
CA ILE A 44 2.80 -0.67 -4.19
C ILE A 44 1.38 -0.14 -4.07
N LEU A 45 1.27 1.08 -3.56
CA LEU A 45 -0.03 1.72 -3.38
C LEU A 45 -0.75 1.77 -4.74
N THR A 46 -0.03 2.26 -5.73
CA THR A 46 -0.58 2.37 -7.07
C THR A 46 -1.27 1.07 -7.48
N MET A 47 -0.47 0.01 -7.57
CA MET A 47 -0.99 -1.29 -7.94
C MET A 47 -1.98 -1.81 -6.89
N CYS A 48 -1.64 -1.55 -5.63
CA CYS A 48 -2.48 -1.99 -4.54
C CYS A 48 -3.82 -1.25 -4.63
N GLN A 49 -3.80 -0.16 -5.39
CA GLN A 49 -5.00 0.63 -5.56
C GLN A 49 -5.79 0.14 -6.78
N GLU A 50 -5.18 0.28 -7.94
CA GLU A 50 -5.81 -0.13 -9.18
C GLU A 50 -6.17 -1.62 -9.11
N GLN A 51 -5.15 -2.44 -8.92
CA GLN A 51 -5.34 -3.87 -8.83
C GLN A 51 -5.97 -4.24 -7.49
N GLY A 52 -5.64 -3.46 -6.48
CA GLY A 52 -6.17 -3.69 -5.15
C GLY A 52 -5.09 -4.24 -4.21
N ALA A 53 -5.29 -4.03 -2.93
CA ALA A 53 -4.35 -4.50 -1.93
C ALA A 53 -4.59 -5.99 -1.67
N GLN A 54 -4.10 -6.80 -2.60
CA GLN A 54 -4.25 -8.24 -2.48
C GLN A 54 -2.88 -8.92 -2.51
N PRO A 55 -2.84 -10.15 -1.93
CA PRO A 55 -1.60 -10.91 -1.87
C PRO A 55 -1.26 -11.49 -3.25
N HIS A 56 -2.22 -11.42 -4.15
CA HIS A 56 -2.03 -11.93 -5.49
C HIS A 56 -1.40 -10.84 -6.37
N THR A 57 -1.44 -9.62 -5.87
CA THR A 57 -0.88 -8.49 -6.60
C THR A 57 0.62 -8.37 -6.29
N PHE A 58 0.95 -8.52 -5.02
CA PHE A 58 2.33 -8.42 -4.59
C PHE A 58 3.25 -9.25 -5.49
N SER A 59 2.65 -10.24 -6.15
CA SER A 59 3.40 -11.09 -7.05
C SER A 59 3.88 -10.31 -8.26
N VAL A 60 3.10 -9.30 -8.62
CA VAL A 60 3.43 -8.46 -9.76
C VAL A 60 4.37 -7.34 -9.30
N ILE A 61 3.96 -6.68 -8.22
CA ILE A 61 4.75 -5.59 -7.67
C ILE A 61 6.20 -6.05 -7.50
N SER A 62 6.36 -7.21 -6.87
CA SER A 62 7.68 -7.76 -6.63
C SER A 62 8.54 -7.61 -7.89
N GLN A 63 7.96 -8.02 -9.02
CA GLN A 63 8.66 -7.94 -10.28
C GLN A 63 8.83 -6.48 -10.70
N GLN A 64 7.73 -5.76 -10.68
CA GLN A 64 7.74 -4.35 -11.04
C GLN A 64 8.87 -3.62 -10.31
N LEU A 65 9.05 -3.99 -9.06
CA LEU A 65 10.08 -3.38 -8.23
C LEU A 65 11.45 -3.62 -8.88
N GLY A 66 11.71 -4.88 -9.20
CA GLY A 66 12.96 -5.25 -9.83
C GLY A 66 13.45 -6.60 -9.30
N ASN A 67 13.62 -6.67 -7.99
CA ASN A 67 14.08 -7.90 -7.36
C ASN A 67 13.38 -8.07 -6.01
N LYS A 68 12.29 -7.33 -5.85
CA LYS A 68 11.52 -7.39 -4.62
C LYS A 68 10.74 -8.70 -4.57
N THR A 69 10.36 -9.08 -3.36
CA THR A 69 9.61 -10.31 -3.17
C THR A 69 8.14 -10.00 -2.89
N PRO A 70 7.28 -11.04 -3.10
CA PRO A 70 5.86 -10.88 -2.88
C PRO A 70 5.53 -10.87 -1.38
N VAL A 71 6.50 -11.30 -0.59
CA VAL A 71 6.33 -11.34 0.85
C VAL A 71 6.60 -9.96 1.43
N GLU A 72 7.69 -9.36 0.96
CA GLU A 72 8.08 -8.04 1.42
C GLU A 72 7.03 -7.01 1.03
N VAL A 73 6.65 -7.05 -0.24
CA VAL A 73 5.66 -6.14 -0.77
C VAL A 73 4.42 -6.16 0.14
N SER A 74 4.24 -7.29 0.80
CA SER A 74 3.11 -7.46 1.70
C SER A 74 3.41 -6.79 3.05
N HIS A 75 4.68 -6.75 3.37
CA HIS A 75 5.12 -6.16 4.63
C HIS A 75 5.21 -4.64 4.47
N ARG A 76 5.43 -4.22 3.23
CA ARG A 76 5.53 -2.81 2.93
C ARG A 76 4.14 -2.16 2.90
N PHE A 77 3.19 -2.92 2.40
CA PHE A 77 1.82 -2.44 2.29
C PHE A 77 1.21 -2.26 3.69
N ARG A 78 1.31 -3.31 4.49
CA ARG A 78 0.77 -3.29 5.84
C ARG A 78 1.49 -2.23 6.67
N GLU A 79 2.71 -1.92 6.25
CA GLU A 79 3.51 -0.93 6.96
C GLU A 79 3.07 0.48 6.56
N LEU A 80 2.98 0.69 5.26
CA LEU A 80 2.57 1.99 4.74
C LEU A 80 1.27 2.42 5.43
N MET A 81 0.27 1.56 5.34
CA MET A 81 -1.02 1.84 5.95
C MET A 81 -0.89 1.99 7.46
N GLN A 82 0.27 1.58 7.97
CA GLN A 82 0.53 1.67 9.40
C GLN A 82 0.92 3.09 9.79
N LEU A 83 1.84 3.65 8.99
CA LEU A 83 2.32 5.00 9.25
C LEU A 83 1.12 5.96 9.28
N PHE A 84 0.15 5.68 8.42
CA PHE A 84 -1.04 6.50 8.34
C PHE A 84 -1.82 6.46 9.65
N HIS A 85 -1.98 5.25 10.18
CA HIS A 85 -2.70 5.06 11.42
C HIS A 85 -1.93 5.74 12.57
N THR A 86 -0.73 5.23 12.80
CA THR A 86 0.11 5.78 13.87
C THR A 86 1.30 6.53 13.27
N ALA A 87 1.32 7.83 13.50
CA ALA A 87 2.39 8.66 13.00
C ALA A 87 3.00 9.47 14.15
N CYS A 88 4.23 9.91 13.95
CA CYS A 88 4.93 10.69 14.95
C CYS A 88 5.72 11.80 14.25
N GLU A 89 5.16 13.00 14.30
CA GLU A 89 5.80 14.13 13.67
C GLU A 89 7.29 14.18 14.03
N SER A 90 8.10 14.57 13.05
CA SER A 90 9.53 14.65 13.25
C SER A 90 10.22 15.05 11.94
N GLY A 91 10.67 16.29 11.90
CA GLY A 91 11.34 16.81 10.72
C GLY A 91 10.41 16.80 9.51
N PRO A 92 9.79 17.99 9.25
CA PRO A 92 8.88 18.11 8.13
C PRO A 92 9.65 18.17 6.80
N SER A 93 10.62 19.07 6.76
CA SER A 93 11.43 19.23 5.56
C SER A 93 12.40 18.06 5.42
N SER A 94 12.95 17.92 4.22
CA SER A 94 13.90 16.86 3.94
C SER A 94 14.71 17.18 2.68
N GLY A 95 13.98 17.32 1.59
CA GLY A 95 14.60 17.63 0.31
C GLY A 95 13.56 17.84 -0.78
N GLY A 1 -28.77 -47.88 -31.42
CA GLY A 1 -28.79 -46.61 -30.70
C GLY A 1 -27.73 -46.59 -29.60
N PRO A 2 -26.52 -46.09 -29.99
CA PRO A 2 -25.41 -46.00 -29.06
C PRO A 2 -25.61 -44.85 -28.08
N SER A 3 -25.85 -43.67 -28.64
CA SER A 3 -26.06 -42.49 -27.83
C SER A 3 -26.69 -41.38 -28.68
N GLY A 4 -27.15 -40.34 -28.00
CA GLY A 4 -27.78 -39.22 -28.67
C GLY A 4 -27.97 -38.04 -27.71
N SER A 5 -27.14 -37.02 -27.92
CA SER A 5 -27.20 -35.83 -27.08
C SER A 5 -26.41 -34.70 -27.74
N SER A 6 -26.82 -33.47 -27.42
CA SER A 6 -26.16 -32.30 -27.96
C SER A 6 -26.65 -31.04 -27.24
N GLY A 7 -27.96 -30.84 -27.28
CA GLY A 7 -28.56 -29.68 -26.64
C GLY A 7 -27.88 -29.39 -25.30
N ALA A 8 -27.94 -28.13 -24.90
CA ALA A 8 -27.35 -27.72 -23.64
C ALA A 8 -27.66 -26.23 -23.41
N GLY A 9 -27.48 -25.81 -22.16
CA GLY A 9 -27.72 -24.43 -21.79
C GLY A 9 -26.51 -23.82 -21.09
N ALA A 10 -26.73 -22.63 -20.55
CA ALA A 10 -25.66 -21.93 -19.85
C ALA A 10 -25.49 -22.53 -18.45
N LEU A 11 -25.17 -23.82 -18.43
CA LEU A 11 -24.99 -24.51 -17.18
C LEU A 11 -23.51 -24.90 -17.03
N PRO A 12 -23.12 -25.21 -15.77
CA PRO A 12 -24.06 -25.17 -14.66
C PRO A 12 -24.36 -23.73 -14.25
N LYS A 13 -23.31 -22.93 -14.22
CA LYS A 13 -23.45 -21.53 -13.84
C LYS A 13 -23.49 -20.67 -15.11
N ALA A 14 -23.40 -19.37 -14.90
CA ALA A 14 -23.42 -18.42 -16.01
C ALA A 14 -23.39 -17.00 -15.46
N SER A 15 -22.29 -16.31 -15.77
CA SER A 15 -22.13 -14.94 -15.32
C SER A 15 -22.08 -14.89 -13.79
N GLU A 16 -21.71 -13.73 -13.28
CA GLU A 16 -21.62 -13.55 -11.85
C GLU A 16 -21.67 -12.05 -11.51
N ALA A 17 -21.89 -11.77 -10.22
CA ALA A 17 -21.96 -10.40 -9.75
C ALA A 17 -20.59 -9.98 -9.20
N THR A 18 -20.11 -10.77 -8.25
CA THR A 18 -18.82 -10.50 -7.64
C THR A 18 -18.85 -9.16 -6.90
N VAL A 19 -18.65 -8.09 -7.66
CA VAL A 19 -18.67 -6.76 -7.09
C VAL A 19 -17.41 -6.56 -6.24
N CYS A 20 -17.36 -7.29 -5.14
CA CYS A 20 -16.22 -7.20 -4.23
C CYS A 20 -16.27 -5.85 -3.53
N ALA A 21 -15.37 -5.69 -2.57
CA ALA A 21 -15.30 -4.45 -1.81
C ALA A 21 -13.91 -3.84 -1.98
N ASN A 22 -13.86 -2.52 -1.82
CA ASN A 22 -12.60 -1.80 -1.96
C ASN A 22 -12.56 -0.66 -0.94
N ASN A 23 -11.37 -0.40 -0.43
CA ASN A 23 -11.17 0.66 0.53
C ASN A 23 -10.42 1.83 -0.11
N SER A 24 -11.11 2.96 -0.18
CA SER A 24 -10.51 4.15 -0.78
C SER A 24 -9.27 4.57 0.02
N LYS A 25 -9.50 4.89 1.28
CA LYS A 25 -8.41 5.31 2.15
C LYS A 25 -7.81 6.61 1.61
N VAL A 26 -6.93 7.18 2.42
CA VAL A 26 -6.28 8.43 2.05
C VAL A 26 -4.77 8.20 1.92
N SER A 27 -4.15 7.89 3.05
CA SER A 27 -2.73 7.65 3.08
C SER A 27 -1.96 8.90 2.64
N SER A 28 -1.49 9.64 3.64
CA SER A 28 -0.75 10.86 3.37
C SER A 28 -0.10 11.36 4.66
N THR A 29 0.85 12.28 4.50
CA THR A 29 1.55 12.85 5.64
C THR A 29 2.33 11.78 6.38
N GLY A 30 3.65 11.89 6.32
CA GLY A 30 4.52 10.93 6.98
C GLY A 30 5.65 10.49 6.06
N GLU A 31 6.87 10.76 6.49
CA GLU A 31 8.04 10.40 5.72
C GLU A 31 8.84 9.30 6.43
N LYS A 32 9.31 8.34 5.65
CA LYS A 32 10.09 7.24 6.20
C LYS A 32 10.58 6.35 5.06
N VAL A 33 11.44 6.93 4.22
CA VAL A 33 11.99 6.21 3.09
C VAL A 33 13.51 6.31 3.13
N VAL A 34 14.15 5.16 3.30
CA VAL A 34 15.60 5.10 3.36
C VAL A 34 16.09 3.86 2.60
N LEU A 35 15.61 2.71 3.05
CA LEU A 35 15.98 1.45 2.42
C LEU A 35 15.24 1.31 1.09
N TRP A 36 13.92 1.39 1.17
CA TRP A 36 13.09 1.28 -0.02
C TRP A 36 13.11 2.62 -0.75
N THR A 37 12.56 2.62 -1.96
CA THR A 37 12.51 3.82 -2.76
C THR A 37 11.06 4.34 -2.87
N ARG A 38 10.96 5.63 -3.16
CA ARG A 38 9.65 6.25 -3.29
C ARG A 38 8.82 5.53 -4.36
N GLU A 39 9.33 5.59 -5.58
CA GLU A 39 8.64 4.96 -6.71
C GLU A 39 8.05 3.62 -6.26
N ALA A 40 8.91 2.75 -5.78
CA ALA A 40 8.48 1.44 -5.32
C ALA A 40 7.31 1.60 -4.34
N ASP A 41 7.51 2.52 -3.40
CA ASP A 41 6.49 2.78 -2.39
C ASP A 41 5.23 3.31 -3.08
N ARG A 42 5.44 4.09 -4.13
CA ARG A 42 4.34 4.66 -4.88
C ARG A 42 3.63 3.58 -5.70
N VAL A 43 4.44 2.73 -6.32
CA VAL A 43 3.90 1.65 -7.13
C VAL A 43 2.96 0.79 -6.28
N ILE A 44 3.52 0.21 -5.24
CA ILE A 44 2.75 -0.63 -4.34
C ILE A 44 1.38 0.01 -4.11
N LEU A 45 1.39 1.32 -3.94
CA LEU A 45 0.16 2.06 -3.71
C LEU A 45 -0.72 1.97 -4.96
N THR A 46 -0.19 2.50 -6.05
CA THR A 46 -0.91 2.50 -7.31
C THR A 46 -1.39 1.08 -7.64
N MET A 47 -0.46 0.14 -7.55
CA MET A 47 -0.78 -1.25 -7.83
C MET A 47 -1.89 -1.76 -6.90
N CYS A 48 -1.57 -1.79 -5.61
CA CYS A 48 -2.52 -2.25 -4.62
C CYS A 48 -3.80 -1.44 -4.76
N GLN A 49 -3.67 -0.28 -5.40
CA GLN A 49 -4.81 0.60 -5.61
C GLN A 49 -5.61 0.14 -6.83
N GLU A 50 -4.97 0.24 -7.99
CA GLU A 50 -5.61 -0.15 -9.23
C GLU A 50 -5.81 -1.67 -9.27
N GLN A 51 -4.70 -2.38 -9.16
CA GLN A 51 -4.74 -3.84 -9.18
C GLN A 51 -5.46 -4.36 -7.93
N GLY A 52 -5.32 -3.61 -6.85
CA GLY A 52 -5.95 -3.99 -5.59
C GLY A 52 -4.92 -4.54 -4.61
N ALA A 53 -5.20 -4.32 -3.32
CA ALA A 53 -4.31 -4.78 -2.27
C ALA A 53 -4.55 -6.28 -2.03
N GLN A 54 -4.43 -7.04 -3.10
CA GLN A 54 -4.63 -8.48 -3.02
C GLN A 54 -3.34 -9.17 -2.60
N PRO A 55 -3.47 -10.47 -2.24
CA PRO A 55 -2.32 -11.26 -1.82
C PRO A 55 -1.44 -11.64 -3.02
N HIS A 56 -2.10 -12.07 -4.08
CA HIS A 56 -1.39 -12.46 -5.29
C HIS A 56 -0.80 -11.22 -5.96
N THR A 57 -1.57 -10.14 -5.92
CA THR A 57 -1.13 -8.89 -6.52
C THR A 57 0.32 -8.60 -6.14
N PHE A 58 0.63 -8.84 -4.87
CA PHE A 58 1.97 -8.61 -4.38
C PHE A 58 3.02 -9.29 -5.25
N SER A 59 2.56 -10.32 -5.95
CA SER A 59 3.44 -11.08 -6.83
C SER A 59 3.75 -10.26 -8.09
N VAL A 60 2.93 -9.25 -8.31
CA VAL A 60 3.09 -8.39 -9.47
C VAL A 60 4.12 -7.31 -9.16
N ILE A 61 3.82 -6.53 -8.13
CA ILE A 61 4.72 -5.46 -7.72
C ILE A 61 6.12 -6.03 -7.52
N SER A 62 6.18 -7.18 -6.88
CA SER A 62 7.45 -7.84 -6.62
C SER A 62 8.33 -7.78 -7.86
N GLN A 63 7.70 -7.95 -9.02
CA GLN A 63 8.41 -7.91 -10.28
C GLN A 63 8.62 -6.46 -10.72
N GLN A 64 7.63 -5.63 -10.44
CA GLN A 64 7.69 -4.23 -10.79
C GLN A 64 8.91 -3.57 -10.15
N LEU A 65 9.00 -3.72 -8.84
CA LEU A 65 10.11 -3.14 -8.09
C LEU A 65 11.42 -3.45 -8.82
N GLY A 66 11.58 -4.72 -9.16
CA GLY A 66 12.78 -5.15 -9.86
C GLY A 66 13.18 -6.57 -9.44
N ASN A 67 13.25 -6.77 -8.14
CA ASN A 67 13.61 -8.07 -7.59
C ASN A 67 13.02 -8.21 -6.19
N LYS A 68 11.94 -7.48 -5.95
CA LYS A 68 11.28 -7.51 -4.66
C LYS A 68 10.42 -8.78 -4.57
N THR A 69 10.26 -9.25 -3.34
CA THR A 69 9.48 -10.45 -3.10
C THR A 69 8.03 -10.08 -2.79
N PRO A 70 7.13 -11.09 -2.95
CA PRO A 70 5.70 -10.88 -2.70
C PRO A 70 5.42 -10.82 -1.20
N VAL A 71 6.40 -11.29 -0.42
CA VAL A 71 6.26 -11.29 1.03
C VAL A 71 6.73 -9.95 1.58
N GLU A 72 7.78 -9.42 0.95
CA GLU A 72 8.33 -8.15 1.37
C GLU A 72 7.41 -7.00 0.95
N VAL A 73 6.97 -7.07 -0.30
CA VAL A 73 6.09 -6.05 -0.83
C VAL A 73 4.89 -5.88 0.10
N SER A 74 4.24 -7.00 0.41
CA SER A 74 3.09 -6.98 1.28
C SER A 74 3.48 -6.44 2.66
N HIS A 75 4.65 -6.88 3.12
CA HIS A 75 5.15 -6.45 4.41
C HIS A 75 5.30 -4.92 4.43
N ARG A 76 5.54 -4.38 3.25
CA ARG A 76 5.70 -2.94 3.11
C ARG A 76 4.34 -2.25 3.07
N PHE A 77 3.40 -2.91 2.41
CA PHE A 77 2.05 -2.36 2.30
C PHE A 77 1.45 -2.11 3.68
N ARG A 78 1.61 -3.10 4.55
CA ARG A 78 1.08 -3.00 5.90
C ARG A 78 1.89 -1.98 6.71
N GLU A 79 3.15 -1.84 6.34
CA GLU A 79 4.03 -0.91 7.02
C GLU A 79 3.67 0.53 6.64
N LEU A 80 3.33 0.70 5.36
CA LEU A 80 2.97 2.01 4.86
C LEU A 80 1.72 2.53 5.61
N MET A 81 0.67 1.74 5.54
CA MET A 81 -0.57 2.09 6.20
C MET A 81 -0.38 2.19 7.71
N GLN A 82 0.76 1.68 8.17
CA GLN A 82 1.08 1.70 9.59
C GLN A 82 1.40 3.13 10.04
N LEU A 83 2.35 3.73 9.35
CA LEU A 83 2.76 5.09 9.68
C LEU A 83 1.51 5.94 9.90
N PHE A 84 0.69 6.03 8.87
CA PHE A 84 -0.53 6.81 8.94
C PHE A 84 -1.43 6.32 10.07
N HIS A 85 -1.58 5.00 10.14
CA HIS A 85 -2.41 4.40 11.18
C HIS A 85 -2.14 5.08 12.52
N THR A 86 -0.91 4.91 12.99
CA THR A 86 -0.52 5.50 14.26
C THR A 86 -0.42 7.03 14.13
N ALA A 87 -0.09 7.47 12.93
CA ALA A 87 0.04 8.89 12.66
C ALA A 87 1.37 9.39 13.23
N CYS A 88 1.46 9.35 14.56
CA CYS A 88 2.67 9.80 15.22
C CYS A 88 2.56 11.31 15.46
N GLU A 89 2.70 12.05 14.36
CA GLU A 89 2.61 13.50 14.42
C GLU A 89 2.72 14.10 13.01
N SER A 90 1.55 14.23 12.38
CA SER A 90 1.49 14.78 11.04
C SER A 90 2.37 16.04 10.95
N GLY A 91 3.04 16.17 9.82
CA GLY A 91 3.91 17.32 9.59
C GLY A 91 4.65 17.19 8.26
N PRO A 92 3.91 17.50 7.16
CA PRO A 92 4.48 17.42 5.83
C PRO A 92 5.42 18.60 5.57
N SER A 93 6.60 18.52 6.18
CA SER A 93 7.60 19.56 6.01
C SER A 93 8.47 19.27 4.80
N SER A 94 9.14 20.31 4.33
CA SER A 94 10.02 20.17 3.18
C SER A 94 10.91 21.41 3.06
N GLY A 95 10.27 22.55 2.85
CA GLY A 95 10.98 23.81 2.71
C GLY A 95 11.66 23.90 1.34
N GLY A 1 41.90 -30.45 -10.48
CA GLY A 1 41.73 -29.08 -10.93
C GLY A 1 40.62 -28.96 -11.97
N PRO A 2 39.39 -28.65 -11.46
CA PRO A 2 38.24 -28.52 -12.33
C PRO A 2 38.29 -27.20 -13.11
N SER A 3 37.27 -27.01 -13.94
CA SER A 3 37.19 -25.80 -14.74
C SER A 3 35.81 -25.17 -14.61
N GLY A 4 35.68 -23.95 -15.12
CA GLY A 4 34.42 -23.23 -15.05
C GLY A 4 34.18 -22.44 -16.34
N SER A 5 33.12 -21.66 -16.32
CA SER A 5 32.76 -20.85 -17.48
C SER A 5 31.84 -19.70 -17.05
N SER A 6 31.70 -18.73 -17.95
CA SER A 6 30.87 -17.58 -17.68
C SER A 6 29.91 -17.33 -18.86
N GLY A 7 28.97 -16.43 -18.64
CA GLY A 7 28.00 -16.09 -19.66
C GLY A 7 27.58 -14.62 -19.57
N ALA A 8 26.32 -14.38 -19.88
CA ALA A 8 25.79 -13.03 -19.82
C ALA A 8 24.27 -13.07 -20.06
N GLY A 9 23.64 -11.95 -19.78
CA GLY A 9 22.20 -11.84 -19.95
C GLY A 9 21.68 -10.47 -19.49
N ALA A 10 20.41 -10.25 -19.73
CA ALA A 10 19.78 -8.98 -19.35
C ALA A 10 18.28 -9.18 -19.25
N LEU A 11 17.68 -9.57 -20.37
CA LEU A 11 16.24 -9.80 -20.41
C LEU A 11 15.81 -10.57 -19.16
N PRO A 12 14.50 -10.40 -18.82
CA PRO A 12 13.61 -9.57 -19.61
C PRO A 12 13.89 -8.09 -19.35
N LYS A 13 13.05 -7.25 -19.93
CA LYS A 13 13.19 -5.80 -19.78
C LYS A 13 11.88 -5.13 -20.16
N ALA A 14 11.18 -4.64 -19.15
CA ALA A 14 9.92 -3.97 -19.36
C ALA A 14 9.53 -3.20 -18.10
N SER A 15 8.74 -2.16 -18.29
CA SER A 15 8.29 -1.34 -17.17
C SER A 15 7.34 -0.25 -17.67
N GLU A 16 6.14 -0.24 -17.10
CA GLU A 16 5.14 0.73 -17.48
C GLU A 16 4.13 0.92 -16.34
N ALA A 17 3.74 2.17 -16.14
CA ALA A 17 2.79 2.50 -15.09
C ALA A 17 2.46 4.00 -15.17
N THR A 18 1.27 4.33 -14.67
CA THR A 18 0.82 5.71 -14.68
C THR A 18 0.57 6.20 -13.25
N VAL A 19 0.89 7.47 -13.03
CA VAL A 19 0.72 8.06 -11.71
C VAL A 19 0.06 9.44 -11.87
N CYS A 20 -0.33 10.00 -10.73
CA CYS A 20 -0.97 11.31 -10.73
C CYS A 20 0.10 12.36 -11.04
N ALA A 21 -0.28 13.30 -11.90
CA ALA A 21 0.64 14.36 -12.30
C ALA A 21 1.13 15.09 -11.05
N ASN A 22 0.17 15.69 -10.34
CA ASN A 22 0.49 16.43 -9.13
C ASN A 22 -0.62 16.21 -8.10
N ASN A 23 -0.21 16.18 -6.84
CA ASN A 23 -1.16 15.98 -5.75
C ASN A 23 -0.60 16.62 -4.47
N SER A 24 0.61 16.20 -4.13
CA SER A 24 1.26 16.70 -2.94
C SER A 24 0.48 16.28 -1.69
N LYS A 25 1.23 16.07 -0.61
CA LYS A 25 0.62 15.66 0.65
C LYS A 25 1.56 16.01 1.79
N VAL A 26 0.97 16.28 2.95
CA VAL A 26 1.74 16.62 4.13
C VAL A 26 2.78 15.54 4.39
N SER A 27 3.83 15.93 5.10
CA SER A 27 4.91 15.00 5.41
C SER A 27 5.26 15.09 6.90
N SER A 28 5.52 13.93 7.48
CA SER A 28 5.86 13.86 8.89
C SER A 28 7.36 14.12 9.08
N THR A 29 7.66 15.28 9.63
CA THR A 29 9.05 15.67 9.86
C THR A 29 9.83 14.50 10.46
N GLY A 30 11.10 14.42 10.10
CA GLY A 30 11.95 13.36 10.60
C GLY A 30 11.80 12.10 9.75
N GLU A 31 11.29 11.05 10.38
CA GLU A 31 11.08 9.79 9.70
C GLU A 31 12.40 9.31 9.07
N LYS A 32 13.17 8.58 9.86
CA LYS A 32 14.44 8.06 9.40
C LYS A 32 14.22 6.73 8.69
N VAL A 33 13.92 6.82 7.41
CA VAL A 33 13.68 5.64 6.60
C VAL A 33 14.00 5.93 5.13
N VAL A 34 15.10 5.34 4.67
CA VAL A 34 15.53 5.54 3.31
C VAL A 34 16.06 4.22 2.74
N LEU A 35 15.29 3.17 2.99
CA LEU A 35 15.66 1.84 2.51
C LEU A 35 15.02 1.60 1.14
N TRP A 36 13.71 1.79 1.09
CA TRP A 36 12.97 1.60 -0.14
C TRP A 36 13.03 2.90 -0.95
N THR A 37 12.57 2.81 -2.18
CA THR A 37 12.57 3.98 -3.06
C THR A 37 11.16 4.52 -3.23
N ARG A 38 11.08 5.82 -3.48
CA ARG A 38 9.80 6.47 -3.66
C ARG A 38 8.98 5.74 -4.74
N GLU A 39 9.54 5.71 -5.94
CA GLU A 39 8.87 5.06 -7.05
C GLU A 39 8.17 3.79 -6.58
N ALA A 40 8.97 2.82 -6.15
CA ALA A 40 8.44 1.56 -5.67
C ALA A 40 7.35 1.83 -4.63
N ASP A 41 7.72 2.64 -3.64
CA ASP A 41 6.79 2.99 -2.57
C ASP A 41 5.49 3.50 -3.19
N ARG A 42 5.62 4.23 -4.28
CA ARG A 42 4.47 4.77 -4.96
C ARG A 42 3.77 3.68 -5.77
N VAL A 43 4.56 2.98 -6.57
CA VAL A 43 4.02 1.90 -7.39
C VAL A 43 3.02 1.10 -6.58
N ILE A 44 3.51 0.51 -5.50
CA ILE A 44 2.65 -0.28 -4.62
C ILE A 44 1.35 0.47 -4.36
N LEU A 45 1.49 1.68 -3.88
CA LEU A 45 0.34 2.52 -3.59
C LEU A 45 -0.60 2.53 -4.79
N THR A 46 0.01 2.59 -5.97
CA THR A 46 -0.76 2.61 -7.20
C THR A 46 -1.35 1.23 -7.48
N MET A 47 -0.48 0.23 -7.46
CA MET A 47 -0.90 -1.14 -7.71
C MET A 47 -1.90 -1.61 -6.67
N CYS A 48 -1.42 -1.71 -5.44
CA CYS A 48 -2.26 -2.14 -4.34
C CYS A 48 -3.61 -1.44 -4.45
N GLN A 49 -3.57 -0.21 -4.95
CA GLN A 49 -4.77 0.59 -5.12
C GLN A 49 -5.62 0.00 -6.25
N GLU A 50 -5.03 -0.04 -7.44
CA GLU A 50 -5.71 -0.56 -8.61
C GLU A 50 -6.14 -2.00 -8.36
N GLN A 51 -5.15 -2.85 -8.12
CA GLN A 51 -5.40 -4.26 -7.87
C GLN A 51 -6.24 -4.43 -6.60
N GLY A 52 -5.98 -3.56 -5.63
CA GLY A 52 -6.69 -3.61 -4.37
C GLY A 52 -5.98 -4.54 -3.38
N ALA A 53 -4.68 -4.36 -3.27
CA ALA A 53 -3.88 -5.17 -2.37
C ALA A 53 -4.34 -6.63 -2.46
N GLN A 54 -4.15 -7.20 -3.64
CA GLN A 54 -4.54 -8.57 -3.89
C GLN A 54 -3.45 -9.53 -3.38
N PRO A 55 -3.80 -10.84 -3.35
CA PRO A 55 -2.86 -11.86 -2.90
C PRO A 55 -1.80 -12.12 -3.95
N HIS A 56 -2.25 -12.17 -5.20
CA HIS A 56 -1.33 -12.42 -6.31
C HIS A 56 -0.62 -11.13 -6.68
N THR A 57 -1.31 -10.02 -6.50
CA THR A 57 -0.76 -8.72 -6.81
C THR A 57 0.63 -8.56 -6.18
N PHE A 58 0.74 -9.07 -4.96
CA PHE A 58 2.00 -9.00 -4.23
C PHE A 58 3.15 -9.54 -5.07
N SER A 59 2.80 -10.40 -6.02
CA SER A 59 3.79 -11.00 -6.90
C SER A 59 4.02 -10.10 -8.11
N VAL A 60 3.07 -9.22 -8.35
CA VAL A 60 3.15 -8.29 -9.47
C VAL A 60 4.17 -7.20 -9.15
N ILE A 61 3.88 -6.46 -8.08
CA ILE A 61 4.76 -5.39 -7.65
C ILE A 61 6.17 -5.94 -7.44
N SER A 62 6.24 -7.09 -6.80
CA SER A 62 7.51 -7.73 -6.53
C SER A 62 8.37 -7.74 -7.79
N GLN A 63 7.73 -8.06 -8.90
CA GLN A 63 8.42 -8.10 -10.18
C GLN A 63 8.66 -6.68 -10.70
N GLN A 64 7.66 -5.84 -10.51
CA GLN A 64 7.75 -4.46 -10.96
C GLN A 64 8.90 -3.75 -10.24
N LEU A 65 9.20 -4.22 -9.05
CA LEU A 65 10.27 -3.64 -8.26
C LEU A 65 11.62 -3.98 -8.90
N GLY A 66 11.78 -5.26 -9.20
CA GLY A 66 13.01 -5.74 -9.82
C GLY A 66 13.41 -7.10 -9.26
N ASN A 67 13.64 -7.11 -7.96
CA ASN A 67 14.04 -8.35 -7.28
C ASN A 67 13.31 -8.43 -5.93
N LYS A 68 12.29 -7.60 -5.78
CA LYS A 68 11.51 -7.58 -4.57
C LYS A 68 10.67 -8.86 -4.47
N THR A 69 10.26 -9.17 -3.25
CA THR A 69 9.46 -10.36 -3.03
C THR A 69 8.00 -9.96 -2.74
N PRO A 70 7.09 -10.96 -2.92
CA PRO A 70 5.67 -10.72 -2.70
C PRO A 70 5.36 -10.66 -1.20
N VAL A 71 6.31 -11.15 -0.41
CA VAL A 71 6.16 -11.16 1.03
C VAL A 71 6.63 -9.83 1.60
N GLU A 72 7.71 -9.32 1.01
CA GLU A 72 8.28 -8.05 1.45
C GLU A 72 7.36 -6.89 1.05
N VAL A 73 6.81 -7.01 -0.16
CA VAL A 73 5.93 -5.98 -0.68
C VAL A 73 4.71 -5.85 0.25
N SER A 74 4.14 -7.00 0.58
CA SER A 74 2.98 -7.03 1.45
C SER A 74 3.34 -6.47 2.84
N HIS A 75 4.62 -6.59 3.16
CA HIS A 75 5.11 -6.10 4.44
C HIS A 75 5.28 -4.59 4.39
N ARG A 76 5.56 -4.10 3.20
CA ARG A 76 5.74 -2.67 3.00
C ARG A 76 4.39 -1.98 2.82
N PHE A 77 3.46 -2.71 2.22
CA PHE A 77 2.12 -2.18 1.99
C PHE A 77 1.34 -2.09 3.30
N ARG A 78 1.57 -3.06 4.17
CA ARG A 78 0.89 -3.09 5.45
C ARG A 78 1.54 -2.11 6.42
N GLU A 79 2.80 -1.79 6.15
CA GLU A 79 3.55 -0.87 6.98
C GLU A 79 3.15 0.57 6.66
N LEU A 80 3.10 0.86 5.37
CA LEU A 80 2.74 2.20 4.92
C LEU A 80 1.42 2.61 5.58
N MET A 81 0.39 1.79 5.34
CA MET A 81 -0.92 2.06 5.90
C MET A 81 -0.88 2.05 7.43
N GLN A 82 0.24 1.57 7.96
CA GLN A 82 0.42 1.50 9.40
C GLN A 82 0.71 2.90 9.97
N LEU A 83 1.75 3.51 9.42
CA LEU A 83 2.15 4.84 9.85
C LEU A 83 0.91 5.75 9.90
N PHE A 84 0.30 5.91 8.73
CA PHE A 84 -0.89 6.75 8.63
C PHE A 84 -1.88 6.44 9.75
N HIS A 85 -2.23 5.17 9.85
CA HIS A 85 -3.16 4.73 10.87
C HIS A 85 -2.82 5.40 12.21
N THR A 86 -1.65 5.03 12.72
CA THR A 86 -1.19 5.58 13.99
C THR A 86 0.31 5.84 13.94
N ALA A 87 0.66 7.12 13.88
CA ALA A 87 2.07 7.51 13.84
C ALA A 87 2.27 8.72 14.73
N CYS A 88 3.54 8.98 15.03
CA CYS A 88 3.90 10.11 15.88
C CYS A 88 5.19 10.72 15.35
N GLU A 89 5.40 11.99 15.69
CA GLU A 89 6.58 12.69 15.25
C GLU A 89 7.79 12.30 16.10
N SER A 90 8.97 12.47 15.52
CA SER A 90 10.20 12.14 16.22
C SER A 90 11.25 13.22 15.97
N GLY A 91 11.48 13.51 14.70
CA GLY A 91 12.46 14.52 14.32
C GLY A 91 13.64 13.89 13.59
N PRO A 92 14.34 14.75 12.80
CA PRO A 92 15.49 14.28 12.04
C PRO A 92 16.70 14.08 12.96
N SER A 93 17.83 13.74 12.33
CA SER A 93 19.05 13.51 13.07
C SER A 93 20.26 13.90 12.22
N SER A 94 20.36 13.24 11.06
CA SER A 94 21.46 13.52 10.15
C SER A 94 21.56 15.02 9.87
N GLY A 95 22.79 15.51 9.86
CA GLY A 95 23.03 16.91 9.62
C GLY A 95 24.25 17.10 8.70
N GLY A 1 -52.86 -61.32 -9.16
CA GLY A 1 -52.59 -60.20 -8.28
C GLY A 1 -51.14 -59.72 -8.45
N PRO A 2 -50.98 -58.69 -9.33
CA PRO A 2 -49.66 -58.14 -9.58
C PRO A 2 -49.19 -57.26 -8.42
N SER A 3 -48.00 -56.70 -8.57
CA SER A 3 -47.43 -55.85 -7.55
C SER A 3 -46.15 -55.19 -8.06
N GLY A 4 -45.82 -54.07 -7.46
CA GLY A 4 -44.62 -53.33 -7.84
C GLY A 4 -44.55 -51.99 -7.12
N SER A 5 -43.46 -51.27 -7.38
CA SER A 5 -43.25 -49.98 -6.76
C SER A 5 -41.94 -49.37 -7.25
N SER A 6 -41.78 -48.09 -6.95
CA SER A 6 -40.58 -47.37 -7.37
C SER A 6 -40.52 -46.01 -6.67
N GLY A 7 -39.37 -45.37 -6.79
CA GLY A 7 -39.16 -44.07 -6.18
C GLY A 7 -38.37 -43.14 -7.11
N ALA A 8 -38.03 -41.97 -6.58
CA ALA A 8 -37.27 -41.00 -7.35
C ALA A 8 -36.51 -40.09 -6.40
N GLY A 9 -35.61 -39.31 -6.97
CA GLY A 9 -34.80 -38.38 -6.19
C GLY A 9 -35.02 -36.95 -6.64
N ALA A 10 -33.98 -36.13 -6.45
CA ALA A 10 -34.04 -34.74 -6.84
C ALA A 10 -32.63 -34.18 -6.99
N LEU A 11 -32.18 -34.11 -8.23
CA LEU A 11 -30.85 -33.62 -8.52
C LEU A 11 -30.75 -33.27 -10.01
N PRO A 12 -29.82 -32.32 -10.31
CA PRO A 12 -29.02 -31.69 -9.29
C PRO A 12 -29.85 -30.68 -8.49
N LYS A 13 -29.15 -29.94 -7.63
CA LYS A 13 -29.80 -28.95 -6.81
C LYS A 13 -28.74 -28.10 -6.09
N ALA A 14 -28.50 -26.92 -6.64
CA ALA A 14 -27.52 -26.02 -6.08
C ALA A 14 -28.09 -24.59 -6.08
N SER A 15 -27.28 -23.67 -5.56
CA SER A 15 -27.68 -22.28 -5.50
C SER A 15 -26.45 -21.37 -5.54
N GLU A 16 -26.71 -20.09 -5.70
CA GLU A 16 -25.63 -19.11 -5.76
C GLU A 16 -25.72 -18.15 -4.58
N ALA A 17 -24.62 -17.45 -4.33
CA ALA A 17 -24.57 -16.50 -3.24
C ALA A 17 -23.94 -15.19 -3.74
N THR A 18 -23.92 -14.21 -2.84
CA THR A 18 -23.36 -12.91 -3.19
C THR A 18 -22.73 -12.26 -1.95
N VAL A 19 -21.89 -11.28 -2.20
CA VAL A 19 -21.21 -10.57 -1.13
C VAL A 19 -21.30 -9.06 -1.37
N CYS A 20 -20.95 -8.30 -0.34
CA CYS A 20 -20.99 -6.86 -0.43
C CYS A 20 -19.56 -6.33 -0.28
N ALA A 21 -19.36 -5.10 -0.73
CA ALA A 21 -18.06 -4.47 -0.65
C ALA A 21 -18.09 -3.38 0.43
N ASN A 22 -16.92 -2.81 0.68
CA ASN A 22 -16.81 -1.75 1.67
C ASN A 22 -16.29 -0.48 0.99
N ASN A 23 -16.75 0.66 1.51
CA ASN A 23 -16.35 1.94 0.96
C ASN A 23 -15.11 2.43 1.71
N SER A 24 -14.22 3.07 0.96
CA SER A 24 -12.99 3.59 1.52
C SER A 24 -12.12 4.21 0.44
N LYS A 25 -11.50 5.34 0.77
CA LYS A 25 -10.65 6.03 -0.17
C LYS A 25 -9.88 7.13 0.56
N VAL A 26 -8.56 7.08 0.44
CA VAL A 26 -7.70 8.05 1.09
C VAL A 26 -6.27 7.85 0.62
N SER A 27 -5.56 8.96 0.47
CA SER A 27 -4.18 8.92 0.04
C SER A 27 -3.43 10.17 0.54
N SER A 28 -2.17 9.95 0.92
CA SER A 28 -1.35 11.03 1.41
C SER A 28 0.13 10.71 1.18
N THR A 29 0.96 11.73 1.39
CA THR A 29 2.39 11.57 1.21
C THR A 29 2.95 10.60 2.25
N GLY A 30 3.99 9.88 1.84
CA GLY A 30 4.62 8.92 2.73
C GLY A 30 5.89 9.51 3.36
N GLU A 31 6.35 8.86 4.42
CA GLU A 31 7.54 9.30 5.12
C GLU A 31 8.46 8.11 5.42
N LYS A 32 9.68 8.44 5.80
CA LYS A 32 10.66 7.41 6.12
C LYS A 32 10.96 6.59 4.86
N VAL A 33 12.18 6.73 4.38
CA VAL A 33 12.60 6.01 3.20
C VAL A 33 14.11 6.20 3.00
N VAL A 34 14.78 5.09 2.73
CA VAL A 34 16.21 5.11 2.52
C VAL A 34 16.63 3.90 1.68
N LEU A 35 16.19 2.73 2.13
CA LEU A 35 16.51 1.50 1.43
C LEU A 35 15.55 1.33 0.25
N TRP A 36 14.26 1.42 0.56
CA TRP A 36 13.24 1.27 -0.46
C TRP A 36 13.19 2.58 -1.27
N THR A 37 12.63 2.47 -2.46
CA THR A 37 12.50 3.64 -3.33
C THR A 37 11.06 4.09 -3.41
N ARG A 38 10.89 5.40 -3.52
CA ARG A 38 9.55 5.98 -3.60
C ARG A 38 8.70 5.20 -4.61
N GLU A 39 9.16 5.18 -5.85
CA GLU A 39 8.45 4.49 -6.91
C GLU A 39 7.88 3.17 -6.38
N ALA A 40 8.75 2.38 -5.76
CA ALA A 40 8.34 1.10 -5.21
C ALA A 40 7.18 1.33 -4.24
N ASP A 41 7.35 2.32 -3.38
CA ASP A 41 6.33 2.64 -2.39
C ASP A 41 5.06 3.08 -3.11
N ARG A 42 5.25 3.89 -4.14
CA ARG A 42 4.12 4.40 -4.92
C ARG A 42 3.44 3.24 -5.66
N VAL A 43 4.21 2.60 -6.52
CA VAL A 43 3.69 1.49 -7.30
C VAL A 43 2.81 0.62 -6.41
N ILE A 44 3.31 0.36 -5.21
CA ILE A 44 2.58 -0.47 -4.26
C ILE A 44 1.15 0.06 -4.13
N LEU A 45 1.05 1.32 -3.72
CA LEU A 45 -0.24 1.95 -3.55
C LEU A 45 -0.99 1.93 -4.89
N THR A 46 -0.29 2.36 -5.93
CA THR A 46 -0.88 2.39 -7.26
C THR A 46 -1.50 1.03 -7.61
N MET A 47 -0.64 0.02 -7.63
CA MET A 47 -1.08 -1.32 -7.94
C MET A 47 -2.09 -1.83 -6.91
N CYS A 48 -1.74 -1.62 -5.64
CA CYS A 48 -2.61 -2.04 -4.56
C CYS A 48 -3.94 -1.30 -4.67
N GLN A 49 -3.89 -0.20 -5.41
CA GLN A 49 -5.08 0.62 -5.61
C GLN A 49 -5.86 0.14 -6.84
N GLU A 50 -5.21 0.27 -7.99
CA GLU A 50 -5.82 -0.14 -9.24
C GLU A 50 -6.15 -1.63 -9.21
N GLN A 51 -5.11 -2.43 -9.01
CA GLN A 51 -5.28 -3.87 -8.95
C GLN A 51 -5.94 -4.27 -7.63
N GLY A 52 -5.68 -3.48 -6.61
CA GLY A 52 -6.26 -3.75 -5.30
C GLY A 52 -5.19 -4.30 -4.34
N ALA A 53 -5.40 -4.04 -3.06
CA ALA A 53 -4.47 -4.50 -2.04
C ALA A 53 -4.69 -5.99 -1.80
N GLN A 54 -4.18 -6.78 -2.74
CA GLN A 54 -4.31 -8.22 -2.65
C GLN A 54 -2.93 -8.88 -2.62
N PRO A 55 -2.89 -10.12 -2.07
CA PRO A 55 -1.64 -10.86 -1.98
C PRO A 55 -1.24 -11.42 -3.35
N HIS A 56 -2.18 -11.35 -4.29
CA HIS A 56 -1.94 -11.85 -5.63
C HIS A 56 -1.26 -10.75 -6.46
N THR A 57 -1.48 -9.51 -6.04
CA THR A 57 -0.89 -8.38 -6.74
C THR A 57 0.58 -8.23 -6.38
N PHE A 58 0.87 -8.47 -5.11
CA PHE A 58 2.24 -8.38 -4.61
C PHE A 58 3.20 -9.18 -5.49
N SER A 59 2.65 -10.22 -6.12
CA SER A 59 3.45 -11.07 -6.98
C SER A 59 3.82 -10.31 -8.26
N VAL A 60 3.09 -9.24 -8.51
CA VAL A 60 3.34 -8.41 -9.68
C VAL A 60 4.31 -7.29 -9.33
N ILE A 61 3.93 -6.51 -8.32
CA ILE A 61 4.77 -5.41 -7.88
C ILE A 61 6.19 -5.92 -7.63
N SER A 62 6.27 -7.06 -6.95
CA SER A 62 7.56 -7.66 -6.63
C SER A 62 8.44 -7.65 -7.88
N GLN A 63 7.93 -8.24 -8.94
CA GLN A 63 8.66 -8.31 -10.19
C GLN A 63 8.91 -6.91 -10.75
N GLN A 64 7.87 -6.09 -10.69
CA GLN A 64 7.96 -4.73 -11.18
C GLN A 64 9.10 -3.98 -10.48
N LEU A 65 9.20 -4.22 -9.17
CA LEU A 65 10.25 -3.59 -8.38
C LEU A 65 11.60 -3.86 -9.02
N GLY A 66 11.87 -5.14 -9.25
CA GLY A 66 13.13 -5.55 -9.86
C GLY A 66 13.61 -6.88 -9.28
N ASN A 67 13.78 -6.89 -7.96
CA ASN A 67 14.23 -8.09 -7.28
C ASN A 67 13.49 -8.22 -5.95
N LYS A 68 12.40 -7.48 -5.84
CA LYS A 68 11.59 -7.51 -4.64
C LYS A 68 10.79 -8.80 -4.59
N THR A 69 10.24 -9.09 -3.41
CA THR A 69 9.46 -10.30 -3.23
C THR A 69 8.02 -9.93 -2.86
N PRO A 70 7.10 -10.93 -3.07
CA PRO A 70 5.70 -10.72 -2.77
C PRO A 70 5.45 -10.76 -1.26
N VAL A 71 6.44 -11.28 -0.53
CA VAL A 71 6.35 -11.38 0.91
C VAL A 71 6.73 -10.04 1.53
N GLU A 72 7.81 -9.47 1.02
CA GLU A 72 8.30 -8.20 1.53
C GLU A 72 7.36 -7.07 1.09
N VAL A 73 7.02 -7.08 -0.18
CA VAL A 73 6.12 -6.07 -0.72
C VAL A 73 4.90 -5.94 0.18
N SER A 74 4.46 -7.07 0.70
CA SER A 74 3.30 -7.09 1.58
C SER A 74 3.66 -6.48 2.93
N HIS A 75 4.86 -6.78 3.38
CA HIS A 75 5.34 -6.27 4.65
C HIS A 75 5.47 -4.74 4.57
N ARG A 76 5.65 -4.27 3.35
CA ARG A 76 5.80 -2.85 3.12
C ARG A 76 4.43 -2.17 3.06
N PHE A 77 3.48 -2.87 2.45
CA PHE A 77 2.14 -2.36 2.31
C PHE A 77 1.45 -2.24 3.68
N ARG A 78 1.63 -3.28 4.48
CA ARG A 78 1.05 -3.31 5.81
C ARG A 78 1.71 -2.27 6.71
N GLU A 79 2.94 -1.92 6.36
CA GLU A 79 3.69 -0.93 7.12
C GLU A 79 3.25 0.48 6.75
N LEU A 80 3.06 0.68 5.45
CA LEU A 80 2.64 1.98 4.95
C LEU A 80 1.34 2.39 5.63
N MET A 81 0.34 1.51 5.52
CA MET A 81 -0.95 1.77 6.12
C MET A 81 -0.83 1.88 7.64
N GLN A 82 0.32 1.47 8.14
CA GLN A 82 0.57 1.51 9.58
C GLN A 82 1.19 2.86 9.96
N LEU A 83 2.27 3.20 9.26
CA LEU A 83 2.96 4.45 9.52
C LEU A 83 1.96 5.61 9.49
N PHE A 84 0.92 5.43 8.68
CA PHE A 84 -0.11 6.44 8.55
C PHE A 84 -0.97 6.52 9.82
N HIS A 85 -1.42 5.35 10.25
CA HIS A 85 -2.26 5.27 11.45
C HIS A 85 -1.43 5.70 12.67
N THR A 86 -0.37 4.95 12.92
CA THR A 86 0.49 5.24 14.05
C THR A 86 1.89 5.60 13.57
N ALA A 87 2.37 6.73 14.05
CA ALA A 87 3.70 7.22 13.68
C ALA A 87 4.30 8.00 14.84
N CYS A 88 3.61 9.08 15.21
CA CYS A 88 4.07 9.92 16.31
C CYS A 88 5.48 10.40 15.98
N GLU A 89 5.55 11.33 15.03
CA GLU A 89 6.83 11.88 14.61
C GLU A 89 7.79 10.76 14.21
N SER A 90 7.86 10.51 12.91
CA SER A 90 8.73 9.47 12.38
C SER A 90 9.32 9.92 11.04
N GLY A 91 10.59 9.59 10.86
CA GLY A 91 11.29 9.94 9.63
C GLY A 91 11.78 11.39 9.68
N PRO A 92 12.99 11.56 10.25
CA PRO A 92 13.58 12.89 10.36
C PRO A 92 14.11 13.37 9.00
N SER A 93 14.81 12.48 8.33
CA SER A 93 15.38 12.81 7.03
C SER A 93 14.30 12.64 5.94
N SER A 94 14.45 13.45 4.90
CA SER A 94 13.51 13.42 3.79
C SER A 94 14.25 13.22 2.48
N GLY A 95 13.88 12.17 1.77
CA GLY A 95 14.50 11.86 0.49
C GLY A 95 14.74 10.35 0.35
N GLY A 1 -50.10 16.69 -31.24
CA GLY A 1 -49.17 15.87 -30.49
C GLY A 1 -49.88 14.67 -29.85
N PRO A 2 -49.88 13.54 -30.60
CA PRO A 2 -50.52 12.32 -30.12
C PRO A 2 -49.68 11.66 -29.02
N SER A 3 -50.19 10.54 -28.53
CA SER A 3 -49.50 9.79 -27.49
C SER A 3 -49.44 8.31 -27.86
N GLY A 4 -48.60 7.59 -27.13
CA GLY A 4 -48.44 6.17 -27.37
C GLY A 4 -47.58 5.53 -26.28
N SER A 5 -47.34 4.23 -26.44
CA SER A 5 -46.54 3.49 -25.49
C SER A 5 -45.55 2.58 -26.23
N SER A 6 -44.57 2.09 -25.48
CA SER A 6 -43.56 1.22 -26.05
C SER A 6 -42.61 0.74 -24.96
N GLY A 7 -41.86 -0.31 -25.28
CA GLY A 7 -40.91 -0.87 -24.33
C GLY A 7 -39.47 -0.63 -24.79
N ALA A 8 -38.54 -0.87 -23.87
CA ALA A 8 -37.13 -0.68 -24.16
C ALA A 8 -36.34 -1.85 -23.59
N GLY A 9 -36.48 -2.04 -22.29
CA GLY A 9 -35.79 -3.12 -21.61
C GLY A 9 -34.59 -2.59 -20.84
N ALA A 10 -33.79 -3.52 -20.33
CA ALA A 10 -32.60 -3.16 -19.58
C ALA A 10 -31.36 -3.73 -20.27
N LEU A 11 -31.36 -5.04 -20.42
CA LEU A 11 -30.26 -5.73 -21.07
C LEU A 11 -29.90 -5.00 -22.37
N PRO A 12 -28.62 -5.17 -22.78
CA PRO A 12 -27.69 -6.00 -22.04
C PRO A 12 -27.21 -5.28 -20.78
N LYS A 13 -27.22 -6.02 -19.67
CA LYS A 13 -26.79 -5.46 -18.39
C LYS A 13 -25.30 -5.14 -18.46
N ALA A 14 -24.87 -4.25 -17.58
CA ALA A 14 -23.47 -3.86 -17.53
C ALA A 14 -23.28 -2.87 -16.38
N SER A 15 -22.51 -3.30 -15.39
CA SER A 15 -22.24 -2.46 -14.23
C SER A 15 -20.96 -1.63 -14.48
N GLU A 16 -20.77 -0.65 -13.61
CA GLU A 16 -19.61 0.21 -13.72
C GLU A 16 -19.42 1.02 -12.44
N ALA A 17 -18.33 0.74 -11.74
CA ALA A 17 -18.03 1.43 -10.51
C ALA A 17 -19.14 1.16 -9.49
N THR A 18 -18.84 1.45 -8.23
CA THR A 18 -19.80 1.24 -7.16
C THR A 18 -19.53 2.20 -6.01
N VAL A 19 -20.61 2.64 -5.37
CA VAL A 19 -20.51 3.56 -4.26
C VAL A 19 -19.36 3.13 -3.34
N CYS A 20 -18.52 4.09 -3.01
CA CYS A 20 -17.38 3.82 -2.15
C CYS A 20 -16.93 5.15 -1.53
N ALA A 21 -16.37 5.05 -0.33
CA ALA A 21 -15.90 6.22 0.38
C ALA A 21 -15.00 7.03 -0.55
N ASN A 22 -14.84 8.30 -0.21
CA ASN A 22 -14.01 9.20 -1.00
C ASN A 22 -13.29 10.17 -0.07
N ASN A 23 -12.20 10.73 -0.57
CA ASN A 23 -11.42 11.68 0.20
C ASN A 23 -10.84 10.97 1.44
N SER A 24 -9.92 11.65 2.09
CA SER A 24 -9.29 11.11 3.29
C SER A 24 -9.08 12.22 4.32
N LYS A 25 -9.21 11.84 5.57
CA LYS A 25 -9.03 12.79 6.67
C LYS A 25 -7.61 12.64 7.24
N VAL A 26 -7.06 13.78 7.64
CA VAL A 26 -5.72 13.79 8.20
C VAL A 26 -4.72 13.37 7.13
N SER A 27 -3.58 14.06 7.11
CA SER A 27 -2.54 13.76 6.15
C SER A 27 -1.17 14.11 6.74
N SER A 28 -0.17 13.37 6.30
CA SER A 28 1.19 13.58 6.78
C SER A 28 2.14 12.60 6.08
N THR A 29 2.90 13.14 5.14
CA THR A 29 3.85 12.32 4.40
C THR A 29 5.22 12.37 5.07
N GLY A 30 5.71 13.59 5.28
CA GLY A 30 7.00 13.78 5.91
C GLY A 30 8.14 13.66 4.90
N GLU A 31 9.10 12.82 5.23
CA GLU A 31 10.24 12.60 4.36
C GLU A 31 11.19 11.57 4.97
N LYS A 32 11.34 10.45 4.25
CA LYS A 32 12.21 9.38 4.71
C LYS A 32 12.42 8.38 3.56
N VAL A 33 13.67 8.01 3.37
CA VAL A 33 14.02 7.07 2.32
C VAL A 33 15.44 6.55 2.55
N VAL A 34 15.56 5.23 2.57
CA VAL A 34 16.85 4.60 2.78
C VAL A 34 16.86 3.23 2.11
N LEU A 35 15.88 2.42 2.47
CA LEU A 35 15.77 1.08 1.91
C LEU A 35 14.95 1.15 0.62
N TRP A 36 13.64 1.30 0.79
CA TRP A 36 12.75 1.38 -0.36
C TRP A 36 12.84 2.78 -0.94
N THR A 37 12.29 2.94 -2.13
CA THR A 37 12.31 4.22 -2.81
C THR A 37 10.89 4.80 -2.91
N ARG A 38 10.77 5.83 -3.71
CA ARG A 38 9.47 6.48 -3.90
C ARG A 38 8.61 5.67 -4.88
N GLU A 39 9.05 5.66 -6.13
CA GLU A 39 8.34 4.95 -7.17
C GLU A 39 7.80 3.62 -6.63
N ALA A 40 8.73 2.77 -6.24
CA ALA A 40 8.37 1.46 -5.69
C ALA A 40 7.28 1.64 -4.64
N ASP A 41 7.50 2.61 -3.76
CA ASP A 41 6.55 2.90 -2.69
C ASP A 41 5.21 3.29 -3.31
N ARG A 42 5.28 4.11 -4.35
CA ARG A 42 4.08 4.56 -5.03
C ARG A 42 3.40 3.38 -5.74
N VAL A 43 4.15 2.77 -6.65
CA VAL A 43 3.63 1.64 -7.40
C VAL A 43 2.82 0.74 -6.47
N ILE A 44 3.40 0.46 -5.31
CA ILE A 44 2.75 -0.38 -4.33
C ILE A 44 1.33 0.13 -4.08
N LEU A 45 1.26 1.38 -3.65
CA LEU A 45 -0.04 1.99 -3.37
C LEU A 45 -0.88 1.98 -4.64
N THR A 46 -0.27 2.41 -5.73
CA THR A 46 -0.96 2.45 -7.01
C THR A 46 -1.56 1.08 -7.33
N MET A 47 -0.67 0.12 -7.52
CA MET A 47 -1.10 -1.24 -7.84
C MET A 47 -2.04 -1.78 -6.76
N CYS A 48 -1.65 -1.58 -5.51
CA CYS A 48 -2.44 -2.03 -4.39
C CYS A 48 -3.79 -1.31 -4.42
N GLN A 49 -3.80 -0.19 -5.12
CA GLN A 49 -5.01 0.62 -5.25
C GLN A 49 -5.81 0.17 -6.47
N GLU A 50 -5.20 0.35 -7.63
CA GLU A 50 -5.85 -0.02 -8.88
C GLU A 50 -6.20 -1.51 -8.87
N GLN A 51 -5.17 -2.32 -8.74
CA GLN A 51 -5.35 -3.77 -8.71
C GLN A 51 -5.97 -4.21 -7.38
N GLY A 52 -5.63 -3.46 -6.34
CA GLY A 52 -6.16 -3.76 -5.01
C GLY A 52 -5.06 -4.34 -4.12
N ALA A 53 -5.29 -4.22 -2.82
CA ALA A 53 -4.32 -4.74 -1.85
C ALA A 53 -4.54 -6.24 -1.68
N GLN A 54 -4.07 -6.99 -2.68
CA GLN A 54 -4.20 -8.43 -2.65
C GLN A 54 -2.82 -9.09 -2.69
N PRO A 55 -2.77 -10.35 -2.20
CA PRO A 55 -1.53 -11.10 -2.16
C PRO A 55 -1.15 -11.59 -3.56
N HIS A 56 -2.10 -11.48 -4.47
CA HIS A 56 -1.88 -11.91 -5.84
C HIS A 56 -1.22 -10.77 -6.63
N THR A 57 -1.33 -9.57 -6.09
CA THR A 57 -0.76 -8.41 -6.73
C THR A 57 0.73 -8.27 -6.37
N PHE A 58 1.03 -8.59 -5.12
CA PHE A 58 2.40 -8.51 -4.64
C PHE A 58 3.35 -9.29 -5.56
N SER A 59 2.78 -10.25 -6.26
CA SER A 59 3.56 -11.07 -7.17
C SER A 59 3.90 -10.28 -8.43
N VAL A 60 3.15 -9.20 -8.62
CA VAL A 60 3.36 -8.34 -9.78
C VAL A 60 4.33 -7.22 -9.42
N ILE A 61 4.01 -6.52 -8.34
CA ILE A 61 4.85 -5.43 -7.88
C ILE A 61 6.26 -5.96 -7.57
N SER A 62 6.28 -7.03 -6.79
CA SER A 62 7.55 -7.64 -6.43
C SER A 62 8.42 -7.86 -7.67
N GLN A 63 7.76 -8.24 -8.75
CA GLN A 63 8.46 -8.48 -10.00
C GLN A 63 8.76 -7.15 -10.69
N GLN A 64 7.81 -6.23 -10.60
CA GLN A 64 7.96 -4.92 -11.22
C GLN A 64 9.10 -4.16 -10.55
N LEU A 65 9.29 -4.45 -9.26
CA LEU A 65 10.34 -3.79 -8.51
C LEU A 65 11.70 -4.18 -9.07
N GLY A 66 11.90 -5.50 -9.20
CA GLY A 66 13.15 -6.02 -9.72
C GLY A 66 13.56 -7.30 -9.00
N ASN A 67 14.01 -7.12 -7.76
CA ASN A 67 14.43 -8.25 -6.96
C ASN A 67 13.48 -8.41 -5.76
N LYS A 68 12.67 -7.38 -5.56
CA LYS A 68 11.71 -7.39 -4.48
C LYS A 68 10.88 -8.68 -4.54
N THR A 69 10.28 -9.01 -3.40
CA THR A 69 9.46 -10.21 -3.31
C THR A 69 8.02 -9.85 -2.93
N PRO A 70 7.09 -10.80 -3.22
CA PRO A 70 5.69 -10.58 -2.91
C PRO A 70 5.43 -10.72 -1.41
N VAL A 71 6.38 -11.34 -0.74
CA VAL A 71 6.27 -11.55 0.70
C VAL A 71 6.73 -10.27 1.43
N GLU A 72 7.56 -9.51 0.75
CA GLU A 72 8.08 -8.28 1.31
C GLU A 72 7.17 -7.10 0.95
N VAL A 73 6.86 -7.00 -0.33
CA VAL A 73 6.01 -5.92 -0.81
C VAL A 73 4.77 -5.83 0.09
N SER A 74 4.33 -6.99 0.56
CA SER A 74 3.16 -7.04 1.43
C SER A 74 3.47 -6.36 2.77
N HIS A 75 4.66 -6.62 3.27
CA HIS A 75 5.09 -6.04 4.53
C HIS A 75 5.26 -4.52 4.36
N ARG A 76 5.48 -4.12 3.12
CA ARG A 76 5.65 -2.71 2.82
C ARG A 76 4.30 -1.99 2.78
N PHE A 77 3.28 -2.74 2.40
CA PHE A 77 1.93 -2.20 2.32
C PHE A 77 1.30 -2.13 3.70
N ARG A 78 1.33 -3.25 4.41
CA ARG A 78 0.76 -3.32 5.74
C ARG A 78 1.45 -2.32 6.66
N GLU A 79 2.68 -1.99 6.32
CA GLU A 79 3.46 -1.05 7.11
C GLU A 79 3.03 0.38 6.80
N LEU A 80 2.91 0.67 5.52
CA LEU A 80 2.50 2.00 5.07
C LEU A 80 1.18 2.37 5.75
N MET A 81 0.21 1.48 5.60
CA MET A 81 -1.11 1.71 6.18
C MET A 81 -1.02 1.77 7.71
N GLN A 82 0.13 1.35 8.22
CA GLN A 82 0.35 1.35 9.66
C GLN A 82 0.82 2.74 10.12
N LEU A 83 1.79 3.28 9.39
CA LEU A 83 2.33 4.58 9.71
C LEU A 83 1.19 5.61 9.77
N PHE A 84 0.45 5.68 8.67
CA PHE A 84 -0.67 6.61 8.60
C PHE A 84 -1.74 6.27 9.64
N HIS A 85 -1.85 4.99 9.94
CA HIS A 85 -2.82 4.52 10.92
C HIS A 85 -2.63 5.28 12.22
N THR A 86 -1.49 5.07 12.84
CA THR A 86 -1.17 5.73 14.09
C THR A 86 0.25 6.31 14.07
N ALA A 87 1.19 5.45 13.68
CA ALA A 87 2.58 5.85 13.60
C ALA A 87 3.10 6.13 15.01
N CYS A 88 4.22 5.49 15.34
CA CYS A 88 4.83 5.66 16.64
C CYS A 88 6.25 6.19 16.44
N GLU A 89 6.61 7.15 17.27
CA GLU A 89 7.93 7.75 17.19
C GLU A 89 8.15 8.38 15.81
N SER A 90 7.49 9.50 15.59
CA SER A 90 7.61 10.21 14.33
C SER A 90 9.08 10.34 13.93
N GLY A 91 9.80 11.13 14.72
CA GLY A 91 11.22 11.35 14.46
C GLY A 91 11.43 12.55 13.54
N PRO A 92 11.72 13.72 14.17
CA PRO A 92 11.96 14.94 13.42
C PRO A 92 13.32 14.92 12.75
N SER A 93 13.46 14.02 11.79
CA SER A 93 14.72 13.89 11.07
C SER A 93 15.87 13.67 12.04
N SER A 94 17.02 13.30 11.49
CA SER A 94 18.20 13.07 12.29
C SER A 94 17.91 11.98 13.33
N GLY A 95 18.21 10.74 12.94
CA GLY A 95 18.00 9.61 13.82
C GLY A 95 16.58 9.63 14.41
N GLY A 1 -27.37 4.92 -6.67
CA GLY A 1 -28.16 5.03 -7.89
C GLY A 1 -29.59 4.54 -7.65
N PRO A 2 -30.19 4.00 -8.74
CA PRO A 2 -31.55 3.48 -8.67
C PRO A 2 -31.59 2.13 -7.94
N SER A 3 -32.64 1.95 -7.15
CA SER A 3 -32.80 0.73 -6.40
C SER A 3 -33.01 -0.46 -7.35
N GLY A 4 -32.17 -1.46 -7.19
CA GLY A 4 -32.25 -2.64 -8.03
C GLY A 4 -31.26 -2.56 -9.20
N SER A 5 -31.45 -1.53 -10.01
CA SER A 5 -30.59 -1.32 -11.16
C SER A 5 -30.75 -2.48 -12.15
N SER A 6 -31.16 -2.13 -13.36
CA SER A 6 -31.36 -3.14 -14.40
C SER A 6 -32.34 -4.20 -13.91
N GLY A 7 -32.82 -4.99 -14.86
CA GLY A 7 -33.77 -6.05 -14.55
C GLY A 7 -33.99 -6.96 -15.77
N ALA A 8 -34.65 -6.41 -16.76
CA ALA A 8 -34.93 -7.16 -17.98
C ALA A 8 -33.67 -7.92 -18.41
N GLY A 9 -33.87 -9.18 -18.79
CA GLY A 9 -32.76 -10.01 -19.22
C GLY A 9 -32.43 -11.07 -18.17
N ALA A 10 -31.38 -11.82 -18.44
CA ALA A 10 -30.95 -12.86 -17.53
C ALA A 10 -30.97 -12.33 -16.10
N LEU A 11 -30.13 -11.33 -15.86
CA LEU A 11 -30.05 -10.72 -14.55
C LEU A 11 -31.46 -10.45 -14.01
N PRO A 12 -31.55 -10.31 -12.67
CA PRO A 12 -30.37 -10.41 -11.82
C PRO A 12 -29.92 -11.87 -11.67
N LYS A 13 -28.61 -12.05 -11.63
CA LYS A 13 -28.04 -13.37 -11.49
C LYS A 13 -26.68 -13.27 -10.80
N ALA A 14 -26.72 -12.95 -9.52
CA ALA A 14 -25.51 -12.81 -8.74
C ALA A 14 -24.64 -11.71 -9.35
N SER A 15 -24.45 -10.66 -8.57
CA SER A 15 -23.64 -9.53 -9.01
C SER A 15 -23.19 -8.70 -7.80
N GLU A 16 -24.17 -8.24 -7.05
CA GLU A 16 -23.89 -7.43 -5.87
C GLU A 16 -23.24 -6.11 -6.28
N ALA A 17 -23.88 -5.02 -5.88
CA ALA A 17 -23.38 -3.69 -6.19
C ALA A 17 -22.17 -3.39 -5.30
N THR A 18 -21.56 -2.24 -5.55
CA THR A 18 -20.40 -1.82 -4.78
C THR A 18 -20.48 -0.32 -4.48
N VAL A 19 -19.67 0.10 -3.51
CA VAL A 19 -19.63 1.49 -3.13
C VAL A 19 -18.20 1.88 -2.73
N CYS A 20 -17.93 3.16 -2.80
CA CYS A 20 -16.61 3.67 -2.44
C CYS A 20 -16.65 5.20 -2.49
N ALA A 21 -16.88 5.78 -1.32
CA ALA A 21 -16.95 7.23 -1.22
C ALA A 21 -15.54 7.81 -1.28
N ASN A 22 -14.72 7.41 -0.31
CA ASN A 22 -13.34 7.88 -0.26
C ASN A 22 -13.33 9.40 -0.10
N ASN A 23 -12.27 9.90 0.50
CA ASN A 23 -12.12 11.32 0.72
C ASN A 23 -10.64 11.66 0.89
N SER A 24 -10.33 12.93 0.68
CA SER A 24 -8.96 13.40 0.80
C SER A 24 -8.46 13.18 2.22
N LYS A 25 -7.13 13.14 2.35
CA LYS A 25 -6.52 12.94 3.65
C LYS A 25 -5.39 13.95 3.85
N VAL A 26 -4.98 14.10 5.10
CA VAL A 26 -3.91 15.03 5.43
C VAL A 26 -2.66 14.68 4.61
N SER A 27 -1.82 15.69 4.43
CA SER A 27 -0.59 15.50 3.68
C SER A 27 0.54 16.33 4.28
N SER A 28 1.59 15.63 4.68
CA SER A 28 2.73 16.29 5.29
C SER A 28 3.92 15.33 5.35
N THR A 29 5.07 15.82 4.91
CA THR A 29 6.27 15.02 4.90
C THR A 29 6.84 14.91 6.32
N GLY A 30 7.55 13.81 6.56
CA GLY A 30 8.15 13.57 7.86
C GLY A 30 8.19 12.08 8.17
N GLU A 31 9.17 11.41 7.59
CA GLU A 31 9.32 9.97 7.80
C GLU A 31 10.76 9.55 7.47
N LYS A 32 11.08 8.33 7.85
CA LYS A 32 12.41 7.78 7.62
C LYS A 32 12.36 6.85 6.41
N VAL A 33 13.24 7.09 5.45
CA VAL A 33 13.31 6.28 4.25
C VAL A 33 14.77 6.08 3.86
N VAL A 34 15.26 4.89 4.18
CA VAL A 34 16.65 4.55 3.87
C VAL A 34 16.73 3.08 3.47
N LEU A 35 15.87 2.70 2.53
CA LEU A 35 15.84 1.32 2.06
C LEU A 35 14.98 1.25 0.80
N TRP A 36 13.67 1.39 1.00
CA TRP A 36 12.73 1.35 -0.10
C TRP A 36 12.70 2.72 -0.76
N THR A 37 12.41 2.72 -2.06
CA THR A 37 12.34 3.96 -2.82
C THR A 37 10.90 4.44 -2.91
N ARG A 38 10.75 5.61 -3.52
CA ARG A 38 9.42 6.19 -3.69
C ARG A 38 8.64 5.45 -4.77
N GLU A 39 9.24 5.40 -5.96
CA GLU A 39 8.62 4.72 -7.08
C GLU A 39 7.90 3.44 -6.61
N ALA A 40 8.70 2.54 -6.05
CA ALA A 40 8.17 1.28 -5.56
C ALA A 40 7.07 1.57 -4.53
N ASP A 41 7.44 2.30 -3.50
CA ASP A 41 6.50 2.65 -2.44
C ASP A 41 5.19 3.14 -3.08
N ARG A 42 5.34 3.85 -4.18
CA ARG A 42 4.19 4.38 -4.89
C ARG A 42 3.48 3.26 -5.66
N VAL A 43 4.24 2.59 -6.50
CA VAL A 43 3.71 1.51 -7.31
C VAL A 43 2.86 0.60 -6.42
N ILE A 44 3.43 0.23 -5.28
CA ILE A 44 2.73 -0.64 -4.35
C ILE A 44 1.30 -0.12 -4.15
N LEU A 45 1.21 1.12 -3.68
CA LEU A 45 -0.08 1.74 -3.44
C LEU A 45 -0.87 1.78 -4.76
N THR A 46 -0.23 2.37 -5.77
CA THR A 46 -0.85 2.48 -7.07
C THR A 46 -1.51 1.15 -7.48
N MET A 47 -0.68 0.12 -7.55
CA MET A 47 -1.17 -1.19 -7.92
C MET A 47 -2.12 -1.74 -6.86
N CYS A 48 -1.72 -1.58 -5.61
CA CYS A 48 -2.54 -2.06 -4.50
C CYS A 48 -3.88 -1.32 -4.55
N GLN A 49 -3.91 -0.24 -5.29
CA GLN A 49 -5.12 0.56 -5.43
C GLN A 49 -5.93 0.07 -6.62
N GLU A 50 -5.34 0.20 -7.81
CA GLU A 50 -6.01 -0.21 -9.03
C GLU A 50 -6.33 -1.71 -8.97
N GLN A 51 -5.27 -2.50 -8.83
CA GLN A 51 -5.43 -3.95 -8.77
C GLN A 51 -6.01 -4.36 -7.41
N GLY A 52 -5.62 -3.60 -6.39
CA GLY A 52 -6.10 -3.88 -5.03
C GLY A 52 -4.95 -4.35 -4.15
N ALA A 53 -5.08 -4.03 -2.86
CA ALA A 53 -4.06 -4.42 -1.89
C ALA A 53 -4.21 -5.91 -1.58
N GLN A 54 -3.92 -6.73 -2.58
CA GLN A 54 -4.01 -8.17 -2.42
C GLN A 54 -2.64 -8.82 -2.60
N PRO A 55 -2.56 -10.11 -2.21
CA PRO A 55 -1.31 -10.85 -2.32
C PRO A 55 -1.02 -11.24 -3.77
N HIS A 56 -2.07 -11.72 -4.43
CA HIS A 56 -1.96 -12.13 -5.82
C HIS A 56 -1.39 -10.98 -6.65
N THR A 57 -1.50 -9.78 -6.09
CA THR A 57 -1.00 -8.59 -6.77
C THR A 57 0.49 -8.41 -6.51
N PHE A 58 0.86 -8.58 -5.25
CA PHE A 58 2.26 -8.44 -4.86
C PHE A 58 3.17 -9.24 -5.79
N SER A 59 2.60 -10.28 -6.38
CA SER A 59 3.35 -11.13 -7.29
C SER A 59 3.78 -10.32 -8.52
N VAL A 60 3.09 -9.20 -8.73
CA VAL A 60 3.38 -8.35 -9.86
C VAL A 60 4.38 -7.27 -9.44
N ILE A 61 3.99 -6.53 -8.40
CA ILE A 61 4.84 -5.47 -7.89
C ILE A 61 6.23 -6.03 -7.58
N SER A 62 6.24 -7.17 -6.89
CA SER A 62 7.48 -7.82 -6.53
C SER A 62 8.40 -7.92 -7.76
N GLN A 63 7.78 -8.21 -8.89
CA GLN A 63 8.53 -8.33 -10.13
C GLN A 63 8.87 -6.94 -10.69
N GLN A 64 7.90 -6.05 -10.60
CA GLN A 64 8.08 -4.69 -11.09
C GLN A 64 9.24 -4.01 -10.35
N LEU A 65 9.27 -4.24 -9.04
CA LEU A 65 10.31 -3.67 -8.20
C LEU A 65 11.68 -3.98 -8.82
N GLY A 66 11.89 -5.27 -9.07
CA GLY A 66 13.15 -5.71 -9.65
C GLY A 66 13.65 -6.99 -8.97
N ASN A 67 13.92 -6.87 -7.68
CA ASN A 67 14.39 -8.02 -6.91
C ASN A 67 13.59 -8.11 -5.61
N LYS A 68 12.43 -7.48 -5.62
CA LYS A 68 11.56 -7.49 -4.45
C LYS A 68 10.66 -8.72 -4.50
N THR A 69 10.35 -9.24 -3.32
CA THR A 69 9.50 -10.41 -3.21
C THR A 69 8.05 -10.00 -2.99
N PRO A 70 7.13 -10.97 -3.23
CA PRO A 70 5.71 -10.72 -3.05
C PRO A 70 5.33 -10.69 -1.57
N VAL A 71 6.24 -11.21 -0.76
CA VAL A 71 6.01 -11.25 0.68
C VAL A 71 6.49 -9.93 1.30
N GLU A 72 7.48 -9.33 0.65
CA GLU A 72 8.04 -8.07 1.12
C GLU A 72 7.08 -6.92 0.79
N VAL A 73 6.57 -6.95 -0.43
CA VAL A 73 5.66 -5.92 -0.88
C VAL A 73 4.52 -5.78 0.12
N SER A 74 4.14 -6.90 0.71
CA SER A 74 3.07 -6.92 1.69
C SER A 74 3.53 -6.23 2.98
N HIS A 75 4.68 -6.68 3.46
CA HIS A 75 5.24 -6.12 4.68
C HIS A 75 5.41 -4.61 4.52
N ARG A 76 5.63 -4.19 3.29
CA ARG A 76 5.80 -2.78 3.00
C ARG A 76 4.44 -2.07 2.97
N PHE A 77 3.46 -2.77 2.42
CA PHE A 77 2.11 -2.23 2.33
C PHE A 77 1.48 -2.11 3.71
N ARG A 78 1.54 -3.20 4.46
CA ARG A 78 0.97 -3.23 5.80
C ARG A 78 1.67 -2.20 6.70
N GLU A 79 2.90 -1.88 6.32
CA GLU A 79 3.68 -0.92 7.07
C GLU A 79 3.24 0.51 6.75
N LEU A 80 3.16 0.79 5.46
CA LEU A 80 2.75 2.10 5.00
C LEU A 80 1.44 2.49 5.68
N MET A 81 0.45 1.62 5.50
CA MET A 81 -0.86 1.84 6.09
C MET A 81 -0.79 1.90 7.61
N GLN A 82 0.36 1.47 8.13
CA GLN A 82 0.58 1.46 9.56
C GLN A 82 0.87 2.88 10.06
N LEU A 83 1.92 3.47 9.50
CA LEU A 83 2.31 4.81 9.87
C LEU A 83 1.07 5.70 9.98
N PHE A 84 0.40 5.85 8.85
CA PHE A 84 -0.81 6.67 8.81
C PHE A 84 -1.77 6.28 9.94
N HIS A 85 -2.11 5.01 9.98
CA HIS A 85 -3.02 4.50 11.00
C HIS A 85 -2.53 4.93 12.37
N THR A 86 -1.33 4.46 12.72
CA THR A 86 -0.73 4.78 14.00
C THR A 86 0.48 5.69 13.81
N ALA A 87 0.21 6.98 13.72
CA ALA A 87 1.27 7.96 13.54
C ALA A 87 2.29 7.83 14.68
N CYS A 88 1.81 8.06 15.89
CA CYS A 88 2.66 7.96 17.06
C CYS A 88 3.52 9.22 17.13
N GLU A 89 4.31 9.41 16.08
CA GLU A 89 5.19 10.57 16.00
C GLU A 89 6.20 10.54 17.16
N SER A 90 7.47 10.41 16.78
CA SER A 90 8.54 10.37 17.77
C SER A 90 9.57 11.46 17.47
N GLY A 91 10.12 11.38 16.27
CA GLY A 91 11.13 12.35 15.85
C GLY A 91 11.56 12.09 14.40
N PRO A 92 10.67 12.48 13.45
CA PRO A 92 10.94 12.29 12.04
C PRO A 92 11.97 13.32 11.55
N SER A 93 13.11 12.80 11.10
CA SER A 93 14.17 13.66 10.60
C SER A 93 14.43 14.79 11.58
N SER A 94 15.34 14.53 12.51
CA SER A 94 15.69 15.52 13.52
C SER A 94 17.21 15.54 13.71
N GLY A 95 17.75 16.75 13.76
CA GLY A 95 19.18 16.93 13.95
C GLY A 95 19.96 16.32 12.77
N GLY A 1 -6.96 -16.48 34.90
CA GLY A 1 -6.24 -16.64 33.65
C GLY A 1 -6.82 -15.72 32.57
N PRO A 2 -5.98 -15.46 31.53
CA PRO A 2 -6.40 -14.62 30.43
C PRO A 2 -7.36 -15.35 29.50
N SER A 3 -8.55 -14.77 29.36
CA SER A 3 -9.58 -15.36 28.52
C SER A 3 -10.29 -14.27 27.73
N GLY A 4 -10.91 -14.67 26.63
CA GLY A 4 -11.64 -13.74 25.78
C GLY A 4 -12.91 -14.38 25.23
N SER A 5 -13.35 -13.87 24.08
CA SER A 5 -14.55 -14.37 23.44
C SER A 5 -14.25 -15.73 22.78
N SER A 6 -14.45 -16.78 23.55
CA SER A 6 -14.21 -18.13 23.05
C SER A 6 -15.13 -18.41 21.86
N GLY A 7 -14.89 -19.55 21.22
CA GLY A 7 -15.68 -19.95 20.07
C GLY A 7 -14.86 -19.85 18.78
N ALA A 8 -14.35 -20.99 18.36
CA ALA A 8 -13.54 -21.05 17.15
C ALA A 8 -14.34 -21.75 16.04
N GLY A 9 -13.96 -21.45 14.81
CA GLY A 9 -14.62 -22.04 13.65
C GLY A 9 -14.51 -21.13 12.43
N ALA A 10 -15.30 -21.45 11.42
CA ALA A 10 -15.29 -20.68 10.19
C ALA A 10 -16.70 -20.16 9.91
N LEU A 11 -17.10 -19.15 10.68
CA LEU A 11 -18.41 -18.56 10.51
C LEU A 11 -18.51 -17.29 11.37
N PRO A 12 -19.42 -16.38 10.94
CA PRO A 12 -20.24 -16.63 9.77
C PRO A 12 -19.42 -16.46 8.49
N LYS A 13 -19.86 -17.16 7.45
CA LYS A 13 -19.17 -17.07 6.16
C LYS A 13 -19.03 -15.61 5.75
N ALA A 14 -17.79 -15.16 5.70
CA ALA A 14 -17.51 -13.78 5.32
C ALA A 14 -16.56 -13.77 4.13
N SER A 15 -17.11 -13.42 2.98
CA SER A 15 -16.33 -13.36 1.75
C SER A 15 -16.84 -12.22 0.86
N GLU A 16 -15.90 -11.62 0.14
CA GLU A 16 -16.24 -10.52 -0.75
C GLU A 16 -16.79 -9.34 0.05
N ALA A 17 -16.14 -8.20 -0.11
CA ALA A 17 -16.55 -7.00 0.59
C ALA A 17 -16.14 -5.77 -0.24
N THR A 18 -17.02 -4.78 -0.25
CA THR A 18 -16.77 -3.56 -0.99
C THR A 18 -16.83 -2.34 -0.06
N VAL A 19 -15.80 -1.52 -0.12
CA VAL A 19 -15.74 -0.33 0.69
C VAL A 19 -14.96 0.76 -0.04
N CYS A 20 -15.28 2.00 0.30
CA CYS A 20 -14.62 3.13 -0.33
C CYS A 20 -13.66 3.76 0.68
N ALA A 21 -12.73 4.55 0.16
CA ALA A 21 -11.76 5.20 1.02
C ALA A 21 -12.46 5.89 2.18
N ASN A 22 -11.68 6.23 3.20
CA ASN A 22 -12.23 6.89 4.36
C ASN A 22 -11.29 8.03 4.79
N ASN A 23 -10.04 7.66 4.99
CA ASN A 23 -9.03 8.64 5.40
C ASN A 23 -9.16 9.89 4.52
N SER A 24 -8.65 11.00 5.05
CA SER A 24 -8.70 12.25 4.33
C SER A 24 -8.03 13.35 5.16
N LYS A 25 -7.23 14.16 4.47
CA LYS A 25 -6.53 15.25 5.12
C LYS A 25 -5.49 14.67 6.09
N VAL A 26 -4.24 14.76 5.67
CA VAL A 26 -3.13 14.25 6.48
C VAL A 26 -1.83 14.91 6.04
N SER A 27 -1.05 15.33 7.02
CA SER A 27 0.21 15.98 6.75
C SER A 27 1.35 14.96 6.84
N SER A 28 1.50 14.38 8.01
CA SER A 28 2.53 13.39 8.25
C SER A 28 3.88 13.92 7.75
N THR A 29 4.64 14.49 8.68
CA THR A 29 5.95 15.04 8.35
C THR A 29 7.05 14.18 8.96
N GLY A 30 8.15 14.09 8.22
CA GLY A 30 9.28 13.30 8.67
C GLY A 30 9.38 11.98 7.90
N GLU A 31 9.32 10.89 8.65
CA GLU A 31 9.39 9.56 8.05
C GLU A 31 10.73 9.39 7.32
N LYS A 32 11.58 8.57 7.92
CA LYS A 32 12.90 8.32 7.35
C LYS A 32 12.74 7.41 6.13
N VAL A 33 13.75 7.44 5.28
CA VAL A 33 13.73 6.61 4.07
C VAL A 33 15.15 6.51 3.52
N VAL A 34 15.67 5.30 3.54
CA VAL A 34 17.02 5.03 3.05
C VAL A 34 17.20 3.53 2.83
N LEU A 35 16.30 2.97 2.04
CA LEU A 35 16.35 1.55 1.74
C LEU A 35 15.38 1.24 0.60
N TRP A 36 14.14 1.64 0.79
CA TRP A 36 13.10 1.41 -0.21
C TRP A 36 13.05 2.64 -1.12
N THR A 37 12.67 2.39 -2.36
CA THR A 37 12.58 3.46 -3.34
C THR A 37 11.15 4.01 -3.40
N ARG A 38 11.07 5.33 -3.41
CA ARG A 38 9.78 6.00 -3.46
C ARG A 38 8.88 5.35 -4.53
N GLU A 39 9.34 5.44 -5.77
CA GLU A 39 8.60 4.87 -6.88
C GLU A 39 8.00 3.52 -6.48
N ALA A 40 8.84 2.66 -5.94
CA ALA A 40 8.40 1.34 -5.51
C ALA A 40 7.30 1.50 -4.45
N ASP A 41 7.55 2.41 -3.53
CA ASP A 41 6.59 2.66 -2.46
C ASP A 41 5.28 3.19 -3.06
N ARG A 42 5.43 4.04 -4.07
CA ARG A 42 4.28 4.62 -4.74
C ARG A 42 3.57 3.55 -5.58
N VAL A 43 4.34 2.91 -6.45
CA VAL A 43 3.80 1.88 -7.31
C VAL A 43 2.81 1.02 -6.52
N ILE A 44 3.33 0.41 -5.47
CA ILE A 44 2.52 -0.44 -4.61
C ILE A 44 1.20 0.28 -4.30
N LEU A 45 1.32 1.49 -3.80
CA LEU A 45 0.16 2.28 -3.46
C LEU A 45 -0.79 2.35 -4.67
N THR A 46 -0.19 2.31 -5.84
CA THR A 46 -0.96 2.35 -7.08
C THR A 46 -1.50 0.96 -7.42
N MET A 47 -0.59 0.00 -7.48
CA MET A 47 -0.98 -1.36 -7.79
C MET A 47 -1.99 -1.91 -6.77
N CYS A 48 -1.61 -1.79 -5.50
CA CYS A 48 -2.47 -2.27 -4.43
C CYS A 48 -3.79 -1.51 -4.50
N GLN A 49 -3.76 -0.40 -5.22
CA GLN A 49 -4.95 0.42 -5.38
C GLN A 49 -5.73 -0.02 -6.63
N GLU A 50 -5.12 0.19 -7.78
CA GLU A 50 -5.75 -0.18 -9.03
C GLU A 50 -6.14 -1.66 -9.02
N GLN A 51 -5.15 -2.51 -8.84
CA GLN A 51 -5.37 -3.94 -8.79
C GLN A 51 -6.04 -4.33 -7.48
N GLY A 52 -5.68 -3.61 -6.43
CA GLY A 52 -6.24 -3.87 -5.11
C GLY A 52 -5.20 -4.50 -4.19
N ALA A 53 -5.32 -4.17 -2.91
CA ALA A 53 -4.39 -4.69 -1.92
C ALA A 53 -4.64 -6.19 -1.73
N GLN A 54 -4.07 -6.97 -2.64
CA GLN A 54 -4.21 -8.41 -2.59
C GLN A 54 -2.85 -9.09 -2.64
N PRO A 55 -2.82 -10.35 -2.13
CA PRO A 55 -1.58 -11.12 -2.12
C PRO A 55 -1.24 -11.64 -3.51
N HIS A 56 -2.21 -11.53 -4.41
CA HIS A 56 -2.03 -11.98 -5.77
C HIS A 56 -1.38 -10.87 -6.60
N THR A 57 -1.44 -9.66 -6.06
CA THR A 57 -0.86 -8.52 -6.73
C THR A 57 0.63 -8.40 -6.41
N PHE A 58 0.95 -8.61 -5.14
CA PHE A 58 2.32 -8.54 -4.69
C PHE A 58 3.25 -9.34 -5.60
N SER A 59 2.65 -10.30 -6.30
CA SER A 59 3.40 -11.15 -7.21
C SER A 59 3.89 -10.33 -8.40
N VAL A 60 3.13 -9.28 -8.71
CA VAL A 60 3.48 -8.42 -9.82
C VAL A 60 4.42 -7.31 -9.34
N ILE A 61 4.02 -6.70 -8.24
CA ILE A 61 4.82 -5.62 -7.65
C ILE A 61 6.26 -6.09 -7.49
N SER A 62 6.40 -7.29 -6.95
CA SER A 62 7.72 -7.87 -6.74
C SER A 62 8.54 -7.78 -8.03
N GLN A 63 7.88 -8.13 -9.14
CA GLN A 63 8.54 -8.11 -10.43
C GLN A 63 8.75 -6.66 -10.89
N GLN A 64 7.71 -5.86 -10.71
CA GLN A 64 7.76 -4.46 -11.09
C GLN A 64 8.93 -3.76 -10.37
N LEU A 65 9.16 -4.18 -9.14
CA LEU A 65 10.23 -3.60 -8.35
C LEU A 65 11.58 -4.04 -8.93
N GLY A 66 11.71 -5.34 -9.12
CA GLY A 66 12.94 -5.90 -9.66
C GLY A 66 13.33 -7.19 -8.93
N ASN A 67 13.78 -7.02 -7.69
CA ASN A 67 14.19 -8.15 -6.88
C ASN A 67 13.21 -8.30 -5.70
N LYS A 68 12.43 -7.27 -5.50
CA LYS A 68 11.46 -7.27 -4.42
C LYS A 68 10.69 -8.59 -4.42
N THR A 69 10.21 -8.98 -3.25
CA THR A 69 9.47 -10.22 -3.11
C THR A 69 7.99 -9.92 -2.87
N PRO A 70 7.14 -10.95 -3.13
CA PRO A 70 5.71 -10.80 -2.94
C PRO A 70 5.35 -10.84 -1.46
N VAL A 71 6.29 -11.33 -0.66
CA VAL A 71 6.08 -11.43 0.77
C VAL A 71 6.48 -10.11 1.43
N GLU A 72 7.56 -9.53 0.92
CA GLU A 72 8.06 -8.27 1.45
C GLU A 72 7.15 -7.12 1.01
N VAL A 73 6.84 -7.11 -0.27
CA VAL A 73 5.98 -6.08 -0.83
C VAL A 73 4.80 -5.85 0.11
N SER A 74 4.22 -6.95 0.58
CA SER A 74 3.09 -6.88 1.48
C SER A 74 3.51 -6.23 2.80
N HIS A 75 4.70 -6.60 3.25
CA HIS A 75 5.23 -6.07 4.50
C HIS A 75 5.40 -4.55 4.38
N ARG A 76 5.60 -4.11 3.14
CA ARG A 76 5.79 -2.69 2.87
C ARG A 76 4.43 -1.98 2.84
N PHE A 77 3.44 -2.69 2.33
CA PHE A 77 2.09 -2.14 2.23
C PHE A 77 1.43 -2.07 3.61
N ARG A 78 1.50 -3.17 4.33
CA ARG A 78 0.91 -3.24 5.66
C ARG A 78 1.62 -2.26 6.59
N GLU A 79 2.85 -1.93 6.25
CA GLU A 79 3.64 -1.01 7.04
C GLU A 79 3.23 0.44 6.74
N LEU A 80 3.16 0.74 5.45
CA LEU A 80 2.78 2.07 5.01
C LEU A 80 1.47 2.48 5.70
N MET A 81 0.46 1.65 5.51
CA MET A 81 -0.84 1.91 6.11
C MET A 81 -0.76 1.93 7.63
N GLN A 82 0.38 1.46 8.14
CA GLN A 82 0.60 1.41 9.57
C GLN A 82 1.00 2.79 10.09
N LEU A 83 2.05 3.33 9.48
CA LEU A 83 2.56 4.64 9.87
C LEU A 83 1.38 5.60 10.03
N PHE A 84 0.69 5.82 8.92
CA PHE A 84 -0.45 6.72 8.92
C PHE A 84 -1.38 6.42 10.10
N HIS A 85 -1.73 5.16 10.24
CA HIS A 85 -2.61 4.73 11.31
C HIS A 85 -2.14 5.35 12.62
N THR A 86 -0.93 4.98 13.03
CA THR A 86 -0.36 5.50 14.25
C THR A 86 1.16 5.55 14.16
N ALA A 87 1.68 6.76 14.06
CA ALA A 87 3.11 6.96 13.96
C ALA A 87 3.52 8.20 14.77
N CYS A 88 4.82 8.40 14.88
CA CYS A 88 5.34 9.53 15.61
C CYS A 88 6.87 9.44 15.62
N GLU A 89 7.46 9.83 14.50
CA GLU A 89 8.91 9.79 14.35
C GLU A 89 9.40 11.07 13.67
N SER A 90 10.71 11.29 13.78
CA SER A 90 11.31 12.46 13.18
C SER A 90 12.83 12.29 13.12
N GLY A 91 13.45 13.06 12.24
CA GLY A 91 14.89 13.01 12.07
C GLY A 91 15.36 14.02 11.02
N PRO A 92 16.68 14.38 11.12
CA PRO A 92 17.26 15.32 10.19
C PRO A 92 17.51 14.67 8.83
N SER A 93 17.63 15.53 7.81
CA SER A 93 17.87 15.05 6.47
C SER A 93 18.28 16.22 5.56
N SER A 94 18.98 15.88 4.49
CA SER A 94 19.43 16.88 3.55
C SER A 94 20.41 17.83 4.23
N GLY A 95 19.86 18.94 4.71
CA GLY A 95 20.67 19.94 5.38
C GLY A 95 21.18 19.42 6.73
N GLY A 1 -24.61 -49.43 -29.37
CA GLY A 1 -25.30 -48.42 -28.57
C GLY A 1 -25.41 -48.87 -27.11
N PRO A 2 -24.42 -48.43 -26.29
CA PRO A 2 -24.40 -48.76 -24.89
C PRO A 2 -25.45 -47.95 -24.11
N SER A 3 -25.54 -48.25 -22.82
CA SER A 3 -26.49 -47.55 -21.97
C SER A 3 -25.93 -47.47 -20.54
N GLY A 4 -26.57 -46.62 -19.75
CA GLY A 4 -26.16 -46.44 -18.36
C GLY A 4 -26.03 -44.96 -18.02
N SER A 5 -24.86 -44.60 -17.53
CA SER A 5 -24.59 -43.22 -17.15
C SER A 5 -25.54 -42.78 -16.03
N SER A 6 -24.97 -42.13 -15.03
CA SER A 6 -25.74 -41.66 -13.90
C SER A 6 -24.89 -40.72 -13.04
N GLY A 7 -25.14 -39.43 -13.21
CA GLY A 7 -24.40 -38.43 -12.45
C GLY A 7 -24.90 -37.02 -12.79
N ALA A 8 -24.57 -36.08 -11.92
CA ALA A 8 -24.98 -34.70 -12.10
C ALA A 8 -23.96 -33.78 -11.42
N GLY A 9 -24.03 -32.50 -11.78
CA GLY A 9 -23.14 -31.52 -11.20
C GLY A 9 -23.92 -30.36 -10.57
N ALA A 10 -23.32 -29.79 -9.53
CA ALA A 10 -23.95 -28.69 -8.83
C ALA A 10 -22.87 -27.87 -8.11
N LEU A 11 -23.07 -26.56 -8.11
CA LEU A 11 -22.13 -25.66 -7.47
C LEU A 11 -20.78 -25.75 -8.18
N PRO A 12 -20.05 -24.60 -8.19
CA PRO A 12 -20.57 -23.40 -7.56
C PRO A 12 -21.66 -22.75 -8.41
N LYS A 13 -22.41 -21.86 -7.77
CA LYS A 13 -23.49 -21.17 -8.47
C LYS A 13 -23.05 -19.74 -8.79
N ALA A 14 -22.98 -18.92 -7.75
CA ALA A 14 -22.58 -17.54 -7.91
C ALA A 14 -21.42 -17.24 -6.97
N SER A 15 -20.66 -16.20 -7.32
CA SER A 15 -19.52 -15.81 -6.52
C SER A 15 -19.59 -14.30 -6.22
N GLU A 16 -19.67 -13.52 -7.28
CA GLU A 16 -19.74 -12.08 -7.15
C GLU A 16 -18.48 -11.54 -6.47
N ALA A 17 -18.34 -10.22 -6.51
CA ALA A 17 -17.19 -9.58 -5.91
C ALA A 17 -17.63 -8.28 -5.21
N THR A 18 -16.69 -7.68 -4.50
CA THR A 18 -16.98 -6.45 -3.79
C THR A 18 -15.73 -5.55 -3.76
N VAL A 19 -15.97 -4.29 -3.42
CA VAL A 19 -14.87 -3.32 -3.34
C VAL A 19 -14.83 -2.72 -1.95
N CYS A 20 -13.70 -2.92 -1.28
CA CYS A 20 -13.52 -2.40 0.06
C CYS A 20 -12.25 -1.55 0.08
N ALA A 21 -12.12 -0.74 1.13
CA ALA A 21 -10.96 0.12 1.27
C ALA A 21 -10.91 1.09 0.10
N ASN A 22 -11.21 2.35 0.41
CA ASN A 22 -11.20 3.39 -0.61
C ASN A 22 -11.71 4.70 0.00
N ASN A 23 -10.75 5.55 0.36
CA ASN A 23 -11.08 6.84 0.96
C ASN A 23 -9.80 7.65 1.16
N SER A 24 -8.87 7.05 1.89
CA SER A 24 -7.60 7.70 2.17
C SER A 24 -6.99 8.21 0.86
N LYS A 25 -6.45 9.42 0.92
CA LYS A 25 -5.84 10.02 -0.24
C LYS A 25 -5.25 11.39 0.14
N VAL A 26 -6.14 12.29 0.54
CA VAL A 26 -5.73 13.62 0.94
C VAL A 26 -5.06 13.55 2.31
N SER A 27 -4.25 14.57 2.59
CA SER A 27 -3.54 14.63 3.85
C SER A 27 -2.49 13.53 3.93
N SER A 28 -1.35 13.89 4.49
CA SER A 28 -0.25 12.94 4.63
C SER A 28 0.92 13.60 5.36
N THR A 29 1.54 12.82 6.24
CA THR A 29 2.68 13.30 7.01
C THR A 29 3.49 12.13 7.55
N GLY A 30 4.81 12.31 7.51
CA GLY A 30 5.71 11.28 8.00
C GLY A 30 7.03 11.29 7.21
N GLU A 31 8.11 11.08 7.93
CA GLU A 31 9.43 11.05 7.31
C GLU A 31 10.29 9.97 7.94
N LYS A 32 10.38 8.84 7.24
CA LYS A 32 11.16 7.72 7.71
C LYS A 32 11.23 6.65 6.63
N VAL A 33 11.78 7.03 5.49
CA VAL A 33 11.92 6.12 4.37
C VAL A 33 13.35 6.16 3.83
N VAL A 34 14.20 5.39 4.49
CA VAL A 34 15.61 5.33 4.09
C VAL A 34 15.94 3.90 3.63
N LEU A 35 15.19 3.44 2.64
CA LEU A 35 15.41 2.11 2.11
C LEU A 35 14.69 1.98 0.76
N TRP A 36 13.38 1.87 0.84
CA TRP A 36 12.56 1.75 -0.37
C TRP A 36 12.52 3.11 -1.06
N THR A 37 12.23 3.08 -2.35
CA THR A 37 12.16 4.31 -3.13
C THR A 37 10.70 4.74 -3.30
N ARG A 38 10.54 5.99 -3.69
CA ARG A 38 9.21 6.54 -3.90
C ARG A 38 8.43 5.70 -4.92
N GLU A 39 8.97 5.64 -6.13
CA GLU A 39 8.36 4.88 -7.19
C GLU A 39 7.80 3.57 -6.64
N ALA A 40 8.69 2.76 -6.08
CA ALA A 40 8.29 1.49 -5.52
C ALA A 40 7.21 1.70 -4.47
N ASP A 41 7.51 2.56 -3.52
CA ASP A 41 6.57 2.87 -2.46
C ASP A 41 5.21 3.20 -3.07
N ARG A 42 5.25 3.90 -4.20
CA ARG A 42 4.03 4.28 -4.88
C ARG A 42 3.44 3.08 -5.61
N VAL A 43 4.25 2.48 -6.46
CA VAL A 43 3.81 1.33 -7.23
C VAL A 43 2.98 0.41 -6.33
N ILE A 44 3.46 0.23 -5.12
CA ILE A 44 2.76 -0.61 -4.15
C ILE A 44 1.33 -0.12 -3.98
N LEU A 45 1.21 1.13 -3.55
CA LEU A 45 -0.09 1.73 -3.36
C LEU A 45 -0.86 1.73 -4.68
N THR A 46 -0.24 2.30 -5.69
CA THR A 46 -0.85 2.38 -7.00
C THR A 46 -1.46 1.02 -7.38
N MET A 47 -0.60 0.03 -7.49
CA MET A 47 -1.04 -1.31 -7.84
C MET A 47 -2.07 -1.83 -6.84
N CYS A 48 -1.77 -1.61 -5.56
CA CYS A 48 -2.65 -2.05 -4.50
C CYS A 48 -4.00 -1.34 -4.67
N GLN A 49 -3.95 -0.23 -5.39
CA GLN A 49 -5.17 0.54 -5.64
C GLN A 49 -5.85 0.07 -6.92
N GLU A 50 -5.12 0.19 -8.03
CA GLU A 50 -5.64 -0.21 -9.32
C GLU A 50 -5.96 -1.71 -9.31
N GLN A 51 -4.92 -2.50 -9.06
CA GLN A 51 -5.08 -3.95 -9.03
C GLN A 51 -5.80 -4.37 -7.74
N GLY A 52 -5.60 -3.57 -6.70
CA GLY A 52 -6.21 -3.85 -5.41
C GLY A 52 -5.18 -4.38 -4.41
N ALA A 53 -5.48 -4.17 -3.14
CA ALA A 53 -4.59 -4.60 -2.08
C ALA A 53 -4.80 -6.10 -1.83
N GLN A 54 -4.33 -6.90 -2.79
CA GLN A 54 -4.45 -8.34 -2.69
C GLN A 54 -3.08 -8.99 -2.65
N PRO A 55 -3.04 -10.23 -2.09
CA PRO A 55 -1.80 -10.98 -1.98
C PRO A 55 -1.37 -11.54 -3.34
N HIS A 56 -2.28 -11.44 -4.30
CA HIS A 56 -2.03 -11.93 -5.64
C HIS A 56 -1.38 -10.82 -6.47
N THR A 57 -1.46 -9.61 -5.96
CA THR A 57 -0.90 -8.46 -6.64
C THR A 57 0.56 -8.25 -6.22
N PHE A 58 0.82 -8.54 -4.94
CA PHE A 58 2.16 -8.39 -4.39
C PHE A 58 3.18 -9.14 -5.24
N SER A 59 2.70 -10.15 -5.96
CA SER A 59 3.56 -10.94 -6.81
C SER A 59 3.87 -10.18 -8.09
N VAL A 60 3.07 -9.16 -8.36
CA VAL A 60 3.25 -8.34 -9.54
C VAL A 60 4.23 -7.21 -9.22
N ILE A 61 3.90 -6.46 -8.18
CA ILE A 61 4.73 -5.34 -7.77
C ILE A 61 6.15 -5.85 -7.49
N SER A 62 6.22 -7.05 -6.94
CA SER A 62 7.50 -7.66 -6.63
C SER A 62 8.43 -7.58 -7.85
N GLN A 63 7.89 -7.99 -8.98
CA GLN A 63 8.65 -7.98 -10.22
C GLN A 63 8.87 -6.54 -10.69
N GLN A 64 7.85 -5.73 -10.53
CA GLN A 64 7.92 -4.33 -10.93
C GLN A 64 9.10 -3.65 -10.25
N LEU A 65 9.31 -4.00 -8.99
CA LEU A 65 10.40 -3.43 -8.22
C LEU A 65 11.73 -3.75 -8.91
N GLY A 66 11.92 -5.03 -9.20
CA GLY A 66 13.14 -5.47 -9.85
C GLY A 66 13.58 -6.84 -9.32
N ASN A 67 13.66 -6.92 -8.00
CA ASN A 67 14.07 -8.16 -7.35
C ASN A 67 13.35 -8.28 -6.01
N LYS A 68 12.26 -7.54 -5.88
CA LYS A 68 11.48 -7.56 -4.66
C LYS A 68 10.57 -8.80 -4.66
N THR A 69 10.24 -9.25 -3.45
CA THR A 69 9.39 -10.42 -3.30
C THR A 69 7.99 -10.00 -2.85
N PRO A 70 7.02 -10.95 -3.02
CA PRO A 70 5.65 -10.68 -2.64
C PRO A 70 5.48 -10.75 -1.12
N VAL A 71 6.48 -11.35 -0.47
CA VAL A 71 6.45 -11.48 0.97
C VAL A 71 6.93 -10.17 1.61
N GLU A 72 7.72 -9.43 0.84
CA GLU A 72 8.25 -8.17 1.31
C GLU A 72 7.31 -7.02 0.92
N VAL A 73 6.81 -7.10 -0.30
CA VAL A 73 5.91 -6.09 -0.81
C VAL A 73 4.68 -6.00 0.10
N SER A 74 4.34 -7.14 0.68
CA SER A 74 3.19 -7.20 1.58
C SER A 74 3.52 -6.52 2.90
N HIS A 75 4.65 -6.91 3.47
CA HIS A 75 5.08 -6.34 4.74
C HIS A 75 5.29 -4.83 4.58
N ARG A 76 5.61 -4.44 3.35
CA ARG A 76 5.84 -3.03 3.05
C ARG A 76 4.51 -2.30 2.88
N PHE A 77 3.54 -3.02 2.34
CA PHE A 77 2.22 -2.46 2.12
C PHE A 77 1.52 -2.18 3.45
N ARG A 78 1.53 -3.18 4.31
CA ARG A 78 0.89 -3.07 5.62
C ARG A 78 1.66 -2.07 6.49
N GLU A 79 2.90 -1.84 6.10
CA GLU A 79 3.75 -0.91 6.84
C GLU A 79 3.41 0.53 6.46
N LEU A 80 3.38 0.77 5.16
CA LEU A 80 3.08 2.10 4.65
C LEU A 80 1.88 2.68 5.42
N MET A 81 0.98 1.78 5.81
CA MET A 81 -0.20 2.18 6.54
C MET A 81 0.04 2.12 8.06
N GLN A 82 0.95 1.22 8.43
CA GLN A 82 1.28 1.05 9.84
C GLN A 82 2.02 2.28 10.36
N LEU A 83 2.78 2.90 9.47
CA LEU A 83 3.53 4.09 9.83
C LEU A 83 2.58 5.29 9.93
N PHE A 84 1.64 5.33 9.00
CA PHE A 84 0.66 6.40 8.96
C PHE A 84 -0.22 6.38 10.21
N HIS A 85 -0.77 5.21 10.49
CA HIS A 85 -1.64 5.04 11.64
C HIS A 85 -1.00 5.70 12.87
N THR A 86 0.17 5.18 13.22
CA THR A 86 0.90 5.70 14.37
C THR A 86 2.36 5.94 14.01
N ALA A 87 2.74 7.21 14.00
CA ALA A 87 4.11 7.58 13.68
C ALA A 87 4.77 8.21 14.90
N CYS A 88 6.09 8.09 14.96
CA CYS A 88 6.84 8.63 16.07
C CYS A 88 8.26 8.94 15.58
N GLU A 89 8.97 9.71 16.38
CA GLU A 89 10.34 10.08 16.05
C GLU A 89 10.37 10.89 14.75
N SER A 90 11.14 11.97 14.78
CA SER A 90 11.25 12.84 13.62
C SER A 90 12.46 13.76 13.78
N GLY A 91 13.57 13.34 13.18
CA GLY A 91 14.79 14.11 13.24
C GLY A 91 15.98 13.30 12.70
N PRO A 92 17.13 14.02 12.54
CA PRO A 92 18.34 13.38 12.03
C PRO A 92 18.99 12.50 13.10
N SER A 93 19.72 11.51 12.63
CA SER A 93 20.40 10.59 13.54
C SER A 93 21.61 9.97 12.83
N SER A 94 22.78 10.14 13.46
CA SER A 94 24.01 9.60 12.90
C SER A 94 24.17 8.14 13.33
N GLY A 95 25.06 7.46 12.63
CA GLY A 95 25.32 6.05 12.92
C GLY A 95 24.16 5.17 12.45
#